data_1CZN
# 
_entry.id   1CZN 
# 
_audit_conform.dict_name       mmcif_pdbx.dic 
_audit_conform.dict_version    5.385 
_audit_conform.dict_location   http://mmcif.pdb.org/dictionaries/ascii/mmcif_pdbx.dic 
# 
loop_
_database_2.database_id 
_database_2.database_code 
_database_2.pdbx_database_accession 
_database_2.pdbx_DOI 
PDB   1CZN         pdb_00001czn 10.2210/pdb1czn/pdb 
RCSB  RCSB009650   ?            ?                   
WWPDB D_1000009650 ?            ?                   
# 
loop_
_pdbx_audit_revision_history.ordinal 
_pdbx_audit_revision_history.data_content_type 
_pdbx_audit_revision_history.major_revision 
_pdbx_audit_revision_history.minor_revision 
_pdbx_audit_revision_history.revision_date 
1 'Structure model' 1 0 1999-12-29 
2 'Structure model' 1 1 2008-04-27 
3 'Structure model' 1 2 2011-07-13 
4 'Structure model' 1 3 2014-02-19 
5 'Structure model' 1 4 2018-04-04 
6 'Structure model' 1 5 2024-02-07 
# 
_pdbx_audit_revision_details.ordinal             1 
_pdbx_audit_revision_details.revision_ordinal    1 
_pdbx_audit_revision_details.data_content_type   'Structure model' 
_pdbx_audit_revision_details.provider            repository 
_pdbx_audit_revision_details.type                'Initial release' 
_pdbx_audit_revision_details.description         ? 
_pdbx_audit_revision_details.details             ? 
# 
loop_
_pdbx_audit_revision_group.ordinal 
_pdbx_audit_revision_group.revision_ordinal 
_pdbx_audit_revision_group.data_content_type 
_pdbx_audit_revision_group.group 
1 2 'Structure model' 'Version format compliance' 
2 3 'Structure model' 'Source and taxonomy'       
3 3 'Structure model' 'Version format compliance' 
4 4 'Structure model' 'Database references'       
5 5 'Structure model' 'Data collection'           
6 6 'Structure model' 'Data collection'           
7 6 'Structure model' 'Database references'       
8 6 'Structure model' 'Derived calculations'      
# 
loop_
_pdbx_audit_revision_category.ordinal 
_pdbx_audit_revision_category.revision_ordinal 
_pdbx_audit_revision_category.data_content_type 
_pdbx_audit_revision_category.category 
1 5 'Structure model' diffrn_source  
2 6 'Structure model' chem_comp_atom 
3 6 'Structure model' chem_comp_bond 
4 6 'Structure model' database_2     
5 6 'Structure model' struct_site    
# 
loop_
_pdbx_audit_revision_item.ordinal 
_pdbx_audit_revision_item.revision_ordinal 
_pdbx_audit_revision_item.data_content_type 
_pdbx_audit_revision_item.item 
1 5 'Structure model' '_diffrn_source.type'                 
2 6 'Structure model' '_database_2.pdbx_DOI'                
3 6 'Structure model' '_database_2.pdbx_database_accession' 
4 6 'Structure model' '_struct_site.pdbx_auth_asym_id'      
5 6 'Structure model' '_struct_site.pdbx_auth_comp_id'      
6 6 'Structure model' '_struct_site.pdbx_auth_seq_id'       
# 
_pdbx_database_status.status_code                     REL 
_pdbx_database_status.entry_id                        1CZN 
_pdbx_database_status.recvd_initial_deposition_date   1999-09-03 
_pdbx_database_status.deposit_site                    RCSB 
_pdbx_database_status.process_site                    RCSB 
_pdbx_database_status.SG_entry                        . 
_pdbx_database_status.status_code_sf                  ? 
_pdbx_database_status.status_code_mr                  ? 
_pdbx_database_status.status_code_cs                  ? 
_pdbx_database_status.methods_development_category    ? 
_pdbx_database_status.pdb_format_compatible           Y 
_pdbx_database_status.status_code_nmr_data            ? 
# 
loop_
_pdbx_database_related.db_name 
_pdbx_database_related.db_id 
_pdbx_database_related.details 
_pdbx_database_related.content_type 
PDB 1OFV 'Further Refinement of the data using X-PLOR' unspecified 
PDB 1CZN 'Wildtype FORM I oxidized Flavodoxin'         unspecified 
PDB 1CZU 'Wildtype FORM II oxidized Flavodoxin'        unspecified 
PDB 1CZL 'Wildtype semiquinone Flavodoxin'             unspecified 
PDB 1D04 'Wildtype hydroquinone Flavodoxin'            unspecified 
PDB 1D03 'Mutant N58G oxidized Flavodoxin'             unspecified 
PDB 1CZH 'Mutant N58G semiquinone Flavodoxin'          unspecified 
PDB 1CZO 'Mutant N58G hydroquinone Flavodoxin'         unspecified 
PDB 1CZR 'Mutant D90N oxidized Flavodoxin'             unspecified 
PDB 1CZK 'Mutant D100N oxidized Flavodoxin'            unspecified 
# 
loop_
_audit_author.name 
_audit_author.pdbx_ordinal 
'Smith, W.W.'      1 
'Pattridge, K.A.'  2 
'Luschinsky, C.L.' 3 
'Ludwig, M.L.'     4 
# 
loop_
_citation.id 
_citation.title 
_citation.journal_abbrev 
_citation.journal_volume 
_citation.page_first 
_citation.page_last 
_citation.year 
_citation.journal_id_ASTM 
_citation.country 
_citation.journal_id_ISSN 
_citation.journal_id_CSD 
_citation.book_publisher 
_citation.pdbx_database_id_PubMed 
_citation.pdbx_database_id_DOI 
primary 'Refined structures of oxidized flavodoxin from Anacystis nidulans.'                                      J.Mol.Biol. 294 
711 724 1999 JMOBAK UK 0022-2836     0070 ? 10610791 10.1006/jmbi.1999.3151          
1       'Structural Analysis of Fully Reduced A. Nidulans Flavodoxin'                                             
'Flavins and Flavoproteins' 10  409 413 1991 ?      ?  0-444-41458-4 0991 ? ?        ?                               
2       'Sequence and Structure of Anacystis-Nidulans Flavodoxin Comparisons with Flavodoxins from Other Species' 
'Flavins and Flavoproteins' 9   249 260 1987 ?      ?  0-444-41458-4 0991 ? ?        ?                               
3       'Structure of Oxidized Flavodoxin from Anacystis Nidulans'                                                J.Mol.Biol. 165 
737 755 1983 JMOBAK UK 0022-2836     0070 ? ?        '10.1016/S0022-2836(83)80277-0' 
# 
loop_
_citation_author.citation_id 
_citation_author.name 
_citation_author.ordinal 
_citation_author.identifier_ORCID 
primary 'Drennan, C.L.'    1  ? 
primary 'Pattridge, K.A.'  2  ? 
primary 'Weber, C.H.'      3  ? 
primary 'Metzger, A.L.'    4  ? 
primary 'Hoover, D.M.'     5  ? 
primary 'Ludwig, M.L.'     6  ? 
1       'Luschinsky, C.L.' 7  ? 
1       'Dunham, W.R.'     8  ? 
1       'Osborne, C.'      9  ? 
1       'Pattridge, K.A.'  10 ? 
1       'Ludwig, M.L.'     11 ? 
2       'Laudenbach, D.E.' 12 ? 
2       'Straus, N.A.'     13 ? 
2       'Pattridge, K.A.'  14 ? 
2       'Ludwig, M.L.'     15 ? 
3       'Smith, W.W.'      16 ? 
3       'Pattridge, K.A.'  17 ? 
3       'Ludwig, M.L.'     18 ? 
3       'Petsko, G.A.'     19 ? 
3       'Tsernoglou, D.'   20 ? 
3       'Tanaka, M.'       21 ? 
3       'Yasunobu, K.T.'   22 ? 
# 
loop_
_entity.id 
_entity.type 
_entity.src_method 
_entity.pdbx_description 
_entity.formula_weight 
_entity.pdbx_number_of_molecules 
_entity.pdbx_ec 
_entity.pdbx_mutation 
_entity.pdbx_fragment 
_entity.details 
1 polymer     man FLAVODOXIN              18656.295 1   ? ? ? 'WILDTYPE CRYSTAL FORM I, OXIDIZED' 
2 non-polymer syn 'FLAVIN MONONUCLEOTIDE' 456.344   1   ? ? ? ?                                   
3 water       nat water                   18.015    100 ? ? ? ?                                   
# 
_entity_poly.entity_id                      1 
_entity_poly.type                           'polypeptide(L)' 
_entity_poly.nstd_linkage                   no 
_entity_poly.nstd_monomer                   no 
_entity_poly.pdbx_seq_one_letter_code       
;AKIGLFYGTQTGVTQTIAESIQQEFGGESIVDLNDIANADASDLNAYDYLIIGCPTWNVGELQSDWEGIYDDLDSVNFQG
KKVAYFGAGDQVGYSDNFQDAMGILEEKISSLGSQTVGYWPIEGYDFNESKAVRNNQFVGLAIDEDNQPDLTKNRIKTWV
SQLKSEFGL
;
_entity_poly.pdbx_seq_one_letter_code_can   
;AKIGLFYGTQTGVTQTIAESIQQEFGGESIVDLNDIANADASDLNAYDYLIIGCPTWNVGELQSDWEGIYDDLDSVNFQG
KKVAYFGAGDQVGYSDNFQDAMGILEEKISSLGSQTVGYWPIEGYDFNESKAVRNNQFVGLAIDEDNQPDLTKNRIKTWV
SQLKSEFGL
;
_entity_poly.pdbx_strand_id                 A 
_entity_poly.pdbx_target_identifier         ? 
# 
loop_
_pdbx_entity_nonpoly.entity_id 
_pdbx_entity_nonpoly.name 
_pdbx_entity_nonpoly.comp_id 
2 'FLAVIN MONONUCLEOTIDE' FMN 
3 water                   HOH 
# 
loop_
_entity_poly_seq.entity_id 
_entity_poly_seq.num 
_entity_poly_seq.mon_id 
_entity_poly_seq.hetero 
1 1   ALA n 
1 2   LYS n 
1 3   ILE n 
1 4   GLY n 
1 5   LEU n 
1 6   PHE n 
1 7   TYR n 
1 8   GLY n 
1 9   THR n 
1 10  GLN n 
1 11  THR n 
1 12  GLY n 
1 13  VAL n 
1 14  THR n 
1 15  GLN n 
1 16  THR n 
1 17  ILE n 
1 18  ALA n 
1 19  GLU n 
1 20  SER n 
1 21  ILE n 
1 22  GLN n 
1 23  GLN n 
1 24  GLU n 
1 25  PHE n 
1 26  GLY n 
1 27  GLY n 
1 28  GLU n 
1 29  SER n 
1 30  ILE n 
1 31  VAL n 
1 32  ASP n 
1 33  LEU n 
1 34  ASN n 
1 35  ASP n 
1 36  ILE n 
1 37  ALA n 
1 38  ASN n 
1 39  ALA n 
1 40  ASP n 
1 41  ALA n 
1 42  SER n 
1 43  ASP n 
1 44  LEU n 
1 45  ASN n 
1 46  ALA n 
1 47  TYR n 
1 48  ASP n 
1 49  TYR n 
1 50  LEU n 
1 51  ILE n 
1 52  ILE n 
1 53  GLY n 
1 54  CYS n 
1 55  PRO n 
1 56  THR n 
1 57  TRP n 
1 58  ASN n 
1 59  VAL n 
1 60  GLY n 
1 61  GLU n 
1 62  LEU n 
1 63  GLN n 
1 64  SER n 
1 65  ASP n 
1 66  TRP n 
1 67  GLU n 
1 68  GLY n 
1 69  ILE n 
1 70  TYR n 
1 71  ASP n 
1 72  ASP n 
1 73  LEU n 
1 74  ASP n 
1 75  SER n 
1 76  VAL n 
1 77  ASN n 
1 78  PHE n 
1 79  GLN n 
1 80  GLY n 
1 81  LYS n 
1 82  LYS n 
1 83  VAL n 
1 84  ALA n 
1 85  TYR n 
1 86  PHE n 
1 87  GLY n 
1 88  ALA n 
1 89  GLY n 
1 90  ASP n 
1 91  GLN n 
1 92  VAL n 
1 93  GLY n 
1 94  TYR n 
1 95  SER n 
1 96  ASP n 
1 97  ASN n 
1 98  PHE n 
1 99  GLN n 
1 100 ASP n 
1 101 ALA n 
1 102 MET n 
1 103 GLY n 
1 104 ILE n 
1 105 LEU n 
1 106 GLU n 
1 107 GLU n 
1 108 LYS n 
1 109 ILE n 
1 110 SER n 
1 111 SER n 
1 112 LEU n 
1 113 GLY n 
1 114 SER n 
1 115 GLN n 
1 116 THR n 
1 117 VAL n 
1 118 GLY n 
1 119 TYR n 
1 120 TRP n 
1 121 PRO n 
1 122 ILE n 
1 123 GLU n 
1 124 GLY n 
1 125 TYR n 
1 126 ASP n 
1 127 PHE n 
1 128 ASN n 
1 129 GLU n 
1 130 SER n 
1 131 LYS n 
1 132 ALA n 
1 133 VAL n 
1 134 ARG n 
1 135 ASN n 
1 136 ASN n 
1 137 GLN n 
1 138 PHE n 
1 139 VAL n 
1 140 GLY n 
1 141 LEU n 
1 142 ALA n 
1 143 ILE n 
1 144 ASP n 
1 145 GLU n 
1 146 ASP n 
1 147 ASN n 
1 148 GLN n 
1 149 PRO n 
1 150 ASP n 
1 151 LEU n 
1 152 THR n 
1 153 LYS n 
1 154 ASN n 
1 155 ARG n 
1 156 ILE n 
1 157 LYS n 
1 158 THR n 
1 159 TRP n 
1 160 VAL n 
1 161 SER n 
1 162 GLN n 
1 163 LEU n 
1 164 LYS n 
1 165 SER n 
1 166 GLU n 
1 167 PHE n 
1 168 GLY n 
1 169 LEU n 
# 
_entity_src_gen.entity_id                          1 
_entity_src_gen.pdbx_src_id                        1 
_entity_src_gen.pdbx_alt_source_flag               sample 
_entity_src_gen.pdbx_seq_type                      ? 
_entity_src_gen.pdbx_beg_seq_num                   ? 
_entity_src_gen.pdbx_end_seq_num                   ? 
_entity_src_gen.gene_src_common_name               ? 
_entity_src_gen.gene_src_genus                     Synechococcus 
_entity_src_gen.pdbx_gene_src_gene                 ? 
_entity_src_gen.gene_src_species                   'Synechococcus elongatus' 
_entity_src_gen.gene_src_strain                    'PCC 7942' 
_entity_src_gen.gene_src_tissue                    ? 
_entity_src_gen.gene_src_tissue_fraction           ? 
_entity_src_gen.gene_src_details                   ? 
_entity_src_gen.pdbx_gene_src_fragment             ? 
_entity_src_gen.pdbx_gene_src_scientific_name      'Synechococcus elongatus' 
_entity_src_gen.pdbx_gene_src_ncbi_taxonomy_id     1140 
_entity_src_gen.pdbx_gene_src_variant              ? 
_entity_src_gen.pdbx_gene_src_cell_line            ? 
_entity_src_gen.pdbx_gene_src_atcc                 ? 
_entity_src_gen.pdbx_gene_src_organ                ? 
_entity_src_gen.pdbx_gene_src_organelle            ? 
_entity_src_gen.pdbx_gene_src_cell                 ? 
_entity_src_gen.pdbx_gene_src_cellular_location    ? 
_entity_src_gen.host_org_common_name               ? 
_entity_src_gen.pdbx_host_org_scientific_name      'Escherichia coli' 
_entity_src_gen.pdbx_host_org_ncbi_taxonomy_id     562 
_entity_src_gen.host_org_genus                     Escherichia 
_entity_src_gen.pdbx_host_org_gene                 ? 
_entity_src_gen.pdbx_host_org_organ                ? 
_entity_src_gen.host_org_species                   ? 
_entity_src_gen.pdbx_host_org_tissue               ? 
_entity_src_gen.pdbx_host_org_tissue_fraction      ? 
_entity_src_gen.pdbx_host_org_strain               W1485 
_entity_src_gen.pdbx_host_org_variant              ? 
_entity_src_gen.pdbx_host_org_cell_line            ? 
_entity_src_gen.pdbx_host_org_atcc                 ? 
_entity_src_gen.pdbx_host_org_culture_collection   ? 
_entity_src_gen.pdbx_host_org_cell                 ? 
_entity_src_gen.pdbx_host_org_organelle            ? 
_entity_src_gen.pdbx_host_org_cellular_location    ? 
_entity_src_gen.pdbx_host_org_vector_type          ? 
_entity_src_gen.pdbx_host_org_vector               ? 
_entity_src_gen.host_org_details                   ? 
_entity_src_gen.expression_system_id               ? 
_entity_src_gen.plasmid_name                       PKK233-2-ANFLD 
_entity_src_gen.plasmid_details                    ? 
_entity_src_gen.pdbx_description                   ? 
# 
loop_
_chem_comp.id 
_chem_comp.type 
_chem_comp.mon_nstd_flag 
_chem_comp.name 
_chem_comp.pdbx_synonyms 
_chem_comp.formula 
_chem_comp.formula_weight 
ALA 'L-peptide linking' y ALANINE                 ?                          'C3 H7 N O2'      89.093  
ARG 'L-peptide linking' y ARGININE                ?                          'C6 H15 N4 O2 1'  175.209 
ASN 'L-peptide linking' y ASPARAGINE              ?                          'C4 H8 N2 O3'     132.118 
ASP 'L-peptide linking' y 'ASPARTIC ACID'         ?                          'C4 H7 N O4'      133.103 
CYS 'L-peptide linking' y CYSTEINE                ?                          'C3 H7 N O2 S'    121.158 
FMN non-polymer         . 'FLAVIN MONONUCLEOTIDE' 'RIBOFLAVIN MONOPHOSPHATE' 'C17 H21 N4 O9 P' 456.344 
GLN 'L-peptide linking' y GLUTAMINE               ?                          'C5 H10 N2 O3'    146.144 
GLU 'L-peptide linking' y 'GLUTAMIC ACID'         ?                          'C5 H9 N O4'      147.129 
GLY 'peptide linking'   y GLYCINE                 ?                          'C2 H5 N O2'      75.067  
HOH non-polymer         . WATER                   ?                          'H2 O'            18.015  
ILE 'L-peptide linking' y ISOLEUCINE              ?                          'C6 H13 N O2'     131.173 
LEU 'L-peptide linking' y LEUCINE                 ?                          'C6 H13 N O2'     131.173 
LYS 'L-peptide linking' y LYSINE                  ?                          'C6 H15 N2 O2 1'  147.195 
MET 'L-peptide linking' y METHIONINE              ?                          'C5 H11 N O2 S'   149.211 
PHE 'L-peptide linking' y PHENYLALANINE           ?                          'C9 H11 N O2'     165.189 
PRO 'L-peptide linking' y PROLINE                 ?                          'C5 H9 N O2'      115.130 
SER 'L-peptide linking' y SERINE                  ?                          'C3 H7 N O3'      105.093 
THR 'L-peptide linking' y THREONINE               ?                          'C4 H9 N O3'      119.119 
TRP 'L-peptide linking' y TRYPTOPHAN              ?                          'C11 H12 N2 O2'   204.225 
TYR 'L-peptide linking' y TYROSINE                ?                          'C9 H11 N O3'     181.189 
VAL 'L-peptide linking' y VALINE                  ?                          'C5 H11 N O2'     117.146 
# 
loop_
_pdbx_poly_seq_scheme.asym_id 
_pdbx_poly_seq_scheme.entity_id 
_pdbx_poly_seq_scheme.seq_id 
_pdbx_poly_seq_scheme.mon_id 
_pdbx_poly_seq_scheme.ndb_seq_num 
_pdbx_poly_seq_scheme.pdb_seq_num 
_pdbx_poly_seq_scheme.auth_seq_num 
_pdbx_poly_seq_scheme.pdb_mon_id 
_pdbx_poly_seq_scheme.auth_mon_id 
_pdbx_poly_seq_scheme.pdb_strand_id 
_pdbx_poly_seq_scheme.pdb_ins_code 
_pdbx_poly_seq_scheme.hetero 
A 1 1   ALA 1   1   1   ALA ALA A . n 
A 1 2   LYS 2   2   2   LYS LYS A . n 
A 1 3   ILE 3   3   3   ILE ILE A . n 
A 1 4   GLY 4   4   4   GLY GLY A . n 
A 1 5   LEU 5   5   5   LEU LEU A . n 
A 1 6   PHE 6   6   6   PHE PHE A . n 
A 1 7   TYR 7   7   7   TYR TYR A . n 
A 1 8   GLY 8   8   8   GLY GLY A . n 
A 1 9   THR 9   9   9   THR THR A . n 
A 1 10  GLN 10  10  10  GLN GLN A . n 
A 1 11  THR 11  11  11  THR THR A . n 
A 1 12  GLY 12  12  12  GLY GLY A . n 
A 1 13  VAL 13  13  13  VAL VAL A . n 
A 1 14  THR 14  14  14  THR THR A . n 
A 1 15  GLN 15  15  15  GLN GLN A . n 
A 1 16  THR 16  16  16  THR THR A . n 
A 1 17  ILE 17  17  17  ILE ILE A . n 
A 1 18  ALA 18  18  18  ALA ALA A . n 
A 1 19  GLU 19  19  19  GLU GLU A . n 
A 1 20  SER 20  20  20  SER SER A . n 
A 1 21  ILE 21  21  21  ILE ILE A . n 
A 1 22  GLN 22  22  22  GLN GLN A . n 
A 1 23  GLN 23  23  23  GLN GLN A . n 
A 1 24  GLU 24  24  24  GLU GLU A . n 
A 1 25  PHE 25  25  25  PHE PHE A . n 
A 1 26  GLY 26  26  26  GLY GLY A . n 
A 1 27  GLY 27  27  27  GLY GLY A . n 
A 1 28  GLU 28  28  28  GLU GLU A . n 
A 1 29  SER 29  29  29  SER SER A . n 
A 1 30  ILE 30  30  30  ILE ILE A . n 
A 1 31  VAL 31  31  31  VAL VAL A . n 
A 1 32  ASP 32  32  32  ASP ASP A . n 
A 1 33  LEU 33  33  33  LEU LEU A . n 
A 1 34  ASN 34  34  34  ASN ASN A . n 
A 1 35  ASP 35  35  35  ASP ASP A . n 
A 1 36  ILE 36  36  36  ILE ILE A . n 
A 1 37  ALA 37  37  37  ALA ALA A . n 
A 1 38  ASN 38  38  38  ASN ASN A . n 
A 1 39  ALA 39  39  39  ALA ALA A . n 
A 1 40  ASP 40  40  40  ASP ASP A . n 
A 1 41  ALA 41  41  41  ALA ALA A . n 
A 1 42  SER 42  42  42  SER SER A . n 
A 1 43  ASP 43  43  43  ASP ASP A . n 
A 1 44  LEU 44  44  44  LEU LEU A . n 
A 1 45  ASN 45  45  45  ASN ASN A . n 
A 1 46  ALA 46  46  46  ALA ALA A . n 
A 1 47  TYR 47  47  47  TYR TYR A . n 
A 1 48  ASP 48  48  48  ASP ASP A . n 
A 1 49  TYR 49  49  49  TYR TYR A . n 
A 1 50  LEU 50  50  50  LEU LEU A . n 
A 1 51  ILE 51  51  51  ILE ILE A . n 
A 1 52  ILE 52  52  52  ILE ILE A . n 
A 1 53  GLY 53  53  53  GLY GLY A . n 
A 1 54  CYS 54  54  54  CYS CYS A . n 
A 1 55  PRO 55  55  55  PRO PRO A . n 
A 1 56  THR 56  56  56  THR THR A . n 
A 1 57  TRP 57  57  57  TRP TRP A . n 
A 1 58  ASN 58  58  58  ASN ASN A . n 
A 1 59  VAL 59  59  59  VAL VAL A . n 
A 1 60  GLY 60  60  60  GLY GLY A . n 
A 1 61  GLU 61  61  61  GLU GLU A . n 
A 1 62  LEU 62  62  62  LEU LEU A . n 
A 1 63  GLN 63  63  63  GLN GLN A . n 
A 1 64  SER 64  64  64  SER SER A . n 
A 1 65  ASP 65  65  65  ASP ASP A . n 
A 1 66  TRP 66  66  66  TRP TRP A . n 
A 1 67  GLU 67  67  67  GLU GLU A . n 
A 1 68  GLY 68  68  68  GLY GLY A . n 
A 1 69  ILE 69  69  69  ILE ILE A . n 
A 1 70  TYR 70  70  70  TYR TYR A . n 
A 1 71  ASP 71  71  71  ASP ASP A . n 
A 1 72  ASP 72  72  72  ASP ASP A . n 
A 1 73  LEU 73  73  73  LEU LEU A . n 
A 1 74  ASP 74  74  74  ASP ASP A . n 
A 1 75  SER 75  75  75  SER SER A . n 
A 1 76  VAL 76  76  76  VAL VAL A . n 
A 1 77  ASN 77  77  77  ASN ASN A . n 
A 1 78  PHE 78  78  78  PHE PHE A . n 
A 1 79  GLN 79  79  79  GLN GLN A . n 
A 1 80  GLY 80  80  80  GLY GLY A . n 
A 1 81  LYS 81  81  81  LYS LYS A . n 
A 1 82  LYS 82  82  82  LYS LYS A . n 
A 1 83  VAL 83  83  83  VAL VAL A . n 
A 1 84  ALA 84  84  84  ALA ALA A . n 
A 1 85  TYR 85  85  85  TYR TYR A . n 
A 1 86  PHE 86  86  86  PHE PHE A . n 
A 1 87  GLY 87  87  87  GLY GLY A . n 
A 1 88  ALA 88  88  88  ALA ALA A . n 
A 1 89  GLY 89  89  89  GLY GLY A . n 
A 1 90  ASP 90  90  90  ASP ASP A . n 
A 1 91  GLN 91  91  91  GLN GLN A . n 
A 1 92  VAL 92  92  92  VAL VAL A . n 
A 1 93  GLY 93  93  93  GLY GLY A . n 
A 1 94  TYR 94  94  94  TYR TYR A . n 
A 1 95  SER 95  95  95  SER SER A . n 
A 1 96  ASP 96  96  96  ASP ASP A . n 
A 1 97  ASN 97  97  97  ASN ASN A . n 
A 1 98  PHE 98  98  98  PHE PHE A . n 
A 1 99  GLN 99  99  99  GLN GLN A . n 
A 1 100 ASP 100 100 100 ASP ASP A . n 
A 1 101 ALA 101 101 101 ALA ALA A . n 
A 1 102 MET 102 102 102 MET MET A . n 
A 1 103 GLY 103 103 103 GLY GLY A . n 
A 1 104 ILE 104 104 104 ILE ILE A . n 
A 1 105 LEU 105 105 105 LEU LEU A . n 
A 1 106 GLU 106 106 106 GLU GLU A . n 
A 1 107 GLU 107 107 107 GLU GLU A . n 
A 1 108 LYS 108 108 108 LYS LYS A . n 
A 1 109 ILE 109 109 109 ILE ILE A . n 
A 1 110 SER 110 110 110 SER SER A . n 
A 1 111 SER 111 111 111 SER SER A . n 
A 1 112 LEU 112 112 112 LEU LEU A . n 
A 1 113 GLY 113 113 113 GLY GLY A . n 
A 1 114 SER 114 114 114 SER SER A . n 
A 1 115 GLN 115 115 115 GLN GLN A . n 
A 1 116 THR 116 116 116 THR THR A . n 
A 1 117 VAL 117 117 117 VAL VAL A . n 
A 1 118 GLY 118 118 118 GLY GLY A . n 
A 1 119 TYR 119 119 119 TYR TYR A . n 
A 1 120 TRP 120 120 120 TRP TRP A . n 
A 1 121 PRO 121 121 121 PRO PRO A . n 
A 1 122 ILE 122 122 122 ILE ILE A . n 
A 1 123 GLU 123 123 123 GLU GLU A . n 
A 1 124 GLY 124 124 124 GLY GLY A . n 
A 1 125 TYR 125 125 125 TYR TYR A . n 
A 1 126 ASP 126 126 126 ASP ASP A . n 
A 1 127 PHE 127 127 127 PHE PHE A . n 
A 1 128 ASN 128 128 128 ASN ASN A . n 
A 1 129 GLU 129 129 129 GLU GLU A . n 
A 1 130 SER 130 130 130 SER SER A . n 
A 1 131 LYS 131 131 131 LYS LYS A . n 
A 1 132 ALA 132 132 132 ALA ALA A . n 
A 1 133 VAL 133 133 133 VAL VAL A . n 
A 1 134 ARG 134 134 134 ARG ARG A . n 
A 1 135 ASN 135 135 135 ASN ASN A . n 
A 1 136 ASN 136 136 136 ASN ASN A . n 
A 1 137 GLN 137 137 137 GLN GLN A . n 
A 1 138 PHE 138 138 138 PHE PHE A . n 
A 1 139 VAL 139 139 139 VAL VAL A . n 
A 1 140 GLY 140 140 140 GLY GLY A . n 
A 1 141 LEU 141 141 141 LEU LEU A . n 
A 1 142 ALA 142 142 142 ALA ALA A . n 
A 1 143 ILE 143 143 143 ILE ILE A . n 
A 1 144 ASP 144 144 144 ASP ASP A . n 
A 1 145 GLU 145 145 145 GLU GLU A . n 
A 1 146 ASP 146 146 146 ASP ASP A . n 
A 1 147 ASN 147 147 147 ASN ASN A . n 
A 1 148 GLN 148 148 148 GLN GLN A . n 
A 1 149 PRO 149 149 149 PRO PRO A . n 
A 1 150 ASP 150 150 150 ASP ASP A . n 
A 1 151 LEU 151 151 151 LEU LEU A . n 
A 1 152 THR 152 152 152 THR THR A . n 
A 1 153 LYS 153 153 153 LYS LYS A . n 
A 1 154 ASN 154 154 154 ASN ASN A . n 
A 1 155 ARG 155 155 155 ARG ARG A . n 
A 1 156 ILE 156 156 156 ILE ILE A . n 
A 1 157 LYS 157 157 157 LYS LYS A . n 
A 1 158 THR 158 158 158 THR THR A . n 
A 1 159 TRP 159 159 159 TRP TRP A . n 
A 1 160 VAL 160 160 160 VAL VAL A . n 
A 1 161 SER 161 161 161 SER SER A . n 
A 1 162 GLN 162 162 162 GLN GLN A . n 
A 1 163 LEU 163 163 163 LEU LEU A . n 
A 1 164 LYS 164 164 164 LYS LYS A . n 
A 1 165 SER 165 165 165 SER SER A . n 
A 1 166 GLU 166 166 166 GLU GLU A . n 
A 1 167 PHE 167 167 167 PHE PHE A . n 
A 1 168 GLY 168 168 168 GLY GLY A . n 
A 1 169 LEU 169 169 169 LEU LEU A . n 
# 
loop_
_pdbx_nonpoly_scheme.asym_id 
_pdbx_nonpoly_scheme.entity_id 
_pdbx_nonpoly_scheme.mon_id 
_pdbx_nonpoly_scheme.ndb_seq_num 
_pdbx_nonpoly_scheme.pdb_seq_num 
_pdbx_nonpoly_scheme.auth_seq_num 
_pdbx_nonpoly_scheme.pdb_mon_id 
_pdbx_nonpoly_scheme.auth_mon_id 
_pdbx_nonpoly_scheme.pdb_strand_id 
_pdbx_nonpoly_scheme.pdb_ins_code 
B 2 FMN 1   170 170 FMN FMN A . 
C 3 HOH 1   172 172 HOH WAT A . 
C 3 HOH 2   173 173 HOH WAT A . 
C 3 HOH 3   174 174 HOH WAT A . 
C 3 HOH 4   175 175 HOH WAT A . 
C 3 HOH 5   176 176 HOH WAT A . 
C 3 HOH 6   177 177 HOH WAT A . 
C 3 HOH 7   178 178 HOH WAT A . 
C 3 HOH 8   179 179 HOH WAT A . 
C 3 HOH 9   180 180 HOH WAT A . 
C 3 HOH 10  181 181 HOH WAT A . 
C 3 HOH 11  182 182 HOH WAT A . 
C 3 HOH 12  183 183 HOH WAT A . 
C 3 HOH 13  184 184 HOH WAT A . 
C 3 HOH 14  185 185 HOH WAT A . 
C 3 HOH 15  186 186 HOH WAT A . 
C 3 HOH 16  187 187 HOH WAT A . 
C 3 HOH 17  188 188 HOH WAT A . 
C 3 HOH 18  189 189 HOH WAT A . 
C 3 HOH 19  190 190 HOH WAT A . 
C 3 HOH 20  191 191 HOH WAT A . 
C 3 HOH 21  192 192 HOH WAT A . 
C 3 HOH 22  193 193 HOH WAT A . 
C 3 HOH 23  194 194 HOH WAT A . 
C 3 HOH 24  195 195 HOH WAT A . 
C 3 HOH 25  196 196 HOH WAT A . 
C 3 HOH 26  197 197 HOH WAT A . 
C 3 HOH 27  198 198 HOH WAT A . 
C 3 HOH 28  199 199 HOH WAT A . 
C 3 HOH 29  200 200 HOH WAT A . 
C 3 HOH 30  201 201 HOH WAT A . 
C 3 HOH 31  202 202 HOH WAT A . 
C 3 HOH 32  203 203 HOH WAT A . 
C 3 HOH 33  204 204 HOH WAT A . 
C 3 HOH 34  205 205 HOH WAT A . 
C 3 HOH 35  206 206 HOH WAT A . 
C 3 HOH 36  207 207 HOH WAT A . 
C 3 HOH 37  208 208 HOH WAT A . 
C 3 HOH 38  209 209 HOH WAT A . 
C 3 HOH 39  210 210 HOH WAT A . 
C 3 HOH 40  211 211 HOH WAT A . 
C 3 HOH 41  212 212 HOH WAT A . 
C 3 HOH 42  213 213 HOH WAT A . 
C 3 HOH 43  214 214 HOH WAT A . 
C 3 HOH 44  215 215 HOH WAT A . 
C 3 HOH 45  216 216 HOH WAT A . 
C 3 HOH 46  217 217 HOH WAT A . 
C 3 HOH 47  218 218 HOH WAT A . 
C 3 HOH 48  219 219 HOH WAT A . 
C 3 HOH 49  220 220 HOH WAT A . 
C 3 HOH 50  221 221 HOH WAT A . 
C 3 HOH 51  222 222 HOH WAT A . 
C 3 HOH 52  223 223 HOH WAT A . 
C 3 HOH 53  224 224 HOH WAT A . 
C 3 HOH 54  225 225 HOH WAT A . 
C 3 HOH 55  226 226 HOH WAT A . 
C 3 HOH 56  227 227 HOH WAT A . 
C 3 HOH 57  228 228 HOH WAT A . 
C 3 HOH 58  229 229 HOH WAT A . 
C 3 HOH 59  230 230 HOH WAT A . 
C 3 HOH 60  231 231 HOH WAT A . 
C 3 HOH 61  232 232 HOH WAT A . 
C 3 HOH 62  233 233 HOH WAT A . 
C 3 HOH 63  234 234 HOH WAT A . 
C 3 HOH 64  235 235 HOH WAT A . 
C 3 HOH 65  236 236 HOH WAT A . 
C 3 HOH 66  237 237 HOH WAT A . 
C 3 HOH 67  238 238 HOH WAT A . 
C 3 HOH 68  239 239 HOH WAT A . 
C 3 HOH 69  240 240 HOH WAT A . 
C 3 HOH 70  241 241 HOH WAT A . 
C 3 HOH 71  242 242 HOH WAT A . 
C 3 HOH 72  243 243 HOH WAT A . 
C 3 HOH 73  244 244 HOH WAT A . 
C 3 HOH 74  245 245 HOH WAT A . 
C 3 HOH 75  246 246 HOH WAT A . 
C 3 HOH 76  247 247 HOH WAT A . 
C 3 HOH 77  248 248 HOH WAT A . 
C 3 HOH 78  250 250 HOH WAT A . 
C 3 HOH 79  251 251 HOH WAT A . 
C 3 HOH 80  252 252 HOH WAT A . 
C 3 HOH 81  253 253 HOH WAT A . 
C 3 HOH 82  254 254 HOH WAT A . 
C 3 HOH 83  255 255 HOH WAT A . 
C 3 HOH 84  256 256 HOH WAT A . 
C 3 HOH 85  257 257 HOH WAT A . 
C 3 HOH 86  259 259 HOH WAT A . 
C 3 HOH 87  260 260 HOH WAT A . 
C 3 HOH 88  261 261 HOH WAT A . 
C 3 HOH 89  262 262 HOH WAT A . 
C 3 HOH 90  263 263 HOH WAT A . 
C 3 HOH 91  264 264 HOH WAT A . 
C 3 HOH 92  265 265 HOH WAT A . 
C 3 HOH 93  266 266 HOH WAT A . 
C 3 HOH 94  269 269 HOH WAT A . 
C 3 HOH 95  270 270 HOH WAT A . 
C 3 HOH 96  271 271 HOH WAT A . 
C 3 HOH 97  272 272 HOH WAT A . 
C 3 HOH 98  273 273 HOH WAT A . 
C 3 HOH 99  274 274 HOH WAT A . 
C 3 HOH 100 275 275 HOH WAT A . 
# 
loop_
_software.name 
_software.classification 
_software.version 
_software.citation_id 
_software.pdbx_ordinal 
X-PLOR 'model building' .     ? 1 
X-PLOR refinement       3.851 ? 2 
SDMS   'data reduction' .     ? 3 
SDMS   'data scaling'   .     ? 4 
X-PLOR phasing          .     ? 5 
# 
_cell.entry_id           1CZN 
_cell.length_a           57.080 
_cell.length_b           69.240 
_cell.length_c           45.550 
_cell.angle_alpha        90.00 
_cell.angle_beta         90.00 
_cell.angle_gamma        90.00 
_cell.Z_PDB              4 
_cell.pdbx_unique_axis   ? 
_cell.length_a_esd       ? 
_cell.length_b_esd       ? 
_cell.length_c_esd       ? 
_cell.angle_alpha_esd    ? 
_cell.angle_beta_esd     ? 
_cell.angle_gamma_esd    ? 
# 
_symmetry.entry_id                         1CZN 
_symmetry.space_group_name_H-M             'P 21 21 21' 
_symmetry.pdbx_full_space_group_name_H-M   ? 
_symmetry.cell_setting                     ? 
_symmetry.Int_Tables_number                19 
_symmetry.space_group_name_Hall            ? 
# 
_exptl.entry_id          1CZN 
_exptl.method            'X-RAY DIFFRACTION' 
_exptl.crystals_number   1 
# 
_exptl_crystal.id                    1 
_exptl_crystal.density_meas          ? 
_exptl_crystal.density_Matthews      2.41 
_exptl_crystal.density_percent_sol   49.00 
_exptl_crystal.description           ? 
_exptl_crystal.F_000                 ? 
_exptl_crystal.preparation           ? 
# 
_exptl_crystal_grow.crystal_id      1 
_exptl_crystal_grow.method          'VAPOR DIFFUSION, HANGING DROP' 
_exptl_crystal_grow.temp            277 
_exptl_crystal_grow.temp_details    ? 
_exptl_crystal_grow.pH              6.8 
_exptl_crystal_grow.pdbx_details    
'AMMONIUM SULFATE, POTASSIUM PHOSPHATE, pH 6.8, VAPOR DIFFUSION, HANGING DROP, temperature 277K' 
_exptl_crystal_grow.pdbx_pH_range   . 
# 
_diffrn.id                     1 
_diffrn.ambient_temp           277 
_diffrn.ambient_temp_details   ? 
_diffrn.crystal_id             1 
# 
_diffrn_detector.diffrn_id              1 
_diffrn_detector.detector               'AREA DETECTOR' 
_diffrn_detector.type                   SDMS 
_diffrn_detector.pdbx_collection_date   1988-07-08 
_diffrn_detector.details                ? 
# 
_diffrn_radiation.diffrn_id                        1 
_diffrn_radiation.wavelength_id                    1 
_diffrn_radiation.pdbx_monochromatic_or_laue_m_l   M 
_diffrn_radiation.monochromator                    ? 
_diffrn_radiation.pdbx_diffrn_protocol             'SINGLE WAVELENGTH' 
_diffrn_radiation.pdbx_scattering_type             x-ray 
# 
_diffrn_radiation_wavelength.id           1 
_diffrn_radiation_wavelength.wavelength   1.5418 
_diffrn_radiation_wavelength.wt           1.0 
# 
_diffrn_source.diffrn_id                   1 
_diffrn_source.source                      'ROTATING ANODE' 
_diffrn_source.type                        'RIGAKU RU200' 
_diffrn_source.pdbx_synchrotron_site       ? 
_diffrn_source.pdbx_synchrotron_beamline   ? 
_diffrn_source.pdbx_wavelength             1.5418 
_diffrn_source.pdbx_wavelength_list        ? 
# 
_reflns.entry_id                     1CZN 
_reflns.observed_criterion_sigma_I   ? 
_reflns.observed_criterion_sigma_F   ? 
_reflns.d_resolution_low             ? 
_reflns.d_resolution_high            1.70 
_reflns.number_obs                   19844 
_reflns.number_all                   19844 
_reflns.percent_possible_obs         96.7 
_reflns.pdbx_Rmerge_I_obs            0.0470000 
_reflns.pdbx_Rsym_value              ? 
_reflns.pdbx_netI_over_sigmaI        2.7 
_reflns.B_iso_Wilson_estimate        14.6 
_reflns.pdbx_redundancy              3.3 
_reflns.R_free_details               ? 
_reflns.limit_h_max                  ? 
_reflns.limit_h_min                  ? 
_reflns.limit_k_max                  ? 
_reflns.limit_k_min                  ? 
_reflns.limit_l_max                  ? 
_reflns.limit_l_min                  ? 
_reflns.observed_criterion_F_max     ? 
_reflns.observed_criterion_F_min     ? 
_reflns.pdbx_ordinal                 1 
_reflns.pdbx_diffrn_id               1 
_reflns.pdbx_chi_squared             ? 
_reflns.pdbx_scaling_rejects         ? 
# 
_reflns_shell.d_res_high             1.70 
_reflns_shell.d_res_low              1.78 
_reflns_shell.percent_possible_all   93.2 
_reflns_shell.Rmerge_I_obs           ? 
_reflns_shell.pdbx_Rsym_value        ? 
_reflns_shell.meanI_over_sigI_obs    ? 
_reflns_shell.pdbx_redundancy        ? 
_reflns_shell.percent_possible_obs   ? 
_reflns_shell.number_unique_all      2322 
_reflns_shell.pdbx_ordinal           1 
_reflns_shell.pdbx_diffrn_id         1 
_reflns_shell.number_measured_all    ? 
_reflns_shell.number_measured_obs    ? 
_reflns_shell.number_unique_obs      ? 
_reflns_shell.pdbx_chi_squared       ? 
# 
_refine.entry_id                                 1CZN 
_refine.ls_number_reflns_obs                     19938 
_refine.ls_number_reflns_all                     19938 
_refine.pdbx_ls_sigma_I                          0.0 
_refine.pdbx_ls_sigma_F                          0.0 
_refine.pdbx_data_cutoff_high_absF               10000000.00 
_refine.pdbx_data_cutoff_low_absF                0.001 
_refine.ls_d_res_low                             10.00 
_refine.ls_d_res_high                            1.70 
_refine.ls_percent_reflns_obs                    98.0 
_refine.ls_R_factor_obs                          0.1810000 
_refine.ls_R_factor_all                          ? 
_refine.ls_R_factor_R_work                       0.1810000 
_refine.ls_R_factor_R_free                       0.2100000 
_refine.ls_R_factor_R_free_error                 0.005 
_refine.ls_R_factor_R_free_error_details         ? 
_refine.ls_percent_reflns_R_free                 9.9 
_refine.ls_number_reflns_R_free                  1980 
_refine.ls_number_parameters                     ? 
_refine.ls_number_restraints                     ? 
_refine.occupancy_min                            ? 
_refine.occupancy_max                            ? 
_refine.B_iso_mean                               17.6 
_refine.aniso_B[1][1]                            0.00 
_refine.aniso_B[2][2]                            0.00 
_refine.aniso_B[3][3]                            0.00 
_refine.aniso_B[1][2]                            0.00 
_refine.aniso_B[1][3]                            0.00 
_refine.aniso_B[2][3]                            0.00 
_refine.solvent_model_details                    ? 
_refine.solvent_model_param_ksol                 ? 
_refine.solvent_model_param_bsol                 ? 
_refine.pdbx_ls_cross_valid_method               'A POSTERIORI' 
_refine.details                                  ? 
_refine.pdbx_starting_model                      ? 
_refine.pdbx_method_to_determine_struct          ? 
_refine.pdbx_isotropic_thermal_model             RESTRAINED 
_refine.pdbx_stereochemistry_target_values       'Engh & Huber' 
_refine.pdbx_stereochem_target_val_spec_case     ? 
_refine.pdbx_R_Free_selection_details            RANDOM 
_refine.pdbx_overall_ESU_R_Free                  ? 
_refine.overall_SU_B                             ? 
_refine.ls_redundancy_reflns_obs                 ? 
_refine.overall_SU_ML                            ? 
_refine.pdbx_overall_ESU_R                       ? 
_refine.pdbx_data_cutoff_high_rms_absF           ? 
_refine.B_iso_min                                ? 
_refine.B_iso_max                                ? 
_refine.pdbx_refine_id                           'X-RAY DIFFRACTION' 
_refine.pdbx_diffrn_id                           1 
_refine.pdbx_overall_phase_error                 ? 
_refine.correlation_coeff_Fo_to_Fc               ? 
_refine.correlation_coeff_Fo_to_Fc_free          ? 
_refine.pdbx_solvent_vdw_probe_radii             ? 
_refine.pdbx_solvent_ion_probe_radii             ? 
_refine.pdbx_solvent_shrinkage_radii             ? 
_refine.overall_SU_R_Cruickshank_DPI             ? 
_refine.overall_SU_R_free                        ? 
_refine.ls_wR_factor_R_free                      ? 
_refine.ls_wR_factor_R_work                      ? 
_refine.overall_FOM_free_R_set                   ? 
_refine.overall_FOM_work_R_set                   ? 
_refine.pdbx_TLS_residual_ADP_flag               ? 
_refine.pdbx_overall_SU_R_free_Cruickshank_DPI   ? 
_refine.pdbx_overall_SU_R_Blow_DPI               ? 
_refine.pdbx_overall_SU_R_free_Blow_DPI          ? 
# 
_refine_analyze.entry_id                        1CZN 
_refine_analyze.Luzzati_coordinate_error_obs    0.18 
_refine_analyze.Luzzati_sigma_a_obs             0.19 
_refine_analyze.Luzzati_d_res_low_obs           5.00 
_refine_analyze.Luzzati_coordinate_error_free   0.21 
_refine_analyze.Luzzati_sigma_a_free            0.19 
_refine_analyze.Luzzati_d_res_low_free          ? 
_refine_analyze.number_disordered_residues      ? 
_refine_analyze.occupancy_sum_hydrogen          ? 
_refine_analyze.occupancy_sum_non_hydrogen      ? 
_refine_analyze.pdbx_Luzzati_d_res_high_obs     ? 
_refine_analyze.pdbx_refine_id                  'X-RAY DIFFRACTION' 
# 
_refine_hist.pdbx_refine_id                   'X-RAY DIFFRACTION' 
_refine_hist.cycle_id                         LAST 
_refine_hist.pdbx_number_atoms_protein        1318 
_refine_hist.pdbx_number_atoms_nucleic_acid   0 
_refine_hist.pdbx_number_atoms_ligand         31 
_refine_hist.number_atoms_solvent             100 
_refine_hist.number_atoms_total               1449 
_refine_hist.d_res_high                       1.70 
_refine_hist.d_res_low                        10.00 
# 
loop_
_refine_ls_restr.type 
_refine_ls_restr.dev_ideal 
_refine_ls_restr.dev_ideal_target 
_refine_ls_restr.weight 
_refine_ls_restr.number 
_refine_ls_restr.pdbx_refine_id 
_refine_ls_restr.pdbx_restraint_function 
x_bond_d                0.008 ?    ? ? 'X-RAY DIFFRACTION' ? 
x_bond_d_na             ?     ?    ? ? 'X-RAY DIFFRACTION' ? 
x_bond_d_prot           ?     ?    ? ? 'X-RAY DIFFRACTION' ? 
x_angle_d               ?     ?    ? ? 'X-RAY DIFFRACTION' ? 
x_angle_d_na            ?     ?    ? ? 'X-RAY DIFFRACTION' ? 
x_angle_d_prot          ?     ?    ? ? 'X-RAY DIFFRACTION' ? 
x_angle_deg             1.4   ?    ? ? 'X-RAY DIFFRACTION' ? 
x_angle_deg_na          ?     ?    ? ? 'X-RAY DIFFRACTION' ? 
x_angle_deg_prot        ?     ?    ? ? 'X-RAY DIFFRACTION' ? 
x_dihedral_angle_d      24.0  ?    ? ? 'X-RAY DIFFRACTION' ? 
x_dihedral_angle_d_na   ?     ?    ? ? 'X-RAY DIFFRACTION' ? 
x_dihedral_angle_d_prot ?     ?    ? ? 'X-RAY DIFFRACTION' ? 
x_improper_angle_d      1.20  ?    ? ? 'X-RAY DIFFRACTION' ? 
x_improper_angle_d_na   ?     ?    ? ? 'X-RAY DIFFRACTION' ? 
x_improper_angle_d_prot ?     ?    ? ? 'X-RAY DIFFRACTION' ? 
x_mcbond_it             1.36  1.50 ? ? 'X-RAY DIFFRACTION' ? 
x_mcangle_it            1.91  2.00 ? ? 'X-RAY DIFFRACTION' ? 
x_scbond_it             2.55  2.00 ? ? 'X-RAY DIFFRACTION' ? 
x_scangle_it            3.91  2.50 ? ? 'X-RAY DIFFRACTION' ? 
# 
_refine_ls_shell.pdbx_total_number_of_bins_used   6 
_refine_ls_shell.d_res_high                       1.70 
_refine_ls_shell.d_res_low                        1.81 
_refine_ls_shell.number_reflns_R_work             2816 
_refine_ls_shell.R_factor_R_work                  0.2560000 
_refine_ls_shell.percent_reflns_obs               94.8 
_refine_ls_shell.R_factor_R_free                  0.2610000 
_refine_ls_shell.R_factor_R_free_error            0.014 
_refine_ls_shell.percent_reflns_R_free            10.4 
_refine_ls_shell.number_reflns_R_free             328 
_refine_ls_shell.redundancy_reflns_obs            ? 
_refine_ls_shell.number_reflns_all                ? 
_refine_ls_shell.number_reflns_obs                ? 
_refine_ls_shell.pdbx_refine_id                   'X-RAY DIFFRACTION' 
_refine_ls_shell.R_factor_all                     ? 
# 
loop_
_pdbx_xplor_file.serial_no 
_pdbx_xplor_file.param_file 
_pdbx_xplor_file.topol_file 
_pdbx_xplor_file.pdbx_refine_id 
1 PARHCSDX.PRO TOPHCSDX.PRO 'X-RAY DIFFRACTION' 
2 PARAM.FMN    TOPH.FMN     'X-RAY DIFFRACTION' 
3 PARAM.WAT    TOPH.WAT     'X-RAY DIFFRACTION' 
# 
_struct.entry_id                  1CZN 
_struct.title                     'REFINED STRUCTURES OF OXIDIZED FLAVODOXIN FROM ANACYSTIS NIDULANS' 
_struct.pdbx_model_details        ? 
_struct.pdbx_CASP_flag            ? 
_struct.pdbx_model_type_details   ? 
# 
_struct_keywords.entry_id        1CZN 
_struct_keywords.pdbx_keywords   'ELECTRON TRANSPORT' 
_struct_keywords.text            'FLAVODOXIN, FMN BINDING, REDOX POTENTIAL, ELECTRON TRANSPORT' 
# 
loop_
_struct_asym.id 
_struct_asym.pdbx_blank_PDB_chainid_flag 
_struct_asym.pdbx_modified 
_struct_asym.entity_id 
_struct_asym.details 
A N N 1 ? 
B N N 2 ? 
C N N 3 ? 
# 
_struct_ref.id                         1 
_struct_ref.db_name                    UNP 
_struct_ref.db_code                    FLAV_SYNP7 
_struct_ref.entity_id                  1 
_struct_ref.pdbx_db_accession          P10340 
_struct_ref.pdbx_align_begin           ? 
_struct_ref.pdbx_seq_one_letter_code   ? 
_struct_ref.pdbx_db_isoform            ? 
# 
_struct_ref_seq.align_id                      1 
_struct_ref_seq.ref_id                        1 
_struct_ref_seq.pdbx_PDB_id_code              1CZN 
_struct_ref_seq.pdbx_strand_id                A 
_struct_ref_seq.seq_align_beg                 1 
_struct_ref_seq.pdbx_seq_align_beg_ins_code   ? 
_struct_ref_seq.seq_align_end                 169 
_struct_ref_seq.pdbx_seq_align_end_ins_code   ? 
_struct_ref_seq.pdbx_db_accession             P10340 
_struct_ref_seq.db_align_beg                  1 
_struct_ref_seq.pdbx_db_align_beg_ins_code    ? 
_struct_ref_seq.db_align_end                  169 
_struct_ref_seq.pdbx_db_align_end_ins_code    ? 
_struct_ref_seq.pdbx_auth_seq_align_beg       1 
_struct_ref_seq.pdbx_auth_seq_align_end       169 
# 
_pdbx_struct_assembly.id                   1 
_pdbx_struct_assembly.details              author_defined_assembly 
_pdbx_struct_assembly.method_details       ? 
_pdbx_struct_assembly.oligomeric_details   monomeric 
_pdbx_struct_assembly.oligomeric_count     1 
# 
_pdbx_struct_assembly_gen.assembly_id       1 
_pdbx_struct_assembly_gen.oper_expression   1 
_pdbx_struct_assembly_gen.asym_id_list      A,B,C 
# 
_pdbx_struct_oper_list.id                   1 
_pdbx_struct_oper_list.type                 'identity operation' 
_pdbx_struct_oper_list.name                 1_555 
_pdbx_struct_oper_list.symmetry_operation   x,y,z 
_pdbx_struct_oper_list.matrix[1][1]         1.0000000000 
_pdbx_struct_oper_list.matrix[1][2]         0.0000000000 
_pdbx_struct_oper_list.matrix[1][3]         0.0000000000 
_pdbx_struct_oper_list.vector[1]            0.0000000000 
_pdbx_struct_oper_list.matrix[2][1]         0.0000000000 
_pdbx_struct_oper_list.matrix[2][2]         1.0000000000 
_pdbx_struct_oper_list.matrix[2][3]         0.0000000000 
_pdbx_struct_oper_list.vector[2]            0.0000000000 
_pdbx_struct_oper_list.matrix[3][1]         0.0000000000 
_pdbx_struct_oper_list.matrix[3][2]         0.0000000000 
_pdbx_struct_oper_list.matrix[3][3]         1.0000000000 
_pdbx_struct_oper_list.vector[3]            0.0000000000 
# 
_struct_biol.id        1 
_struct_biol.details   ? 
# 
loop_
_struct_conf.conf_type_id 
_struct_conf.id 
_struct_conf.pdbx_PDB_helix_id 
_struct_conf.beg_label_comp_id 
_struct_conf.beg_label_asym_id 
_struct_conf.beg_label_seq_id 
_struct_conf.pdbx_beg_PDB_ins_code 
_struct_conf.end_label_comp_id 
_struct_conf.end_label_asym_id 
_struct_conf.end_label_seq_id 
_struct_conf.pdbx_end_PDB_ins_code 
_struct_conf.beg_auth_comp_id 
_struct_conf.beg_auth_asym_id 
_struct_conf.beg_auth_seq_id 
_struct_conf.end_auth_comp_id 
_struct_conf.end_auth_asym_id 
_struct_conf.end_auth_seq_id 
_struct_conf.pdbx_PDB_helix_class 
_struct_conf.details 
_struct_conf.pdbx_PDB_helix_length 
HELX_P HELX_P1 1 GLY A 12  ? GLY A 26  ? GLY A 12  GLY A 26  1 ? 15 
HELX_P HELX_P2 2 ALA A 37  ? ALA A 39  ? ALA A 37  ALA A 39  5 ? 3  
HELX_P HELX_P3 3 ASP A 40  ? TYR A 47  ? ASP A 40  TYR A 47  5 ? 8  
HELX_P HELX_P4 4 GLN A 63  ? TYR A 70  ? GLN A 63  TYR A 70  1 ? 8  
HELX_P HELX_P5 5 ASP A 71  ? VAL A 76  ? ASP A 71  VAL A 76  5 ? 6  
HELX_P HELX_P6 6 GLN A 99  ? LEU A 112 ? GLN A 99  LEU A 112 1 ? 14 
HELX_P HELX_P7 7 GLN A 148 ? ASP A 150 ? GLN A 148 ASP A 150 5 ? 3  
HELX_P HELX_P8 8 LEU A 151 ? PHE A 167 ? LEU A 151 PHE A 167 1 ? 17 
# 
_struct_conf_type.id          HELX_P 
_struct_conf_type.criteria    ? 
_struct_conf_type.reference   ? 
# 
loop_
_struct_sheet.id 
_struct_sheet.type 
_struct_sheet.number_strands 
_struct_sheet.details 
A  ? 5 ? 
A1 ? 5 ? 
B  ? 2 ? 
C  ? 3 ? 
# 
loop_
_struct_sheet_order.sheet_id 
_struct_sheet_order.range_id_1 
_struct_sheet_order.range_id_2 
_struct_sheet_order.offset 
_struct_sheet_order.sense 
A  1 2 ? parallel      
A  2 3 ? parallel      
A  3 4 ? parallel      
A  4 5 ? parallel      
A1 1 2 ? parallel      
A1 2 3 ? parallel      
A1 3 4 ? parallel      
A1 4 5 ? parallel      
B  1 2 ? anti-parallel 
C  1 2 ? anti-parallel 
C  2 3 ? anti-parallel 
# 
loop_
_struct_sheet_range.sheet_id 
_struct_sheet_range.id 
_struct_sheet_range.beg_label_comp_id 
_struct_sheet_range.beg_label_asym_id 
_struct_sheet_range.beg_label_seq_id 
_struct_sheet_range.pdbx_beg_PDB_ins_code 
_struct_sheet_range.end_label_comp_id 
_struct_sheet_range.end_label_asym_id 
_struct_sheet_range.end_label_seq_id 
_struct_sheet_range.pdbx_end_PDB_ins_code 
_struct_sheet_range.beg_auth_comp_id 
_struct_sheet_range.beg_auth_asym_id 
_struct_sheet_range.beg_auth_seq_id 
_struct_sheet_range.end_auth_comp_id 
_struct_sheet_range.end_auth_asym_id 
_struct_sheet_range.end_auth_seq_id 
A  1 VAL A 31  ? ASP A 35  ? VAL A 31  ASP A 35  
A  2 ILE A 3   ? TYR A 7   ? ILE A 3   TYR A 7   
A  3 TYR A 49  ? GLY A 53  ? TYR A 49  GLY A 53  
A  4 LYS A 82  ? ALA A 88  ? LYS A 82  ALA A 88  
A  5 GLN A 115 ? THR A 116 ? GLN A 115 THR A 116 
A1 1 VAL A 31  ? ASP A 35  ? VAL A 31  ASP A 35  
A1 2 ILE A 3   ? TYR A 7   ? ILE A 3   TYR A 7   
A1 3 TYR A 49  ? GLY A 53  ? TYR A 49  GLY A 53  
A1 4 LYS A 82  ? ALA A 88  ? LYS A 82  ALA A 88  
A1 5 LEU A 141 ? ILE A 143 ? LEU A 141 ILE A 143 
B  1 THR A 56  ? TRP A 57  ? THR A 56  TRP A 57  
B  2 GLU A 61  ? LEU A 62  ? GLU A 61  LEU A 62  
C  1 TRP A 120 ? PRO A 121 ? TRP A 120 PRO A 121 
C  2 GLN A 137 ? PHE A 138 ? GLN A 137 PHE A 138 
C  3 VAL A 133 ? ARG A 134 ? VAL A 133 ARG A 134 
# 
loop_
_pdbx_struct_sheet_hbond.sheet_id 
_pdbx_struct_sheet_hbond.range_id_1 
_pdbx_struct_sheet_hbond.range_id_2 
_pdbx_struct_sheet_hbond.range_1_label_atom_id 
_pdbx_struct_sheet_hbond.range_1_label_comp_id 
_pdbx_struct_sheet_hbond.range_1_label_asym_id 
_pdbx_struct_sheet_hbond.range_1_label_seq_id 
_pdbx_struct_sheet_hbond.range_1_PDB_ins_code 
_pdbx_struct_sheet_hbond.range_1_auth_atom_id 
_pdbx_struct_sheet_hbond.range_1_auth_comp_id 
_pdbx_struct_sheet_hbond.range_1_auth_asym_id 
_pdbx_struct_sheet_hbond.range_1_auth_seq_id 
_pdbx_struct_sheet_hbond.range_2_label_atom_id 
_pdbx_struct_sheet_hbond.range_2_label_comp_id 
_pdbx_struct_sheet_hbond.range_2_label_asym_id 
_pdbx_struct_sheet_hbond.range_2_label_seq_id 
_pdbx_struct_sheet_hbond.range_2_PDB_ins_code 
_pdbx_struct_sheet_hbond.range_2_auth_atom_id 
_pdbx_struct_sheet_hbond.range_2_auth_comp_id 
_pdbx_struct_sheet_hbond.range_2_auth_asym_id 
_pdbx_struct_sheet_hbond.range_2_auth_seq_id 
A  1 2 N ASP A 32  ? N ASP A 32  O ILE A 3   ? O ILE A 3   
A  2 3 N GLY A 4   ? N GLY A 4   O TYR A 49  ? O TYR A 49  
A  3 4 N LEU A 50  ? N LEU A 50  O LYS A 82  ? O LYS A 82  
A  4 5 N VAL A 83  ? N VAL A 83  O GLN A 115 ? O GLN A 115 
A1 1 2 N ASP A 32  ? N ASP A 32  O ILE A 3   ? O ILE A 3   
A1 2 3 N GLY A 4   ? N GLY A 4   O TYR A 49  ? O TYR A 49  
A1 3 4 N LEU A 50  ? N LEU A 50  O LYS A 82  ? O LYS A 82  
A1 4 5 O TYR A 85  ? O TYR A 85  N LEU A 141 ? N LEU A 141 
B  1 2 O TRP A 57  ? O TRP A 57  N GLU A 61  ? N GLU A 61  
C  1 2 O TRP A 120 ? O TRP A 120 N PHE A 138 ? N PHE A 138 
C  2 3 O GLN A 137 ? O GLN A 137 N ARG A 134 ? N ARG A 134 
# 
_struct_site.id                   AC1 
_struct_site.pdbx_evidence_code   Software 
_struct_site.pdbx_auth_asym_id    A 
_struct_site.pdbx_auth_comp_id    FMN 
_struct_site.pdbx_auth_seq_id     170 
_struct_site.pdbx_auth_ins_code   ? 
_struct_site.pdbx_num_residues    25 
_struct_site.details              'BINDING SITE FOR RESIDUE FMN A 170' 
# 
loop_
_struct_site_gen.id 
_struct_site_gen.site_id 
_struct_site_gen.pdbx_num_res 
_struct_site_gen.label_comp_id 
_struct_site_gen.label_asym_id 
_struct_site_gen.label_seq_id 
_struct_site_gen.pdbx_auth_ins_code 
_struct_site_gen.auth_comp_id 
_struct_site_gen.auth_asym_id 
_struct_site_gen.auth_seq_id 
_struct_site_gen.label_atom_id 
_struct_site_gen.label_alt_id 
_struct_site_gen.symmetry 
_struct_site_gen.details 
1  AC1 25 THR A 9   ? THR A 9   . ? 1_555 ? 
2  AC1 25 GLN A 10  ? GLN A 10  . ? 1_555 ? 
3  AC1 25 THR A 11  ? THR A 11  . ? 1_555 ? 
4  AC1 25 GLY A 12  ? GLY A 12  . ? 1_555 ? 
5  AC1 25 VAL A 13  ? VAL A 13  . ? 1_555 ? 
6  AC1 25 THR A 14  ? THR A 14  . ? 1_555 ? 
7  AC1 25 PRO A 55  ? PRO A 55  . ? 1_555 ? 
8  AC1 25 THR A 56  ? THR A 56  . ? 1_555 ? 
9  AC1 25 TRP A 57  ? TRP A 57  . ? 1_555 ? 
10 AC1 25 ASN A 58  ? ASN A 58  . ? 1_555 ? 
11 AC1 25 VAL A 59  ? VAL A 59  . ? 1_555 ? 
12 AC1 25 GLY A 60  ? GLY A 60  . ? 1_555 ? 
13 AC1 25 ALA A 88  ? ALA A 88  . ? 1_555 ? 
14 AC1 25 GLY A 89  ? GLY A 89  . ? 1_555 ? 
15 AC1 25 ASP A 90  ? ASP A 90  . ? 1_555 ? 
16 AC1 25 TYR A 94  ? TYR A 94  . ? 1_555 ? 
17 AC1 25 ASN A 97  ? ASN A 97  . ? 1_555 ? 
18 AC1 25 PHE A 98  ? PHE A 98  . ? 1_555 ? 
19 AC1 25 GLN A 99  ? GLN A 99  . ? 1_555 ? 
20 AC1 25 TYR A 119 ? TYR A 119 . ? 4_457 ? 
21 AC1 25 ARG A 134 ? ARG A 134 . ? 4_457 ? 
22 AC1 25 ASP A 146 ? ASP A 146 . ? 1_555 ? 
23 AC1 25 HOH C .   ? HOH A 173 . ? 1_555 ? 
24 AC1 25 HOH C .   ? HOH A 174 . ? 1_555 ? 
25 AC1 25 HOH C .   ? HOH A 181 . ? 1_555 ? 
# 
_pdbx_validate_torsion.id              1 
_pdbx_validate_torsion.PDB_model_num   1 
_pdbx_validate_torsion.auth_comp_id    ASN 
_pdbx_validate_torsion.auth_asym_id    A 
_pdbx_validate_torsion.auth_seq_id     97 
_pdbx_validate_torsion.PDB_ins_code    ? 
_pdbx_validate_torsion.label_alt_id    ? 
_pdbx_validate_torsion.phi             -144.49 
_pdbx_validate_torsion.psi             35.27 
# 
loop_
_chem_comp_atom.comp_id 
_chem_comp_atom.atom_id 
_chem_comp_atom.type_symbol 
_chem_comp_atom.pdbx_aromatic_flag 
_chem_comp_atom.pdbx_stereo_config 
_chem_comp_atom.pdbx_ordinal 
ALA N      N N N 1   
ALA CA     C N S 2   
ALA C      C N N 3   
ALA O      O N N 4   
ALA CB     C N N 5   
ALA OXT    O N N 6   
ALA H      H N N 7   
ALA H2     H N N 8   
ALA HA     H N N 9   
ALA HB1    H N N 10  
ALA HB2    H N N 11  
ALA HB3    H N N 12  
ALA HXT    H N N 13  
ARG N      N N N 14  
ARG CA     C N S 15  
ARG C      C N N 16  
ARG O      O N N 17  
ARG CB     C N N 18  
ARG CG     C N N 19  
ARG CD     C N N 20  
ARG NE     N N N 21  
ARG CZ     C N N 22  
ARG NH1    N N N 23  
ARG NH2    N N N 24  
ARG OXT    O N N 25  
ARG H      H N N 26  
ARG H2     H N N 27  
ARG HA     H N N 28  
ARG HB2    H N N 29  
ARG HB3    H N N 30  
ARG HG2    H N N 31  
ARG HG3    H N N 32  
ARG HD2    H N N 33  
ARG HD3    H N N 34  
ARG HE     H N N 35  
ARG HH11   H N N 36  
ARG HH12   H N N 37  
ARG HH21   H N N 38  
ARG HH22   H N N 39  
ARG HXT    H N N 40  
ASN N      N N N 41  
ASN CA     C N S 42  
ASN C      C N N 43  
ASN O      O N N 44  
ASN CB     C N N 45  
ASN CG     C N N 46  
ASN OD1    O N N 47  
ASN ND2    N N N 48  
ASN OXT    O N N 49  
ASN H      H N N 50  
ASN H2     H N N 51  
ASN HA     H N N 52  
ASN HB2    H N N 53  
ASN HB3    H N N 54  
ASN HD21   H N N 55  
ASN HD22   H N N 56  
ASN HXT    H N N 57  
ASP N      N N N 58  
ASP CA     C N S 59  
ASP C      C N N 60  
ASP O      O N N 61  
ASP CB     C N N 62  
ASP CG     C N N 63  
ASP OD1    O N N 64  
ASP OD2    O N N 65  
ASP OXT    O N N 66  
ASP H      H N N 67  
ASP H2     H N N 68  
ASP HA     H N N 69  
ASP HB2    H N N 70  
ASP HB3    H N N 71  
ASP HD2    H N N 72  
ASP HXT    H N N 73  
CYS N      N N N 74  
CYS CA     C N R 75  
CYS C      C N N 76  
CYS O      O N N 77  
CYS CB     C N N 78  
CYS SG     S N N 79  
CYS OXT    O N N 80  
CYS H      H N N 81  
CYS H2     H N N 82  
CYS HA     H N N 83  
CYS HB2    H N N 84  
CYS HB3    H N N 85  
CYS HG     H N N 86  
CYS HXT    H N N 87  
FMN N1     N N N 88  
FMN C2     C N N 89  
FMN O2     O N N 90  
FMN N3     N N N 91  
FMN C4     C N N 92  
FMN O4     O N N 93  
FMN C4A    C N N 94  
FMN N5     N N N 95  
FMN C5A    C Y N 96  
FMN C6     C Y N 97  
FMN C7     C Y N 98  
FMN C7M    C N N 99  
FMN C8     C Y N 100 
FMN C8M    C N N 101 
FMN C9     C Y N 102 
FMN C9A    C Y N 103 
FMN N10    N N N 104 
FMN C10    C N N 105 
FMN "C1'"  C N N 106 
FMN "C2'"  C N S 107 
FMN "O2'"  O N N 108 
FMN "C3'"  C N S 109 
FMN "O3'"  O N N 110 
FMN "C4'"  C N R 111 
FMN "O4'"  O N N 112 
FMN "C5'"  C N N 113 
FMN "O5'"  O N N 114 
FMN P      P N N 115 
FMN O1P    O N N 116 
FMN O2P    O N N 117 
FMN O3P    O N N 118 
FMN HN3    H N N 119 
FMN H6     H N N 120 
FMN HM71   H N N 121 
FMN HM72   H N N 122 
FMN HM73   H N N 123 
FMN HM81   H N N 124 
FMN HM82   H N N 125 
FMN HM83   H N N 126 
FMN H9     H N N 127 
FMN "H1'1" H N N 128 
FMN "H1'2" H N N 129 
FMN "H2'"  H N N 130 
FMN "HO2'" H N N 131 
FMN "H3'"  H N N 132 
FMN "HO3'" H N N 133 
FMN "H4'"  H N N 134 
FMN "HO4'" H N N 135 
FMN "H5'1" H N N 136 
FMN "H5'2" H N N 137 
FMN HOP2   H N N 138 
FMN HOP3   H N N 139 
GLN N      N N N 140 
GLN CA     C N S 141 
GLN C      C N N 142 
GLN O      O N N 143 
GLN CB     C N N 144 
GLN CG     C N N 145 
GLN CD     C N N 146 
GLN OE1    O N N 147 
GLN NE2    N N N 148 
GLN OXT    O N N 149 
GLN H      H N N 150 
GLN H2     H N N 151 
GLN HA     H N N 152 
GLN HB2    H N N 153 
GLN HB3    H N N 154 
GLN HG2    H N N 155 
GLN HG3    H N N 156 
GLN HE21   H N N 157 
GLN HE22   H N N 158 
GLN HXT    H N N 159 
GLU N      N N N 160 
GLU CA     C N S 161 
GLU C      C N N 162 
GLU O      O N N 163 
GLU CB     C N N 164 
GLU CG     C N N 165 
GLU CD     C N N 166 
GLU OE1    O N N 167 
GLU OE2    O N N 168 
GLU OXT    O N N 169 
GLU H      H N N 170 
GLU H2     H N N 171 
GLU HA     H N N 172 
GLU HB2    H N N 173 
GLU HB3    H N N 174 
GLU HG2    H N N 175 
GLU HG3    H N N 176 
GLU HE2    H N N 177 
GLU HXT    H N N 178 
GLY N      N N N 179 
GLY CA     C N N 180 
GLY C      C N N 181 
GLY O      O N N 182 
GLY OXT    O N N 183 
GLY H      H N N 184 
GLY H2     H N N 185 
GLY HA2    H N N 186 
GLY HA3    H N N 187 
GLY HXT    H N N 188 
HOH O      O N N 189 
HOH H1     H N N 190 
HOH H2     H N N 191 
ILE N      N N N 192 
ILE CA     C N S 193 
ILE C      C N N 194 
ILE O      O N N 195 
ILE CB     C N S 196 
ILE CG1    C N N 197 
ILE CG2    C N N 198 
ILE CD1    C N N 199 
ILE OXT    O N N 200 
ILE H      H N N 201 
ILE H2     H N N 202 
ILE HA     H N N 203 
ILE HB     H N N 204 
ILE HG12   H N N 205 
ILE HG13   H N N 206 
ILE HG21   H N N 207 
ILE HG22   H N N 208 
ILE HG23   H N N 209 
ILE HD11   H N N 210 
ILE HD12   H N N 211 
ILE HD13   H N N 212 
ILE HXT    H N N 213 
LEU N      N N N 214 
LEU CA     C N S 215 
LEU C      C N N 216 
LEU O      O N N 217 
LEU CB     C N N 218 
LEU CG     C N N 219 
LEU CD1    C N N 220 
LEU CD2    C N N 221 
LEU OXT    O N N 222 
LEU H      H N N 223 
LEU H2     H N N 224 
LEU HA     H N N 225 
LEU HB2    H N N 226 
LEU HB3    H N N 227 
LEU HG     H N N 228 
LEU HD11   H N N 229 
LEU HD12   H N N 230 
LEU HD13   H N N 231 
LEU HD21   H N N 232 
LEU HD22   H N N 233 
LEU HD23   H N N 234 
LEU HXT    H N N 235 
LYS N      N N N 236 
LYS CA     C N S 237 
LYS C      C N N 238 
LYS O      O N N 239 
LYS CB     C N N 240 
LYS CG     C N N 241 
LYS CD     C N N 242 
LYS CE     C N N 243 
LYS NZ     N N N 244 
LYS OXT    O N N 245 
LYS H      H N N 246 
LYS H2     H N N 247 
LYS HA     H N N 248 
LYS HB2    H N N 249 
LYS HB3    H N N 250 
LYS HG2    H N N 251 
LYS HG3    H N N 252 
LYS HD2    H N N 253 
LYS HD3    H N N 254 
LYS HE2    H N N 255 
LYS HE3    H N N 256 
LYS HZ1    H N N 257 
LYS HZ2    H N N 258 
LYS HZ3    H N N 259 
LYS HXT    H N N 260 
MET N      N N N 261 
MET CA     C N S 262 
MET C      C N N 263 
MET O      O N N 264 
MET CB     C N N 265 
MET CG     C N N 266 
MET SD     S N N 267 
MET CE     C N N 268 
MET OXT    O N N 269 
MET H      H N N 270 
MET H2     H N N 271 
MET HA     H N N 272 
MET HB2    H N N 273 
MET HB3    H N N 274 
MET HG2    H N N 275 
MET HG3    H N N 276 
MET HE1    H N N 277 
MET HE2    H N N 278 
MET HE3    H N N 279 
MET HXT    H N N 280 
PHE N      N N N 281 
PHE CA     C N S 282 
PHE C      C N N 283 
PHE O      O N N 284 
PHE CB     C N N 285 
PHE CG     C Y N 286 
PHE CD1    C Y N 287 
PHE CD2    C Y N 288 
PHE CE1    C Y N 289 
PHE CE2    C Y N 290 
PHE CZ     C Y N 291 
PHE OXT    O N N 292 
PHE H      H N N 293 
PHE H2     H N N 294 
PHE HA     H N N 295 
PHE HB2    H N N 296 
PHE HB3    H N N 297 
PHE HD1    H N N 298 
PHE HD2    H N N 299 
PHE HE1    H N N 300 
PHE HE2    H N N 301 
PHE HZ     H N N 302 
PHE HXT    H N N 303 
PRO N      N N N 304 
PRO CA     C N S 305 
PRO C      C N N 306 
PRO O      O N N 307 
PRO CB     C N N 308 
PRO CG     C N N 309 
PRO CD     C N N 310 
PRO OXT    O N N 311 
PRO H      H N N 312 
PRO HA     H N N 313 
PRO HB2    H N N 314 
PRO HB3    H N N 315 
PRO HG2    H N N 316 
PRO HG3    H N N 317 
PRO HD2    H N N 318 
PRO HD3    H N N 319 
PRO HXT    H N N 320 
SER N      N N N 321 
SER CA     C N S 322 
SER C      C N N 323 
SER O      O N N 324 
SER CB     C N N 325 
SER OG     O N N 326 
SER OXT    O N N 327 
SER H      H N N 328 
SER H2     H N N 329 
SER HA     H N N 330 
SER HB2    H N N 331 
SER HB3    H N N 332 
SER HG     H N N 333 
SER HXT    H N N 334 
THR N      N N N 335 
THR CA     C N S 336 
THR C      C N N 337 
THR O      O N N 338 
THR CB     C N R 339 
THR OG1    O N N 340 
THR CG2    C N N 341 
THR OXT    O N N 342 
THR H      H N N 343 
THR H2     H N N 344 
THR HA     H N N 345 
THR HB     H N N 346 
THR HG1    H N N 347 
THR HG21   H N N 348 
THR HG22   H N N 349 
THR HG23   H N N 350 
THR HXT    H N N 351 
TRP N      N N N 352 
TRP CA     C N S 353 
TRP C      C N N 354 
TRP O      O N N 355 
TRP CB     C N N 356 
TRP CG     C Y N 357 
TRP CD1    C Y N 358 
TRP CD2    C Y N 359 
TRP NE1    N Y N 360 
TRP CE2    C Y N 361 
TRP CE3    C Y N 362 
TRP CZ2    C Y N 363 
TRP CZ3    C Y N 364 
TRP CH2    C Y N 365 
TRP OXT    O N N 366 
TRP H      H N N 367 
TRP H2     H N N 368 
TRP HA     H N N 369 
TRP HB2    H N N 370 
TRP HB3    H N N 371 
TRP HD1    H N N 372 
TRP HE1    H N N 373 
TRP HE3    H N N 374 
TRP HZ2    H N N 375 
TRP HZ3    H N N 376 
TRP HH2    H N N 377 
TRP HXT    H N N 378 
TYR N      N N N 379 
TYR CA     C N S 380 
TYR C      C N N 381 
TYR O      O N N 382 
TYR CB     C N N 383 
TYR CG     C Y N 384 
TYR CD1    C Y N 385 
TYR CD2    C Y N 386 
TYR CE1    C Y N 387 
TYR CE2    C Y N 388 
TYR CZ     C Y N 389 
TYR OH     O N N 390 
TYR OXT    O N N 391 
TYR H      H N N 392 
TYR H2     H N N 393 
TYR HA     H N N 394 
TYR HB2    H N N 395 
TYR HB3    H N N 396 
TYR HD1    H N N 397 
TYR HD2    H N N 398 
TYR HE1    H N N 399 
TYR HE2    H N N 400 
TYR HH     H N N 401 
TYR HXT    H N N 402 
VAL N      N N N 403 
VAL CA     C N S 404 
VAL C      C N N 405 
VAL O      O N N 406 
VAL CB     C N N 407 
VAL CG1    C N N 408 
VAL CG2    C N N 409 
VAL OXT    O N N 410 
VAL H      H N N 411 
VAL H2     H N N 412 
VAL HA     H N N 413 
VAL HB     H N N 414 
VAL HG11   H N N 415 
VAL HG12   H N N 416 
VAL HG13   H N N 417 
VAL HG21   H N N 418 
VAL HG22   H N N 419 
VAL HG23   H N N 420 
VAL HXT    H N N 421 
# 
loop_
_chem_comp_bond.comp_id 
_chem_comp_bond.atom_id_1 
_chem_comp_bond.atom_id_2 
_chem_comp_bond.value_order 
_chem_comp_bond.pdbx_aromatic_flag 
_chem_comp_bond.pdbx_stereo_config 
_chem_comp_bond.pdbx_ordinal 
ALA N     CA     sing N N 1   
ALA N     H      sing N N 2   
ALA N     H2     sing N N 3   
ALA CA    C      sing N N 4   
ALA CA    CB     sing N N 5   
ALA CA    HA     sing N N 6   
ALA C     O      doub N N 7   
ALA C     OXT    sing N N 8   
ALA CB    HB1    sing N N 9   
ALA CB    HB2    sing N N 10  
ALA CB    HB3    sing N N 11  
ALA OXT   HXT    sing N N 12  
ARG N     CA     sing N N 13  
ARG N     H      sing N N 14  
ARG N     H2     sing N N 15  
ARG CA    C      sing N N 16  
ARG CA    CB     sing N N 17  
ARG CA    HA     sing N N 18  
ARG C     O      doub N N 19  
ARG C     OXT    sing N N 20  
ARG CB    CG     sing N N 21  
ARG CB    HB2    sing N N 22  
ARG CB    HB3    sing N N 23  
ARG CG    CD     sing N N 24  
ARG CG    HG2    sing N N 25  
ARG CG    HG3    sing N N 26  
ARG CD    NE     sing N N 27  
ARG CD    HD2    sing N N 28  
ARG CD    HD3    sing N N 29  
ARG NE    CZ     sing N N 30  
ARG NE    HE     sing N N 31  
ARG CZ    NH1    sing N N 32  
ARG CZ    NH2    doub N N 33  
ARG NH1   HH11   sing N N 34  
ARG NH1   HH12   sing N N 35  
ARG NH2   HH21   sing N N 36  
ARG NH2   HH22   sing N N 37  
ARG OXT   HXT    sing N N 38  
ASN N     CA     sing N N 39  
ASN N     H      sing N N 40  
ASN N     H2     sing N N 41  
ASN CA    C      sing N N 42  
ASN CA    CB     sing N N 43  
ASN CA    HA     sing N N 44  
ASN C     O      doub N N 45  
ASN C     OXT    sing N N 46  
ASN CB    CG     sing N N 47  
ASN CB    HB2    sing N N 48  
ASN CB    HB3    sing N N 49  
ASN CG    OD1    doub N N 50  
ASN CG    ND2    sing N N 51  
ASN ND2   HD21   sing N N 52  
ASN ND2   HD22   sing N N 53  
ASN OXT   HXT    sing N N 54  
ASP N     CA     sing N N 55  
ASP N     H      sing N N 56  
ASP N     H2     sing N N 57  
ASP CA    C      sing N N 58  
ASP CA    CB     sing N N 59  
ASP CA    HA     sing N N 60  
ASP C     O      doub N N 61  
ASP C     OXT    sing N N 62  
ASP CB    CG     sing N N 63  
ASP CB    HB2    sing N N 64  
ASP CB    HB3    sing N N 65  
ASP CG    OD1    doub N N 66  
ASP CG    OD2    sing N N 67  
ASP OD2   HD2    sing N N 68  
ASP OXT   HXT    sing N N 69  
CYS N     CA     sing N N 70  
CYS N     H      sing N N 71  
CYS N     H2     sing N N 72  
CYS CA    C      sing N N 73  
CYS CA    CB     sing N N 74  
CYS CA    HA     sing N N 75  
CYS C     O      doub N N 76  
CYS C     OXT    sing N N 77  
CYS CB    SG     sing N N 78  
CYS CB    HB2    sing N N 79  
CYS CB    HB3    sing N N 80  
CYS SG    HG     sing N N 81  
CYS OXT   HXT    sing N N 82  
FMN N1    C2     sing N N 83  
FMN N1    C10    doub N N 84  
FMN C2    O2     doub N N 85  
FMN C2    N3     sing N N 86  
FMN N3    C4     sing N N 87  
FMN N3    HN3    sing N N 88  
FMN C4    O4     doub N N 89  
FMN C4    C4A    sing N N 90  
FMN C4A   N5     doub N N 91  
FMN C4A   C10    sing N N 92  
FMN N5    C5A    sing N N 93  
FMN C5A   C6     doub Y N 94  
FMN C5A   C9A    sing Y N 95  
FMN C6    C7     sing Y N 96  
FMN C6    H6     sing N N 97  
FMN C7    C7M    sing N N 98  
FMN C7    C8     doub Y N 99  
FMN C7M   HM71   sing N N 100 
FMN C7M   HM72   sing N N 101 
FMN C7M   HM73   sing N N 102 
FMN C8    C8M    sing N N 103 
FMN C8    C9     sing Y N 104 
FMN C8M   HM81   sing N N 105 
FMN C8M   HM82   sing N N 106 
FMN C8M   HM83   sing N N 107 
FMN C9    C9A    doub Y N 108 
FMN C9    H9     sing N N 109 
FMN C9A   N10    sing N N 110 
FMN N10   C10    sing N N 111 
FMN N10   "C1'"  sing N N 112 
FMN "C1'" "C2'"  sing N N 113 
FMN "C1'" "H1'1" sing N N 114 
FMN "C1'" "H1'2" sing N N 115 
FMN "C2'" "O2'"  sing N N 116 
FMN "C2'" "C3'"  sing N N 117 
FMN "C2'" "H2'"  sing N N 118 
FMN "O2'" "HO2'" sing N N 119 
FMN "C3'" "O3'"  sing N N 120 
FMN "C3'" "C4'"  sing N N 121 
FMN "C3'" "H3'"  sing N N 122 
FMN "O3'" "HO3'" sing N N 123 
FMN "C4'" "O4'"  sing N N 124 
FMN "C4'" "C5'"  sing N N 125 
FMN "C4'" "H4'"  sing N N 126 
FMN "O4'" "HO4'" sing N N 127 
FMN "C5'" "O5'"  sing N N 128 
FMN "C5'" "H5'1" sing N N 129 
FMN "C5'" "H5'2" sing N N 130 
FMN "O5'" P      sing N N 131 
FMN P     O1P    doub N N 132 
FMN P     O2P    sing N N 133 
FMN P     O3P    sing N N 134 
FMN O2P   HOP2   sing N N 135 
FMN O3P   HOP3   sing N N 136 
GLN N     CA     sing N N 137 
GLN N     H      sing N N 138 
GLN N     H2     sing N N 139 
GLN CA    C      sing N N 140 
GLN CA    CB     sing N N 141 
GLN CA    HA     sing N N 142 
GLN C     O      doub N N 143 
GLN C     OXT    sing N N 144 
GLN CB    CG     sing N N 145 
GLN CB    HB2    sing N N 146 
GLN CB    HB3    sing N N 147 
GLN CG    CD     sing N N 148 
GLN CG    HG2    sing N N 149 
GLN CG    HG3    sing N N 150 
GLN CD    OE1    doub N N 151 
GLN CD    NE2    sing N N 152 
GLN NE2   HE21   sing N N 153 
GLN NE2   HE22   sing N N 154 
GLN OXT   HXT    sing N N 155 
GLU N     CA     sing N N 156 
GLU N     H      sing N N 157 
GLU N     H2     sing N N 158 
GLU CA    C      sing N N 159 
GLU CA    CB     sing N N 160 
GLU CA    HA     sing N N 161 
GLU C     O      doub N N 162 
GLU C     OXT    sing N N 163 
GLU CB    CG     sing N N 164 
GLU CB    HB2    sing N N 165 
GLU CB    HB3    sing N N 166 
GLU CG    CD     sing N N 167 
GLU CG    HG2    sing N N 168 
GLU CG    HG3    sing N N 169 
GLU CD    OE1    doub N N 170 
GLU CD    OE2    sing N N 171 
GLU OE2   HE2    sing N N 172 
GLU OXT   HXT    sing N N 173 
GLY N     CA     sing N N 174 
GLY N     H      sing N N 175 
GLY N     H2     sing N N 176 
GLY CA    C      sing N N 177 
GLY CA    HA2    sing N N 178 
GLY CA    HA3    sing N N 179 
GLY C     O      doub N N 180 
GLY C     OXT    sing N N 181 
GLY OXT   HXT    sing N N 182 
HOH O     H1     sing N N 183 
HOH O     H2     sing N N 184 
ILE N     CA     sing N N 185 
ILE N     H      sing N N 186 
ILE N     H2     sing N N 187 
ILE CA    C      sing N N 188 
ILE CA    CB     sing N N 189 
ILE CA    HA     sing N N 190 
ILE C     O      doub N N 191 
ILE C     OXT    sing N N 192 
ILE CB    CG1    sing N N 193 
ILE CB    CG2    sing N N 194 
ILE CB    HB     sing N N 195 
ILE CG1   CD1    sing N N 196 
ILE CG1   HG12   sing N N 197 
ILE CG1   HG13   sing N N 198 
ILE CG2   HG21   sing N N 199 
ILE CG2   HG22   sing N N 200 
ILE CG2   HG23   sing N N 201 
ILE CD1   HD11   sing N N 202 
ILE CD1   HD12   sing N N 203 
ILE CD1   HD13   sing N N 204 
ILE OXT   HXT    sing N N 205 
LEU N     CA     sing N N 206 
LEU N     H      sing N N 207 
LEU N     H2     sing N N 208 
LEU CA    C      sing N N 209 
LEU CA    CB     sing N N 210 
LEU CA    HA     sing N N 211 
LEU C     O      doub N N 212 
LEU C     OXT    sing N N 213 
LEU CB    CG     sing N N 214 
LEU CB    HB2    sing N N 215 
LEU CB    HB3    sing N N 216 
LEU CG    CD1    sing N N 217 
LEU CG    CD2    sing N N 218 
LEU CG    HG     sing N N 219 
LEU CD1   HD11   sing N N 220 
LEU CD1   HD12   sing N N 221 
LEU CD1   HD13   sing N N 222 
LEU CD2   HD21   sing N N 223 
LEU CD2   HD22   sing N N 224 
LEU CD2   HD23   sing N N 225 
LEU OXT   HXT    sing N N 226 
LYS N     CA     sing N N 227 
LYS N     H      sing N N 228 
LYS N     H2     sing N N 229 
LYS CA    C      sing N N 230 
LYS CA    CB     sing N N 231 
LYS CA    HA     sing N N 232 
LYS C     O      doub N N 233 
LYS C     OXT    sing N N 234 
LYS CB    CG     sing N N 235 
LYS CB    HB2    sing N N 236 
LYS CB    HB3    sing N N 237 
LYS CG    CD     sing N N 238 
LYS CG    HG2    sing N N 239 
LYS CG    HG3    sing N N 240 
LYS CD    CE     sing N N 241 
LYS CD    HD2    sing N N 242 
LYS CD    HD3    sing N N 243 
LYS CE    NZ     sing N N 244 
LYS CE    HE2    sing N N 245 
LYS CE    HE3    sing N N 246 
LYS NZ    HZ1    sing N N 247 
LYS NZ    HZ2    sing N N 248 
LYS NZ    HZ3    sing N N 249 
LYS OXT   HXT    sing N N 250 
MET N     CA     sing N N 251 
MET N     H      sing N N 252 
MET N     H2     sing N N 253 
MET CA    C      sing N N 254 
MET CA    CB     sing N N 255 
MET CA    HA     sing N N 256 
MET C     O      doub N N 257 
MET C     OXT    sing N N 258 
MET CB    CG     sing N N 259 
MET CB    HB2    sing N N 260 
MET CB    HB3    sing N N 261 
MET CG    SD     sing N N 262 
MET CG    HG2    sing N N 263 
MET CG    HG3    sing N N 264 
MET SD    CE     sing N N 265 
MET CE    HE1    sing N N 266 
MET CE    HE2    sing N N 267 
MET CE    HE3    sing N N 268 
MET OXT   HXT    sing N N 269 
PHE N     CA     sing N N 270 
PHE N     H      sing N N 271 
PHE N     H2     sing N N 272 
PHE CA    C      sing N N 273 
PHE CA    CB     sing N N 274 
PHE CA    HA     sing N N 275 
PHE C     O      doub N N 276 
PHE C     OXT    sing N N 277 
PHE CB    CG     sing N N 278 
PHE CB    HB2    sing N N 279 
PHE CB    HB3    sing N N 280 
PHE CG    CD1    doub Y N 281 
PHE CG    CD2    sing Y N 282 
PHE CD1   CE1    sing Y N 283 
PHE CD1   HD1    sing N N 284 
PHE CD2   CE2    doub Y N 285 
PHE CD2   HD2    sing N N 286 
PHE CE1   CZ     doub Y N 287 
PHE CE1   HE1    sing N N 288 
PHE CE2   CZ     sing Y N 289 
PHE CE2   HE2    sing N N 290 
PHE CZ    HZ     sing N N 291 
PHE OXT   HXT    sing N N 292 
PRO N     CA     sing N N 293 
PRO N     CD     sing N N 294 
PRO N     H      sing N N 295 
PRO CA    C      sing N N 296 
PRO CA    CB     sing N N 297 
PRO CA    HA     sing N N 298 
PRO C     O      doub N N 299 
PRO C     OXT    sing N N 300 
PRO CB    CG     sing N N 301 
PRO CB    HB2    sing N N 302 
PRO CB    HB3    sing N N 303 
PRO CG    CD     sing N N 304 
PRO CG    HG2    sing N N 305 
PRO CG    HG3    sing N N 306 
PRO CD    HD2    sing N N 307 
PRO CD    HD3    sing N N 308 
PRO OXT   HXT    sing N N 309 
SER N     CA     sing N N 310 
SER N     H      sing N N 311 
SER N     H2     sing N N 312 
SER CA    C      sing N N 313 
SER CA    CB     sing N N 314 
SER CA    HA     sing N N 315 
SER C     O      doub N N 316 
SER C     OXT    sing N N 317 
SER CB    OG     sing N N 318 
SER CB    HB2    sing N N 319 
SER CB    HB3    sing N N 320 
SER OG    HG     sing N N 321 
SER OXT   HXT    sing N N 322 
THR N     CA     sing N N 323 
THR N     H      sing N N 324 
THR N     H2     sing N N 325 
THR CA    C      sing N N 326 
THR CA    CB     sing N N 327 
THR CA    HA     sing N N 328 
THR C     O      doub N N 329 
THR C     OXT    sing N N 330 
THR CB    OG1    sing N N 331 
THR CB    CG2    sing N N 332 
THR CB    HB     sing N N 333 
THR OG1   HG1    sing N N 334 
THR CG2   HG21   sing N N 335 
THR CG2   HG22   sing N N 336 
THR CG2   HG23   sing N N 337 
THR OXT   HXT    sing N N 338 
TRP N     CA     sing N N 339 
TRP N     H      sing N N 340 
TRP N     H2     sing N N 341 
TRP CA    C      sing N N 342 
TRP CA    CB     sing N N 343 
TRP CA    HA     sing N N 344 
TRP C     O      doub N N 345 
TRP C     OXT    sing N N 346 
TRP CB    CG     sing N N 347 
TRP CB    HB2    sing N N 348 
TRP CB    HB3    sing N N 349 
TRP CG    CD1    doub Y N 350 
TRP CG    CD2    sing Y N 351 
TRP CD1   NE1    sing Y N 352 
TRP CD1   HD1    sing N N 353 
TRP CD2   CE2    doub Y N 354 
TRP CD2   CE3    sing Y N 355 
TRP NE1   CE2    sing Y N 356 
TRP NE1   HE1    sing N N 357 
TRP CE2   CZ2    sing Y N 358 
TRP CE3   CZ3    doub Y N 359 
TRP CE3   HE3    sing N N 360 
TRP CZ2   CH2    doub Y N 361 
TRP CZ2   HZ2    sing N N 362 
TRP CZ3   CH2    sing Y N 363 
TRP CZ3   HZ3    sing N N 364 
TRP CH2   HH2    sing N N 365 
TRP OXT   HXT    sing N N 366 
TYR N     CA     sing N N 367 
TYR N     H      sing N N 368 
TYR N     H2     sing N N 369 
TYR CA    C      sing N N 370 
TYR CA    CB     sing N N 371 
TYR CA    HA     sing N N 372 
TYR C     O      doub N N 373 
TYR C     OXT    sing N N 374 
TYR CB    CG     sing N N 375 
TYR CB    HB2    sing N N 376 
TYR CB    HB3    sing N N 377 
TYR CG    CD1    doub Y N 378 
TYR CG    CD2    sing Y N 379 
TYR CD1   CE1    sing Y N 380 
TYR CD1   HD1    sing N N 381 
TYR CD2   CE2    doub Y N 382 
TYR CD2   HD2    sing N N 383 
TYR CE1   CZ     doub Y N 384 
TYR CE1   HE1    sing N N 385 
TYR CE2   CZ     sing Y N 386 
TYR CE2   HE2    sing N N 387 
TYR CZ    OH     sing N N 388 
TYR OH    HH     sing N N 389 
TYR OXT   HXT    sing N N 390 
VAL N     CA     sing N N 391 
VAL N     H      sing N N 392 
VAL N     H2     sing N N 393 
VAL CA    C      sing N N 394 
VAL CA    CB     sing N N 395 
VAL CA    HA     sing N N 396 
VAL C     O      doub N N 397 
VAL C     OXT    sing N N 398 
VAL CB    CG1    sing N N 399 
VAL CB    CG2    sing N N 400 
VAL CB    HB     sing N N 401 
VAL CG1   HG11   sing N N 402 
VAL CG1   HG12   sing N N 403 
VAL CG1   HG13   sing N N 404 
VAL CG2   HG21   sing N N 405 
VAL CG2   HG22   sing N N 406 
VAL CG2   HG23   sing N N 407 
VAL OXT   HXT    sing N N 408 
# 
_atom_sites.entry_id                    1CZN 
_atom_sites.fract_transf_matrix[1][1]   -0.01699145 
_atom_sites.fract_transf_matrix[1][2]   -0.00127018 
_atom_sites.fract_transf_matrix[1][3]   -0.00407340 
_atom_sites.fract_transf_matrix[2][1]   -0.00347214 
_atom_sites.fract_transf_matrix[2][2]   0.00190498 
_atom_sites.fract_transf_matrix[2][3]   0.01388940 
_atom_sites.fract_transf_matrix[3][1]   -0.00085744 
_atom_sites.fract_transf_matrix[3][2]   0.02170391 
_atom_sites.fract_transf_matrix[3][3]   -0.00319112 
_atom_sites.fract_transf_vector[1]      0.413336 
_atom_sites.fract_transf_vector[2]      0.181669 
_atom_sites.fract_transf_vector[3]      0.834107 
# 
loop_
_atom_type.symbol 
C 
N 
O 
P 
S 
# 
loop_
_atom_site.group_PDB 
_atom_site.id 
_atom_site.type_symbol 
_atom_site.label_atom_id 
_atom_site.label_alt_id 
_atom_site.label_comp_id 
_atom_site.label_asym_id 
_atom_site.label_entity_id 
_atom_site.label_seq_id 
_atom_site.pdbx_PDB_ins_code 
_atom_site.Cartn_x 
_atom_site.Cartn_y 
_atom_site.Cartn_z 
_atom_site.occupancy 
_atom_site.B_iso_or_equiv 
_atom_site.pdbx_formal_charge 
_atom_site.auth_seq_id 
_atom_site.auth_comp_id 
_atom_site.auth_asym_id 
_atom_site.auth_atom_id 
_atom_site.pdbx_PDB_model_num 
ATOM   1    N N     . ALA A 1 1   ? -1.027  -14.110 -13.276 1.00 22.44 ? 1   ALA A N     1 
ATOM   2    C CA    . ALA A 1 1   ? -1.945  -13.576 -12.233 1.00 19.95 ? 1   ALA A CA    1 
ATOM   3    C C     . ALA A 1 1   ? -2.383  -12.210 -12.715 1.00 19.00 ? 1   ALA A C     1 
ATOM   4    O O     . ALA A 1 1   ? -1.598  -11.508 -13.365 1.00 18.34 ? 1   ALA A O     1 
ATOM   5    C CB    . ALA A 1 1   ? -1.209  -13.461 -10.890 1.00 18.69 ? 1   ALA A CB    1 
ATOM   6    N N     . LYS A 1 2   ? -3.624  -11.830 -12.405 1.00 16.47 ? 2   LYS A N     1 
ATOM   7    C CA    . LYS A 1 2   ? -4.146  -10.536 -12.836 1.00 16.33 ? 2   LYS A CA    1 
ATOM   8    C C     . LYS A 1 2   ? -3.916  -9.401  -11.856 1.00 13.94 ? 2   LYS A C     1 
ATOM   9    O O     . LYS A 1 2   ? -4.193  -8.250  -12.173 1.00 14.47 ? 2   LYS A O     1 
ATOM   10   C CB    . LYS A 1 2   ? -5.642  -10.628 -13.181 1.00 20.68 ? 2   LYS A CB    1 
ATOM   11   C CG    . LYS A 1 2   ? -6.555  -10.982 -12.016 1.00 24.14 ? 2   LYS A CG    1 
ATOM   12   C CD    . LYS A 1 2   ? -8.018  -10.861 -12.437 1.00 26.72 ? 2   LYS A CD    1 
ATOM   13   C CE    . LYS A 1 2   ? -8.953  -11.197 -11.303 1.00 28.12 ? 2   LYS A CE    1 
ATOM   14   N NZ    . LYS A 1 2   ? -10.359 -10.956 -11.723 1.00 33.39 ? 2   LYS A NZ    1 
ATOM   15   N N     . ILE A 1 3   ? -3.443  -9.724  -10.656 1.00 14.14 ? 3   ILE A N     1 
ATOM   16   C CA    . ILE A 1 3   ? -3.168  -8.698  -9.647  1.00 13.67 ? 3   ILE A CA    1 
ATOM   17   C C     . ILE A 1 3   ? -1.651  -8.614  -9.450  1.00 11.78 ? 3   ILE A C     1 
ATOM   18   O O     . ILE A 1 3   ? -0.983  -9.638  -9.293  1.00 13.40 ? 3   ILE A O     1 
ATOM   19   C CB    . ILE A 1 3   ? -3.827  -9.039  -8.285  1.00 14.29 ? 3   ILE A CB    1 
ATOM   20   C CG1   . ILE A 1 3   ? -5.338  -9.208  -8.463  1.00 16.45 ? 3   ILE A CG1   1 
ATOM   21   C CG2   . ILE A 1 3   ? -3.524  -7.936  -7.261  1.00 14.32 ? 3   ILE A CG2   1 
ATOM   22   C CD1   . ILE A 1 3   ? -6.022  -9.846  -7.269  1.00 19.77 ? 3   ILE A CD1   1 
ATOM   23   N N     . GLY A 1 4   ? -1.118  -7.400  -9.480  1.00 11.87 ? 4   GLY A N     1 
ATOM   24   C CA    . GLY A 1 4   ? 0.310   -7.222  -9.288  1.00 10.89 ? 4   GLY A CA    1 
ATOM   25   C C     . GLY A 1 4   ? 0.543   -6.429  -8.029  1.00 10.35 ? 4   GLY A C     1 
ATOM   26   O O     . GLY A 1 4   ? 0.002   -5.331  -7.892  1.00 11.36 ? 4   GLY A O     1 
ATOM   27   N N     . LEU A 1 5   ? 1.324   -6.981  -7.106  1.00 10.42 ? 5   LEU A N     1 
ATOM   28   C CA    . LEU A 1 5   ? 1.631   -6.298  -5.853  1.00 9.96  ? 5   LEU A CA    1 
ATOM   29   C C     . LEU A 1 5   ? 3.088   -5.834  -5.919  1.00 10.37 ? 5   LEU A C     1 
ATOM   30   O O     . LEU A 1 5   ? 3.993   -6.645  -6.147  1.00 11.11 ? 5   LEU A O     1 
ATOM   31   C CB    . LEU A 1 5   ? 1.412   -7.251  -4.667  1.00 10.88 ? 5   LEU A CB    1 
ATOM   32   C CG    . LEU A 1 5   ? 1.375   -6.689  -3.229  1.00 11.71 ? 5   LEU A CG    1 
ATOM   33   C CD1   . LEU A 1 5   ? 0.894   -7.763  -2.272  1.00 9.99  ? 5   LEU A CD1   1 
ATOM   34   C CD2   . LEU A 1 5   ? 2.745   -6.185  -2.801  1.00 13.46 ? 5   LEU A CD2   1 
ATOM   35   N N     . PHE A 1 6   ? 3.296   -4.531  -5.762  1.00 9.46  ? 6   PHE A N     1 
ATOM   36   C CA    . PHE A 1 6   ? 4.629   -3.933  -5.778  1.00 9.94  ? 6   PHE A CA    1 
ATOM   37   C C     . PHE A 1 6   ? 4.868   -3.274  -4.425  1.00 10.47 ? 6   PHE A C     1 
ATOM   38   O O     . PHE A 1 6   ? 4.097   -2.404  -4.006  1.00 9.48  ? 6   PHE A O     1 
ATOM   39   C CB    . PHE A 1 6   ? 4.737   -2.886  -6.890  1.00 10.42 ? 6   PHE A CB    1 
ATOM   40   C CG    . PHE A 1 6   ? 4.659   -3.473  -8.269  1.00 14.71 ? 6   PHE A CG    1 
ATOM   41   C CD1   . PHE A 1 6   ? 3.425   -3.815  -8.827  1.00 14.71 ? 6   PHE A CD1   1 
ATOM   42   C CD2   . PHE A 1 6   ? 5.822   -3.741  -8.989  1.00 14.84 ? 6   PHE A CD2   1 
ATOM   43   C CE1   . PHE A 1 6   ? 3.352   -4.424  -10.081 1.00 15.57 ? 6   PHE A CE1   1 
ATOM   44   C CE2   . PHE A 1 6   ? 5.766   -4.348  -10.241 1.00 16.35 ? 6   PHE A CE2   1 
ATOM   45   C CZ    . PHE A 1 6   ? 4.524   -4.695  -10.791 1.00 16.40 ? 6   PHE A CZ    1 
ATOM   46   N N     . TYR A 1 7   ? 5.943   -3.676  -3.750  1.00 10.67 ? 7   TYR A N     1 
ATOM   47   C CA    . TYR A 1 7   ? 6.266   -3.114  -2.435  1.00 10.12 ? 7   TYR A CA    1 
ATOM   48   C C     . TYR A 1 7   ? 7.707   -2.595  -2.364  1.00 10.67 ? 7   TYR A C     1 
ATOM   49   O O     . TYR A 1 7   ? 8.540   -2.935  -3.196  1.00 10.50 ? 7   TYR A O     1 
ATOM   50   C CB    . TYR A 1 7   ? 6.066   -4.180  -1.352  1.00 10.60 ? 7   TYR A CB    1 
ATOM   51   C CG    . TYR A 1 7   ? 7.096   -5.290  -1.405  1.00 14.21 ? 7   TYR A CG    1 
ATOM   52   C CD1   . TYR A 1 7   ? 8.320   -5.170  -0.730  1.00 16.43 ? 7   TYR A CD1   1 
ATOM   53   C CD2   . TYR A 1 7   ? 6.884   -6.429  -2.179  1.00 14.29 ? 7   TYR A CD2   1 
ATOM   54   C CE1   . TYR A 1 7   ? 9.301   -6.154  -0.842  1.00 16.54 ? 7   TYR A CE1   1 
ATOM   55   C CE2   . TYR A 1 7   ? 7.855   -7.409  -2.291  1.00 16.95 ? 7   TYR A CE2   1 
ATOM   56   C CZ    . TYR A 1 7   ? 9.058   -7.256  -1.624  1.00 18.06 ? 7   TYR A CZ    1 
ATOM   57   O OH    . TYR A 1 7   ? 10.032  -8.202  -1.772  1.00 22.86 ? 7   TYR A OH    1 
ATOM   58   N N     . GLY A 1 8   ? 7.984   -1.788  -1.348  1.00 10.71 ? 8   GLY A N     1 
ATOM   59   C CA    . GLY A 1 8   ? 9.325   -1.270  -1.102  1.00 10.33 ? 8   GLY A CA    1 
ATOM   60   C C     . GLY A 1 8   ? 9.548   -1.460  0.393   1.00 12.38 ? 8   GLY A C     1 
ATOM   61   O O     . GLY A 1 8   ? 8.580   -1.411  1.158   1.00 10.55 ? 8   GLY A O     1 
ATOM   62   N N     . THR A 1 9   ? 10.781  -1.713  0.826   1.00 11.21 ? 9   THR A N     1 
ATOM   63   C CA    . THR A 1 9   ? 11.032  -1.927  2.248   1.00 11.52 ? 9   THR A CA    1 
ATOM   64   C C     . THR A 1 9   ? 12.468  -1.574  2.652   1.00 13.99 ? 9   THR A C     1 
ATOM   65   O O     . THR A 1 9   ? 13.395  -1.701  1.845   1.00 13.34 ? 9   THR A O     1 
ATOM   66   C CB    . THR A 1 9   ? 10.731  -3.398  2.623   1.00 10.84 ? 9   THR A CB    1 
ATOM   67   O OG1   . THR A 1 9   ? 10.798  -3.581  4.041   1.00 10.44 ? 9   THR A OG1   1 
ATOM   68   C CG2   . THR A 1 9   ? 11.720  -4.349  1.954   1.00 11.58 ? 9   THR A CG2   1 
ATOM   69   N N     . GLN A 1 10  ? 12.625  -1.051  3.868   1.00 13.03 ? 10  GLN A N     1 
ATOM   70   C CA    . GLN A 1 10  ? 13.943  -0.728  4.414   1.00 14.08 ? 10  GLN A CA    1 
ATOM   71   C C     . GLN A 1 10  ? 14.383  -1.822  5.374   1.00 15.64 ? 10  GLN A C     1 
ATOM   72   O O     . GLN A 1 10  ? 15.453  -2.394  5.208   1.00 18.12 ? 10  GLN A O     1 
ATOM   73   C CB    . GLN A 1 10  ? 13.938  0.608   5.159   1.00 14.06 ? 10  GLN A CB    1 
ATOM   74   C CG    . GLN A 1 10  ? 13.920  1.838   4.273   1.00 15.00 ? 10  GLN A CG    1 
ATOM   75   C CD    . GLN A 1 10  ? 15.115  1.899   3.358   1.00 20.26 ? 10  GLN A CD    1 
ATOM   76   O OE1   . GLN A 1 10  ? 16.249  2.075   3.808   1.00 19.66 ? 10  GLN A OE1   1 
ATOM   77   N NE2   . GLN A 1 10  ? 14.874  1.764   2.063   1.00 16.62 ? 10  GLN A NE2   1 
ATOM   78   N N     . THR A 1 11  ? 13.570  -2.137  6.372   1.00 15.79 ? 11  THR A N     1 
ATOM   79   C CA    . THR A 1 11  ? 13.956  -3.167  7.329   1.00 17.39 ? 11  THR A CA    1 
ATOM   80   C C     . THR A 1 11  ? 13.251  -4.517  7.154   1.00 17.97 ? 11  THR A C     1 
ATOM   81   O O     . THR A 1 11  ? 13.438  -5.432  7.954   1.00 20.89 ? 11  THR A O     1 
ATOM   82   C CB    . THR A 1 11  ? 13.864  -2.659  8.804   1.00 18.18 ? 11  THR A CB    1 
ATOM   83   O OG1   . THR A 1 11  ? 12.533  -2.226  9.098   1.00 21.14 ? 11  THR A OG1   1 
ATOM   84   C CG2   . THR A 1 11  ? 14.803  -1.490  9.031   1.00 17.92 ? 11  THR A CG2   1 
ATOM   85   N N     . GLY A 1 12  ? 12.412  -4.642  6.131   1.00 16.19 ? 12  GLY A N     1 
ATOM   86   C CA    . GLY A 1 12  ? 11.768  -5.918  5.884   1.00 14.59 ? 12  GLY A CA    1 
ATOM   87   C C     . GLY A 1 12  ? 10.317  -6.080  6.291   1.00 14.64 ? 12  GLY A C     1 
ATOM   88   O O     . GLY A 1 12  ? 9.660   -7.029  5.857   1.00 15.13 ? 12  GLY A O     1 
ATOM   89   N N     . VAL A 1 13  ? 9.793   -5.145  7.071   1.00 13.95 ? 13  VAL A N     1 
ATOM   90   C CA    . VAL A 1 13  ? 8.423   -5.247  7.537   1.00 13.85 ? 13  VAL A CA    1 
ATOM   91   C C     . VAL A 1 13  ? 7.403   -5.242  6.390   1.00 13.30 ? 13  VAL A C     1 
ATOM   92   O O     . VAL A 1 13  ? 6.564   -6.137  6.309   1.00 13.08 ? 13  VAL A O     1 
ATOM   93   C CB    . VAL A 1 13  ? 8.096   -4.143  8.559   1.00 13.61 ? 13  VAL A CB    1 
ATOM   94   C CG1   . VAL A 1 13  ? 6.641   -4.250  9.000   1.00 13.60 ? 13  VAL A CG1   1 
ATOM   95   C CG2   . VAL A 1 13  ? 9.019   -4.282  9.763   1.00 14.76 ? 13  VAL A CG2   1 
ATOM   96   N N     . THR A 1 14  ? 7.492   -4.258  5.501   1.00 11.33 ? 14  THR A N     1 
ATOM   97   C CA    . THR A 1 14  ? 6.552   -4.170  4.385   1.00 12.77 ? 14  THR A CA    1 
ATOM   98   C C     . THR A 1 14  ? 6.614   -5.399  3.478   1.00 15.46 ? 14  THR A C     1 
ATOM   99   O O     . THR A 1 14  ? 5.608   -5.796  2.873   1.00 15.27 ? 14  THR A O     1 
ATOM   100  C CB    . THR A 1 14  ? 6.742   -2.887  3.594   1.00 9.38  ? 14  THR A CB    1 
ATOM   101  O OG1   . THR A 1 14  ? 6.607   -1.774  4.483   1.00 9.98  ? 14  THR A OG1   1 
ATOM   102  C CG2   . THR A 1 14  ? 5.680   -2.756  2.501   1.00 9.15  ? 14  THR A CG2   1 
ATOM   103  N N     . GLN A 1 15  ? 7.782   -6.033  3.414   1.00 14.69 ? 15  GLN A N     1 
ATOM   104  C CA    . GLN A 1 15  ? 7.920   -7.236  2.614   1.00 14.86 ? 15  GLN A CA    1 
ATOM   105  C C     . GLN A 1 15  ? 7.131   -8.362  3.272   1.00 15.64 ? 15  GLN A C     1 
ATOM   106  O O     . GLN A 1 15  ? 6.427   -9.116  2.601   1.00 16.03 ? 15  GLN A O     1 
ATOM   107  C CB    . GLN A 1 15  ? 9.385   -7.643  2.497   1.00 17.12 ? 15  GLN A CB    1 
ATOM   108  C CG    . GLN A 1 15  ? 9.533   -8.991  1.824   1.00 20.21 ? 15  GLN A CG    1 
ATOM   109  C CD    . GLN A 1 15  ? 10.959  -9.317  1.473   1.00 24.60 ? 15  GLN A CD    1 
ATOM   110  O OE1   . GLN A 1 15  ? 11.795  -8.427  1.312   1.00 28.24 ? 15  GLN A OE1   1 
ATOM   111  N NE2   . GLN A 1 15  ? 11.242  -10.598 1.318   1.00 26.44 ? 15  GLN A NE2   1 
ATOM   112  N N     . THR A 1 16  ? 7.254   -8.479  4.591   1.00 14.76 ? 16  THR A N     1 
ATOM   113  C CA    . THR A 1 16  ? 6.551   -9.519  5.322   1.00 15.55 ? 16  THR A CA    1 
ATOM   114  C C     . THR A 1 16  ? 5.041   -9.363  5.155   1.00 14.58 ? 16  THR A C     1 
ATOM   115  O O     . THR A 1 16  ? 4.325   -10.345 4.966   1.00 15.27 ? 16  THR A O     1 
ATOM   116  C CB    . THR A 1 16  ? 6.917   -9.487  6.813   1.00 16.68 ? 16  THR A CB    1 
ATOM   117  O OG1   . THR A 1 16  ? 8.308   -9.806  6.957   1.00 19.97 ? 16  THR A OG1   1 
ATOM   118  C CG2   . THR A 1 16  ? 6.097   -10.505 7.582   1.00 18.81 ? 16  THR A CG2   1 
ATOM   119  N N     . ILE A 1 17  ? 4.571   -8.124  5.225   1.00 13.93 ? 17  ILE A N     1 
ATOM   120  C CA    . ILE A 1 17  ? 3.149   -7.828  5.057   1.00 13.97 ? 17  ILE A CA    1 
ATOM   121  C C     . ILE A 1 17  ? 2.729   -8.230  3.640   1.00 14.35 ? 17  ILE A C     1 
ATOM   122  O O     . ILE A 1 17  ? 1.686   -8.860  3.445   1.00 14.17 ? 17  ILE A O     1 
ATOM   123  C CB    . ILE A 1 17  ? 2.869   -6.328  5.246   1.00 14.47 ? 17  ILE A CB    1 
ATOM   124  C CG1   . ILE A 1 17  ? 3.243   -5.897  6.668   1.00 14.95 ? 17  ILE A CG1   1 
ATOM   125  C CG2   . ILE A 1 17  ? 1.387   -6.028  4.984   1.00 16.62 ? 17  ILE A CG2   1 
ATOM   126  C CD1   . ILE A 1 17  ? 3.149   -4.406  6.881   1.00 16.89 ? 17  ILE A CD1   1 
ATOM   127  N N     . ALA A 1 18  ? 3.555   -7.869  2.658   1.00 12.08 ? 18  ALA A N     1 
ATOM   128  C CA    . ALA A 1 18  ? 3.279   -8.188  1.263   1.00 12.66 ? 18  ALA A CA    1 
ATOM   129  C C     . ALA A 1 18  ? 3.118   -9.691  1.062   1.00 13.94 ? 18  ALA A C     1 
ATOM   130  O O     . ALA A 1 18  ? 2.176   -10.137 0.400   1.00 13.67 ? 18  ALA A O     1 
ATOM   131  C CB    . ALA A 1 18  ? 4.379   -7.641  0.370   1.00 11.89 ? 18  ALA A CB    1 
ATOM   132  N N     . GLU A 1 19  ? 4.010   -10.476 1.656   1.00 15.16 ? 19  GLU A N     1 
ATOM   133  C CA    . GLU A 1 19  ? 3.929   -11.930 1.539   1.00 17.12 ? 19  GLU A CA    1 
ATOM   134  C C     . GLU A 1 19  ? 2.645   -12.486 2.163   1.00 18.03 ? 19  GLU A C     1 
ATOM   135  O O     . GLU A 1 19  ? 2.020   -13.396 1.605   1.00 18.27 ? 19  GLU A O     1 
ATOM   136  C CB    . GLU A 1 19  ? 5.178   -12.591 2.136   1.00 19.74 ? 19  GLU A CB    1 
ATOM   137  C CG    . GLU A 1 19  ? 6.429   -12.280 1.326   1.00 23.34 ? 19  GLU A CG    1 
ATOM   138  C CD    . GLU A 1 19  ? 7.727   -12.580 2.058   1.00 27.54 ? 19  GLU A CD    1 
ATOM   139  O OE1   . GLU A 1 19  ? 7.702   -12.760 3.297   1.00 30.38 ? 19  GLU A OE1   1 
ATOM   140  O OE2   . GLU A 1 19  ? 8.781   -12.614 1.386   1.00 29.69 ? 19  GLU A OE2   1 
ATOM   141  N N     . SER A 1 20  ? 2.231   -11.917 3.297   1.00 17.66 ? 20  SER A N     1 
ATOM   142  C CA    . SER A 1 20  ? 1.000   -12.347 3.953   1.00 17.95 ? 20  SER A CA    1 
ATOM   143  C C     . SER A 1 20  ? -0.216  -12.013 3.097   1.00 16.13 ? 20  SER A C     1 
ATOM   144  O O     . SER A 1 20  ? -1.142  -12.809 3.011   1.00 17.62 ? 20  SER A O     1 
ATOM   145  C CB    . SER A 1 20  ? 0.861   -11.688 5.321   1.00 19.55 ? 20  SER A CB    1 
ATOM   146  O OG    . SER A 1 20  ? 1.945   -12.070 6.141   1.00 23.97 ? 20  SER A OG    1 
ATOM   147  N N     . ILE A 1 21  ? -0.217  -10.835 2.476   1.00 14.40 ? 21  ILE A N     1 
ATOM   148  C CA    . ILE A 1 21  ? -1.317  -10.421 1.608   1.00 14.78 ? 21  ILE A CA    1 
ATOM   149  C C     . ILE A 1 21  ? -1.433  -11.410 0.446   1.00 17.15 ? 21  ILE A C     1 
ATOM   150  O O     . ILE A 1 21  ? -2.523  -11.923 0.170   1.00 17.74 ? 21  ILE A O     1 
ATOM   151  C CB    . ILE A 1 21  ? -1.111  -8.965  1.069   1.00 13.75 ? 21  ILE A CB    1 
ATOM   152  C CG1   . ILE A 1 21  ? -1.312  -7.953  2.208   1.00 12.95 ? 21  ILE A CG1   1 
ATOM   153  C CG2   . ILE A 1 21  ? -2.085  -8.653  -0.087  1.00 12.90 ? 21  ILE A CG2   1 
ATOM   154  C CD1   . ILE A 1 21  ? -0.979  -6.519  1.838   1.00 12.27 ? 21  ILE A CD1   1 
ATOM   155  N N     . GLN A 1 22  ? -0.306  -11.721 -0.193  1.00 16.81 ? 22  GLN A N     1 
ATOM   156  C CA    . GLN A 1 22  ? -0.310  -12.658 -1.317  1.00 19.00 ? 22  GLN A CA    1 
ATOM   157  C C     . GLN A 1 22  ? -0.896  -13.993 -0.887  1.00 20.30 ? 22  GLN A C     1 
ATOM   158  O O     . GLN A 1 22  ? -1.762  -14.556 -1.566  1.00 20.42 ? 22  GLN A O     1 
ATOM   159  C CB    . GLN A 1 22  ? 1.103   -12.877 -1.865  1.00 17.94 ? 22  GLN A CB    1 
ATOM   160  C CG    . GLN A 1 22  ? 1.178   -13.902 -3.003  1.00 18.39 ? 22  GLN A CG    1 
ATOM   161  C CD    . GLN A 1 22  ? 2.606   -14.212 -3.421  1.00 21.31 ? 22  GLN A CD    1 
ATOM   162  O OE1   . GLN A 1 22  ? 3.468   -14.467 -2.580  1.00 20.69 ? 22  GLN A OE1   1 
ATOM   163  N NE2   . GLN A 1 22  ? 2.863   -14.190 -4.718  1.00 19.30 ? 22  GLN A NE2   1 
ATOM   164  N N     . GLN A 1 23  ? -0.433  -14.492 0.253   1.00 21.93 ? 23  GLN A N     1 
ATOM   165  C CA    . GLN A 1 23  ? -0.905  -15.769 0.766   1.00 24.23 ? 23  GLN A CA    1 
ATOM   166  C C     . GLN A 1 23  ? -2.411  -15.718 1.055   1.00 23.50 ? 23  GLN A C     1 
ATOM   167  O O     . GLN A 1 23  ? -3.147  -16.630 0.700   1.00 23.45 ? 23  GLN A O     1 
ATOM   168  C CB    . GLN A 1 23  ? -0.123  -16.131 2.021   1.00 29.31 ? 23  GLN A CB    1 
ATOM   169  C CG    . GLN A 1 23  ? -0.080  -17.612 2.312   1.00 39.46 ? 23  GLN A CG    1 
ATOM   170  C CD    . GLN A 1 23  ? 0.582   -17.916 3.651   1.00 45.37 ? 23  GLN A CD    1 
ATOM   171  O OE1   . GLN A 1 23  ? 0.096   -18.755 4.419   1.00 49.01 ? 23  GLN A OE1   1 
ATOM   172  N NE2   . GLN A 1 23  ? 1.695   -17.235 3.939   1.00 46.94 ? 23  GLN A NE2   1 
ATOM   173  N N     . GLU A 1 24  ? -2.871  -14.622 1.645   1.00 22.52 ? 24  GLU A N     1 
ATOM   174  C CA    . GLU A 1 24  ? -4.285  -14.453 1.949   1.00 24.13 ? 24  GLU A CA    1 
ATOM   175  C C     . GLU A 1 24  ? -5.160  -14.475 0.699   1.00 23.87 ? 24  GLU A C     1 
ATOM   176  O O     . GLU A 1 24  ? -6.270  -15.002 0.719   1.00 23.64 ? 24  GLU A O     1 
ATOM   177  C CB    . GLU A 1 24  ? -4.513  -13.141 2.688   1.00 25.73 ? 24  GLU A CB    1 
ATOM   178  C CG    . GLU A 1 24  ? -4.488  -13.291 4.172   1.00 30.26 ? 24  GLU A CG    1 
ATOM   179  C CD    . GLU A 1 24  ? -5.545  -14.261 4.647   1.00 33.20 ? 24  GLU A CD    1 
ATOM   180  O OE1   . GLU A 1 24  ? -6.737  -14.078 4.302   1.00 34.50 ? 24  GLU A OE1   1 
ATOM   181  O OE2   . GLU A 1 24  ? -5.176  -15.218 5.352   1.00 35.04 ? 24  GLU A OE2   1 
ATOM   182  N N     . PHE A 1 25  ? -4.672  -13.862 -0.375  1.00 22.07 ? 25  PHE A N     1 
ATOM   183  C CA    . PHE A 1 25  ? -5.413  -13.815 -1.623  1.00 21.78 ? 25  PHE A CA    1 
ATOM   184  C C     . PHE A 1 25  ? -5.539  -15.193 -2.247  1.00 22.63 ? 25  PHE A C     1 
ATOM   185  O O     . PHE A 1 25  ? -6.421  -15.419 -3.073  1.00 24.35 ? 25  PHE A O     1 
ATOM   186  C CB    . PHE A 1 25  ? -4.739  -12.867 -2.614  1.00 19.46 ? 25  PHE A CB    1 
ATOM   187  C CG    . PHE A 1 25  ? -5.369  -11.508 -2.682  1.00 20.47 ? 25  PHE A CG    1 
ATOM   188  C CD1   . PHE A 1 25  ? -6.575  -11.321 -3.353  1.00 19.01 ? 25  PHE A CD1   1 
ATOM   189  C CD2   . PHE A 1 25  ? -4.760  -10.407 -2.074  1.00 19.13 ? 25  PHE A CD2   1 
ATOM   190  C CE1   . PHE A 1 25  ? -7.171  -10.065 -3.422  1.00 19.96 ? 25  PHE A CE1   1 
ATOM   191  C CE2   . PHE A 1 25  ? -5.351  -9.142  -2.138  1.00 19.80 ? 25  PHE A CE2   1 
ATOM   192  C CZ    . PHE A 1 25  ? -6.558  -8.974  -2.813  1.00 20.75 ? 25  PHE A CZ    1 
ATOM   193  N N     . GLY A 1 26  ? -4.651  -16.106 -1.868  1.00 22.34 ? 26  GLY A N     1 
ATOM   194  C CA    . GLY A 1 26  ? -4.689  -17.441 -2.426  1.00 23.83 ? 26  GLY A CA    1 
ATOM   195  C C     . GLY A 1 26  ? -3.360  -17.920 -2.985  1.00 24.63 ? 26  GLY A C     1 
ATOM   196  O O     . GLY A 1 26  ? -3.280  -19.029 -3.524  1.00 25.14 ? 26  GLY A O     1 
ATOM   197  N N     . GLY A 1 27  ? -2.329  -17.078 -2.922  1.00 24.51 ? 27  GLY A N     1 
ATOM   198  C CA    . GLY A 1 27  ? -1.022  -17.500 -3.395  1.00 23.98 ? 27  GLY A CA    1 
ATOM   199  C C     . GLY A 1 27  ? -0.513  -16.896 -4.687  1.00 23.65 ? 27  GLY A C     1 
ATOM   200  O O     . GLY A 1 27  ? -1.119  -15.981 -5.237  1.00 22.80 ? 27  GLY A O     1 
ATOM   201  N N     . GLU A 1 28  ? 0.585   -17.460 -5.185  1.00 24.59 ? 28  GLU A N     1 
ATOM   202  C CA    . GLU A 1 28  ? 1.259   -16.993 -6.401  1.00 28.21 ? 28  GLU A CA    1 
ATOM   203  C C     . GLU A 1 28  ? 0.428   -16.954 -7.679  1.00 26.25 ? 28  GLU A C     1 
ATOM   204  O O     . GLU A 1 28  ? 0.692   -16.134 -8.561  1.00 25.27 ? 28  GLU A O     1 
ATOM   205  C CB    . GLU A 1 28  ? 2.532   -17.808 -6.666  1.00 32.35 ? 28  GLU A CB    1 
ATOM   206  C CG    . GLU A 1 28  ? 3.528   -17.816 -5.512  1.00 40.63 ? 28  GLU A CG    1 
ATOM   207  C CD    . GLU A 1 28  ? 4.961   -18.062 -5.977  1.00 45.42 ? 28  GLU A CD    1 
ATOM   208  O OE1   . GLU A 1 28  ? 5.161   -18.912 -6.882  1.00 46.67 ? 28  GLU A OE1   1 
ATOM   209  O OE2   . GLU A 1 28  ? 5.886   -17.394 -5.444  1.00 47.44 ? 28  GLU A OE2   1 
ATOM   210  N N     . SER A 1 29  ? -0.546  -17.848 -7.803  1.00 25.48 ? 29  SER A N     1 
ATOM   211  C CA    . SER A 1 29  ? -1.374  -17.863 -9.005  1.00 25.46 ? 29  SER A CA    1 
ATOM   212  C C     . SER A 1 29  ? -2.411  -16.748 -9.010  1.00 23.49 ? 29  SER A C     1 
ATOM   213  O O     . SER A 1 29  ? -2.974  -16.428 -10.055 1.00 24.99 ? 29  SER A O     1 
ATOM   214  C CB    . SER A 1 29  ? -2.038  -19.227 -9.193  1.00 26.97 ? 29  SER A CB    1 
ATOM   215  O OG    . SER A 1 29  ? -2.735  -19.626 -8.029  1.00 31.30 ? 29  SER A OG    1 
ATOM   216  N N     . ILE A 1 30  ? -2.614  -16.114 -7.860  1.00 21.40 ? 30  ILE A N     1 
ATOM   217  C CA    . ILE A 1 30  ? -3.580  -15.022 -7.746  1.00 20.03 ? 30  ILE A CA    1 
ATOM   218  C C     . ILE A 1 30  ? -2.906  -13.644 -7.744  1.00 18.51 ? 30  ILE A C     1 
ATOM   219  O O     . ILE A 1 30  ? -3.406  -12.699 -8.355  1.00 17.76 ? 30  ILE A O     1 
ATOM   220  C CB    . ILE A 1 30  ? -4.416  -15.136 -6.447  1.00 20.12 ? 30  ILE A CB    1 
ATOM   221  C CG1   . ILE A 1 30  ? -4.915  -16.571 -6.240  1.00 21.94 ? 30  ILE A CG1   1 
ATOM   222  C CG2   . ILE A 1 30  ? -5.563  -14.157 -6.492  1.00 18.68 ? 30  ILE A CG2   1 
ATOM   223  C CD1   . ILE A 1 30  ? -5.848  -17.063 -7.323  1.00 22.60 ? 30  ILE A CD1   1 
ATOM   224  N N     . VAL A 1 31  ? -1.776  -13.529 -7.051  1.00 17.29 ? 31  VAL A N     1 
ATOM   225  C CA    . VAL A 1 31  ? -1.064  -12.259 -6.945  1.00 16.38 ? 31  VAL A CA    1 
ATOM   226  C C     . VAL A 1 31  ? 0.427   -12.420 -7.245  1.00 16.71 ? 31  VAL A C     1 
ATOM   227  O O     . VAL A 1 31  ? 1.077   -13.318 -6.707  1.00 17.22 ? 31  VAL A O     1 
ATOM   228  C CB    . VAL A 1 31  ? -1.197  -11.665 -5.499  1.00 18.35 ? 31  VAL A CB    1 
ATOM   229  C CG1   . VAL A 1 31  ? -0.357  -10.392 -5.353  1.00 18.66 ? 31  VAL A CG1   1 
ATOM   230  C CG2   . VAL A 1 31  ? -2.651  -11.354 -5.176  1.00 17.57 ? 31  VAL A CG2   1 
ATOM   231  N N     . ASP A 1 32  ? 0.954   -11.554 -8.109  1.00 16.47 ? 32  ASP A N     1 
ATOM   232  C CA    . ASP A 1 32  ? 2.386   -11.542 -8.441  1.00 15.79 ? 32  ASP A CA    1 
ATOM   233  C C     . ASP A 1 32  ? 3.055   -10.608 -7.428  1.00 14.88 ? 32  ASP A C     1 
ATOM   234  O O     . ASP A 1 32  ? 2.598   -9.485  -7.227  1.00 15.44 ? 32  ASP A O     1 
ATOM   235  C CB    . ASP A 1 32  ? 2.616   -10.989 -9.857  1.00 16.17 ? 32  ASP A CB    1 
ATOM   236  C CG    . ASP A 1 32  ? 2.199   -11.964 -10.950 1.00 15.08 ? 32  ASP A CG    1 
ATOM   237  O OD1   . ASP A 1 32  ? 2.351   -13.182 -10.758 1.00 18.26 ? 32  ASP A OD1   1 
ATOM   238  O OD2   . ASP A 1 32  ? 1.737   -11.511 -12.011 1.00 16.23 ? 32  ASP A OD2   1 
ATOM   239  N N     . LEU A 1 33  ? 4.100   -11.084 -6.766  1.00 14.93 ? 33  LEU A N     1 
ATOM   240  C CA    . LEU A 1 33  ? 4.794   -10.281 -5.766  1.00 15.66 ? 33  LEU A CA    1 
ATOM   241  C C     . LEU A 1 33  ? 6.096   -9.691  -6.336  1.00 14.59 ? 33  LEU A C     1 
ATOM   242  O O     . LEU A 1 33  ? 6.954   -10.424 -6.844  1.00 15.36 ? 33  LEU A O     1 
ATOM   243  C CB    . LEU A 1 33  ? 5.072   -11.150 -4.541  1.00 18.35 ? 33  LEU A CB    1 
ATOM   244  C CG    . LEU A 1 33  ? 5.731   -10.497 -3.334  1.00 20.94 ? 33  LEU A CG    1 
ATOM   245  C CD1   . LEU A 1 33  ? 4.823   -9.429  -2.789  1.00 23.08 ? 33  LEU A CD1   1 
ATOM   246  C CD2   . LEU A 1 33  ? 5.984   -11.564 -2.283  1.00 23.81 ? 33  LEU A CD2   1 
ATOM   247  N N     . ASN A 1 34  ? 6.240   -8.374  -6.260  1.00 13.53 ? 34  ASN A N     1 
ATOM   248  C CA    . ASN A 1 34  ? 7.425   -7.713  -6.803  1.00 14.80 ? 34  ASN A CA    1 
ATOM   249  C C     . ASN A 1 34  ? 7.999   -6.636  -5.902  1.00 14.94 ? 34  ASN A C     1 
ATOM   250  O O     . ASN A 1 34  ? 7.265   -5.774  -5.412  1.00 14.40 ? 34  ASN A O     1 
ATOM   251  C CB    . ASN A 1 34  ? 7.104   -7.066  -8.148  1.00 15.17 ? 34  ASN A CB    1 
ATOM   252  C CG    . ASN A 1 34  ? 6.634   -8.066  -9.177  1.00 19.36 ? 34  ASN A CG    1 
ATOM   253  O OD1   . ASN A 1 34  ? 5.445   -8.157  -9.471  1.00 24.21 ? 34  ASN A OD1   1 
ATOM   254  N ND2   . ASN A 1 34  ? 7.558   -8.832  -9.719  1.00 18.28 ? 34  ASN A ND2   1 
ATOM   255  N N     . ASP A 1 35  ? 9.317   -6.669  -5.710  1.00 14.65 ? 35  ASP A N     1 
ATOM   256  C CA    . ASP A 1 35  ? 10.011  -5.651  -4.927  1.00 12.85 ? 35  ASP A CA    1 
ATOM   257  C C     . ASP A 1 35  ? 10.208  -4.551  -5.958  1.00 12.56 ? 35  ASP A C     1 
ATOM   258  O O     . ASP A 1 35  ? 10.732  -4.808  -7.048  1.00 13.98 ? 35  ASP A O     1 
ATOM   259  C CB    . ASP A 1 35  ? 11.354  -6.212  -4.429  1.00 15.30 ? 35  ASP A CB    1 
ATOM   260  C CG    . ASP A 1 35  ? 12.162  -5.210  -3.597  1.00 16.90 ? 35  ASP A CG    1 
ATOM   261  O OD1   . ASP A 1 35  ? 11.906  -3.990  -3.672  1.00 15.40 ? 35  ASP A OD1   1 
ATOM   262  O OD2   . ASP A 1 35  ? 13.081  -5.657  -2.873  1.00 18.30 ? 35  ASP A OD2   1 
ATOM   263  N N     . ILE A 1 36  ? 9.780   -3.332  -5.641  1.00 10.59 ? 36  ILE A N     1 
ATOM   264  C CA    . ILE A 1 36  ? 9.877   -2.205  -6.575  1.00 11.20 ? 36  ILE A CA    1 
ATOM   265  C C     . ILE A 1 36  ? 11.332  -1.853  -6.910  1.00 13.11 ? 36  ILE A C     1 
ATOM   266  O O     . ILE A 1 36  ? 11.602  -1.202  -7.917  1.00 13.13 ? 36  ILE A O     1 
ATOM   267  C CB    . ILE A 1 36  ? 9.132   -0.964  -6.038  1.00 10.76 ? 36  ILE A CB    1 
ATOM   268  C CG1   . ILE A 1 36  ? 8.852   0.044   -7.149  1.00 12.15 ? 36  ILE A CG1   1 
ATOM   269  C CG2   . ILE A 1 36  ? 9.932   -0.293  -4.949  1.00 10.87 ? 36  ILE A CG2   1 
ATOM   270  C CD1   . ILE A 1 36  ? 7.810   -0.419  -8.161  1.00 12.51 ? 36  ILE A CD1   1 
ATOM   271  N N     . ALA A 1 37  ? 12.255  -2.294  -6.057  1.00 14.25 ? 37  ALA A N     1 
ATOM   272  C CA    . ALA A 1 37  ? 13.684  -2.064  -6.259  1.00 17.66 ? 37  ALA A CA    1 
ATOM   273  C C     . ALA A 1 37  ? 14.151  -2.772  -7.536  1.00 20.14 ? 37  ALA A C     1 
ATOM   274  O O     . ALA A 1 37  ? 15.066  -2.300  -8.198  1.00 21.53 ? 37  ALA A O     1 
ATOM   275  C CB    . ALA A 1 37  ? 14.461  -2.585  -5.070  1.00 17.84 ? 37  ALA A CB    1 
ATOM   276  N N     . ASN A 1 38  ? 13.519  -3.898  -7.864  1.00 22.05 ? 38  ASN A N     1 
ATOM   277  C CA    . ASN A 1 38  ? 13.862  -4.684  -9.058  1.00 25.53 ? 38  ASN A CA    1 
ATOM   278  C C     . ASN A 1 38  ? 12.964  -4.379  -10.224 1.00 26.59 ? 38  ASN A C     1 
ATOM   279  O O     . ASN A 1 38  ? 13.072  -5.017  -11.269 1.00 28.68 ? 38  ASN A O     1 
ATOM   280  C CB    . ASN A 1 38  ? 13.689  -6.175  -8.805  1.00 26.80 ? 38  ASN A CB    1 
ATOM   281  C CG    . ASN A 1 38  ? 14.531  -6.664  -7.689  1.00 30.28 ? 38  ASN A CG    1 
ATOM   282  O OD1   . ASN A 1 38  ? 15.717  -6.346  -7.609  1.00 33.19 ? 38  ASN A OD1   1 
ATOM   283  N ND2   . ASN A 1 38  ? 13.932  -7.442  -6.798  1.00 31.88 ? 38  ASN A ND2   1 
ATOM   284  N N     . ALA A 1 39  ? 12.037  -3.454  -10.045 1.00 27.41 ? 39  ALA A N     1 
ATOM   285  C CA    . ALA A 1 39  ? 11.098  -3.159  -11.102 1.00 27.58 ? 39  ALA A CA    1 
ATOM   286  C C     . ALA A 1 39  ? 11.388  -1.886  -11.868 1.00 27.74 ? 39  ALA A C     1 
ATOM   287  O O     . ALA A 1 39  ? 12.233  -1.072  -11.492 1.00 27.74 ? 39  ALA A O     1 
ATOM   288  C CB    . ALA A 1 39  ? 9.677   -3.133  -10.543 1.00 28.20 ? 39  ALA A CB    1 
ATOM   289  N N     . ASP A 1 40  ? 10.660  -1.743  -12.963 1.00 28.14 ? 40  ASP A N     1 
ATOM   290  C CA    . ASP A 1 40  ? 10.739  -0.597  -13.842 1.00 29.28 ? 40  ASP A CA    1 
ATOM   291  C C     . ASP A 1 40  ? 9.313   -0.048  -13.769 1.00 27.53 ? 40  ASP A C     1 
ATOM   292  O O     . ASP A 1 40  ? 8.373   -0.826  -13.612 1.00 27.23 ? 40  ASP A O     1 
ATOM   293  C CB    . ASP A 1 40  ? 11.034  -1.100  -15.254 1.00 34.54 ? 40  ASP A CB    1 
ATOM   294  C CG    . ASP A 1 40  ? 11.704  -0.069  -16.105 1.00 39.66 ? 40  ASP A CG    1 
ATOM   295  O OD1   . ASP A 1 40  ? 10.990  0.803   -16.655 1.00 43.12 ? 40  ASP A OD1   1 
ATOM   296  O OD2   . ASP A 1 40  ? 12.949  -0.136  -16.221 1.00 43.20 ? 40  ASP A OD2   1 
ATOM   297  N N     . ALA A 1 41  ? 9.134   1.266   -13.869 1.00 26.02 ? 41  ALA A N     1 
ATOM   298  C CA    . ALA A 1 41  ? 7.786   1.839   -13.798 1.00 25.43 ? 41  ALA A CA    1 
ATOM   299  C C     . ALA A 1 41  ? 6.850   1.220   -14.834 1.00 24.88 ? 41  ALA A C     1 
ATOM   300  O O     . ALA A 1 41  ? 5.664   1.030   -14.570 1.00 24.04 ? 41  ALA A O     1 
ATOM   301  C CB    . ALA A 1 41  ? 7.830   3.348   -13.970 1.00 24.39 ? 41  ALA A CB    1 
ATOM   302  N N     . SER A 1 42  ? 7.393   0.877   -15.999 1.00 23.98 ? 42  SER A N     1 
ATOM   303  C CA    . SER A 1 42  ? 6.601   0.285   -17.064 1.00 24.14 ? 42  SER A CA    1 
ATOM   304  C C     . SER A 1 42  ? 6.043   -1.086  -16.676 1.00 23.04 ? 42  SER A C     1 
ATOM   305  O O     . SER A 1 42  ? 5.069   -1.562  -17.265 1.00 22.68 ? 42  SER A O     1 
ATOM   306  C CB    . SER A 1 42  ? 7.431   0.190   -18.348 1.00 27.39 ? 42  SER A CB    1 
ATOM   307  O OG    . SER A 1 42  ? 8.614   -0.572  -18.149 1.00 32.66 ? 42  SER A OG    1 
ATOM   308  N N     . ASP A 1 43  ? 6.637   -1.721  -15.673 1.00 21.34 ? 43  ASP A N     1 
ATOM   309  C CA    . ASP A 1 43  ? 6.137   -3.014  -15.232 1.00 20.57 ? 43  ASP A CA    1 
ATOM   310  C C     . ASP A 1 43  ? 4.723   -2.892  -14.673 1.00 18.04 ? 43  ASP A C     1 
ATOM   311  O O     . ASP A 1 43  ? 3.985   -3.869  -14.649 1.00 18.32 ? 43  ASP A O     1 
ATOM   312  C CB    . ASP A 1 43  ? 7.054   -3.637  -14.184 1.00 21.55 ? 43  ASP A CB    1 
ATOM   313  C CG    . ASP A 1 43  ? 8.406   -4.044  -14.752 1.00 24.88 ? 43  ASP A CG    1 
ATOM   314  O OD1   . ASP A 1 43  ? 8.535   -4.157  -15.987 1.00 24.34 ? 43  ASP A OD1   1 
ATOM   315  O OD2   . ASP A 1 43  ? 9.342   -4.255  -13.953 1.00 26.46 ? 43  ASP A OD2   1 
ATOM   316  N N     . LEU A 1 44  ? 4.349   -1.690  -14.248 1.00 17.05 ? 44  LEU A N     1 
ATOM   317  C CA    . LEU A 1 44  ? 3.019   -1.447  -13.689 1.00 17.75 ? 44  LEU A CA    1 
ATOM   318  C C     . LEU A 1 44  ? 1.914   -1.422  -14.766 1.00 18.46 ? 44  LEU A C     1 
ATOM   319  O O     . LEU A 1 44  ? 0.732   -1.620  -14.462 1.00 17.48 ? 44  LEU A O     1 
ATOM   320  C CB    . LEU A 1 44  ? 3.011   -0.149  -12.867 1.00 18.26 ? 44  LEU A CB    1 
ATOM   321  C CG    . LEU A 1 44  ? 3.516   -0.168  -11.401 1.00 20.00 ? 44  LEU A CG    1 
ATOM   322  C CD1   . LEU A 1 44  ? 4.926   -0.679  -11.294 1.00 21.22 ? 44  LEU A CD1   1 
ATOM   323  C CD2   . LEU A 1 44  ? 3.450   1.229   -10.811 1.00 21.61 ? 44  LEU A CD2   1 
ATOM   324  N N     . ASN A 1 45  ? 2.311   -1.250  -16.025 1.00 17.77 ? 45  ASN A N     1 
ATOM   325  C CA    . ASN A 1 45  ? 1.354   -1.216  -17.137 1.00 17.77 ? 45  ASN A CA    1 
ATOM   326  C C     . ASN A 1 45  ? 0.634   -2.545  -17.412 1.00 16.31 ? 45  ASN A C     1 
ATOM   327  O O     . ASN A 1 45  ? -0.461  -2.558  -17.965 1.00 18.45 ? 45  ASN A O     1 
ATOM   328  C CB    . ASN A 1 45  ? 2.062   -0.813  -18.436 1.00 19.05 ? 45  ASN A CB    1 
ATOM   329  C CG    . ASN A 1 45  ? 2.277   0.676   -18.558 1.00 21.54 ? 45  ASN A CG    1 
ATOM   330  O OD1   . ASN A 1 45  ? 1.361   1.472   -18.350 1.00 25.53 ? 45  ASN A OD1   1 
ATOM   331  N ND2   . ASN A 1 45  ? 3.480   1.061   -18.962 1.00 23.50 ? 45  ASN A ND2   1 
ATOM   332  N N     . ALA A 1 46  ? 1.256   -3.656  -17.045 1.00 14.46 ? 46  ALA A N     1 
ATOM   333  C CA    . ALA A 1 46  ? 0.722   -4.982  -17.323 1.00 13.65 ? 46  ALA A CA    1 
ATOM   334  C C     . ALA A 1 46  ? -0.537  -5.399  -16.581 1.00 14.61 ? 46  ALA A C     1 
ATOM   335  O O     . ALA A 1 46  ? -1.164  -6.386  -16.963 1.00 15.68 ? 46  ALA A O     1 
ATOM   336  C CB    . ALA A 1 46  ? 1.807   -6.022  -17.072 1.00 13.76 ? 46  ALA A CB    1 
ATOM   337  N N     . TYR A 1 47  ? -0.904  -4.669  -15.529 1.00 13.94 ? 47  TYR A N     1 
ATOM   338  C CA    . TYR A 1 47  ? -2.029  -5.069  -14.691 1.00 12.35 ? 47  TYR A CA    1 
ATOM   339  C C     . TYR A 1 47  ? -3.222  -4.142  -14.683 1.00 11.91 ? 47  TYR A C     1 
ATOM   340  O O     . TYR A 1 47  ? -3.090  -2.939  -14.854 1.00 13.17 ? 47  TYR A O     1 
ATOM   341  C CB    . TYR A 1 47  ? -1.553  -5.232  -13.243 1.00 11.83 ? 47  TYR A CB    1 
ATOM   342  C CG    . TYR A 1 47  ? -0.478  -6.251  -13.071 1.00 9.99  ? 47  TYR A CG    1 
ATOM   343  C CD1   . TYR A 1 47  ? -0.799  -7.572  -12.788 1.00 9.17  ? 47  TYR A CD1   1 
ATOM   344  C CD2   . TYR A 1 47  ? 0.875   -5.903  -13.206 1.00 11.70 ? 47  TYR A CD2   1 
ATOM   345  C CE1   . TYR A 1 47  ? 0.181   -8.536  -12.644 1.00 11.35 ? 47  TYR A CE1   1 
ATOM   346  C CE2   . TYR A 1 47  ? 1.874   -6.861  -13.064 1.00 11.12 ? 47  TYR A CE2   1 
ATOM   347  C CZ    . TYR A 1 47  ? 1.517   -8.175  -12.785 1.00 11.42 ? 47  TYR A CZ    1 
ATOM   348  O OH    . TYR A 1 47  ? 2.473   -9.150  -12.663 1.00 14.84 ? 47  TYR A OH    1 
ATOM   349  N N     . ASP A 1 48  ? -4.399  -4.724  -14.489 1.00 14.34 ? 48  ASP A N     1 
ATOM   350  C CA    . ASP A 1 48  ? -5.624  -3.938  -14.363 1.00 15.01 ? 48  ASP A CA    1 
ATOM   351  C C     . ASP A 1 48  ? -5.782  -3.620  -12.881 1.00 13.39 ? 48  ASP A C     1 
ATOM   352  O O     . ASP A 1 48  ? -6.433  -2.653  -12.523 1.00 14.96 ? 48  ASP A O     1 
ATOM   353  C CB    . ASP A 1 48  ? -6.841  -4.768  -14.745 1.00 17.34 ? 48  ASP A CB    1 
ATOM   354  C CG    . ASP A 1 48  ? -7.257  -4.589  -16.172 1.00 20.88 ? 48  ASP A CG    1 
ATOM   355  O OD1   . ASP A 1 48  ? -7.093  -3.480  -16.740 1.00 20.57 ? 48  ASP A OD1   1 
ATOM   356  O OD2   . ASP A 1 48  ? -7.787  -5.583  -16.700 1.00 24.31 ? 48  ASP A OD2   1 
ATOM   357  N N     . TYR A 1 49  ? -5.239  -4.488  -12.036 1.00 13.33 ? 49  TYR A N     1 
ATOM   358  C CA    . TYR A 1 49  ? -5.355  -4.365  -10.587 1.00 13.21 ? 49  TYR A CA    1 
ATOM   359  C C     . TYR A 1 49  ? -3.977  -4.350  -9.956  1.00 12.43 ? 49  TYR A C     1 
ATOM   360  O O     . TYR A 1 49  ? -3.185  -5.260  -10.188 1.00 11.69 ? 49  TYR A O     1 
ATOM   361  C CB    . TYR A 1 49  ? -6.114  -5.570  -10.041 1.00 13.42 ? 49  TYR A CB    1 
ATOM   362  C CG    . TYR A 1 49  ? -7.452  -5.777  -10.719 1.00 16.86 ? 49  TYR A CG    1 
ATOM   363  C CD1   . TYR A 1 49  ? -8.458  -4.819  -10.614 1.00 18.92 ? 49  TYR A CD1   1 
ATOM   364  C CD2   . TYR A 1 49  ? -7.713  -6.926  -11.459 1.00 18.89 ? 49  TYR A CD2   1 
ATOM   365  C CE1   . TYR A 1 49  ? -9.692  -4.998  -11.226 1.00 21.84 ? 49  TYR A CE1   1 
ATOM   366  C CE2   . TYR A 1 49  ? -8.956  -7.117  -12.083 1.00 21.02 ? 49  TYR A CE2   1 
ATOM   367  C CZ    . TYR A 1 49  ? -9.933  -6.144  -11.955 1.00 21.81 ? 49  TYR A CZ    1 
ATOM   368  O OH    . TYR A 1 49  ? -11.163 -6.307  -12.554 1.00 25.46 ? 49  TYR A OH    1 
ATOM   369  N N     . LEU A 1 50  ? -3.719  -3.352  -9.124  1.00 11.72 ? 50  LEU A N     1 
ATOM   370  C CA    . LEU A 1 50  ? -2.431  -3.232  -8.449  1.00 11.64 ? 50  LEU A CA    1 
ATOM   371  C C     . LEU A 1 50  ? -2.585  -3.035  -6.942  1.00 10.85 ? 50  LEU A C     1 
ATOM   372  O O     . LEU A 1 50  ? -3.564  -2.446  -6.483  1.00 11.94 ? 50  LEU A O     1 
ATOM   373  C CB    . LEU A 1 50  ? -1.675  -2.026  -9.000  1.00 10.44 ? 50  LEU A CB    1 
ATOM   374  C CG    . LEU A 1 50  ? -1.170  -2.100  -10.442 1.00 13.66 ? 50  LEU A CG    1 
ATOM   375  C CD1   . LEU A 1 50  ? -0.775  -0.701  -10.909 1.00 14.87 ? 50  LEU A CD1   1 
ATOM   376  C CD2   . LEU A 1 50  ? 0.006   -3.067  -10.527 1.00 12.92 ? 50  LEU A CD2   1 
ATOM   377  N N     . ILE A 1 51  ? -1.616  -3.537  -6.181  1.00 10.98 ? 51  ILE A N     1 
ATOM   378  C CA    . ILE A 1 51  ? -1.571  -3.330  -4.741  1.00 9.20  ? 51  ILE A CA    1 
ATOM   379  C C     . ILE A 1 51  ? -0.183  -2.708  -4.536  1.00 10.26 ? 51  ILE A C     1 
ATOM   380  O O     . ILE A 1 51  ? 0.821   -3.268  -4.974  1.00 10.16 ? 51  ILE A O     1 
ATOM   381  C CB    . ILE A 1 51  ? -1.705  -4.630  -3.954  1.00 10.32 ? 51  ILE A CB    1 
ATOM   382  C CG1   . ILE A 1 51  ? -3.032  -5.315  -4.308  1.00 10.28 ? 51  ILE A CG1   1 
ATOM   383  C CG2   . ILE A 1 51  ? -1.621  -4.340  -2.421  1.00 9.50  ? 51  ILE A CG2   1 
ATOM   384  C CD1   . ILE A 1 51  ? -3.234  -6.637  -3.616  1.00 11.17 ? 51  ILE A CD1   1 
ATOM   385  N N     . ILE A 1 52  ? -0.157  -1.523  -3.932  1.00 9.52  ? 52  ILE A N     1 
ATOM   386  C CA    . ILE A 1 52  ? 1.056   -0.746  -3.701  1.00 9.22  ? 52  ILE A CA    1 
ATOM   387  C C     . ILE A 1 52  ? 1.385   -0.703  -2.199  1.00 10.76 ? 52  ILE A C     1 
ATOM   388  O O     . ILE A 1 52  ? 0.605   -0.166  -1.405  1.00 9.98  ? 52  ILE A O     1 
ATOM   389  C CB    . ILE A 1 52  ? 0.834   0.708   -4.218  1.00 11.58 ? 52  ILE A CB    1 
ATOM   390  C CG1   . ILE A 1 52  ? 0.481   0.705   -5.715  1.00 13.56 ? 52  ILE A CG1   1 
ATOM   391  C CG2   . ILE A 1 52  ? 2.047   1.601   -3.950  1.00 11.32 ? 52  ILE A CG2   1 
ATOM   392  C CD1   . ILE A 1 52  ? 1.460   -0.020  -6.574  1.00 13.55 ? 52  ILE A CD1   1 
ATOM   393  N N     . GLY A 1 53  ? 2.544   -1.244  -1.825  1.00 9.69  ? 53  GLY A N     1 
ATOM   394  C CA    . GLY A 1 53  ? 2.954   -1.252  -0.425  1.00 10.18 ? 53  GLY A CA    1 
ATOM   395  C C     . GLY A 1 53  ? 4.182   -0.388  -0.186  1.00 9.94  ? 53  GLY A C     1 
ATOM   396  O O     . GLY A 1 53  ? 5.192   -0.524  -0.883  1.00 9.84  ? 53  GLY A O     1 
ATOM   397  N N     . CYS A 1 54  ? 4.116   0.484   0.811   1.00 7.54  ? 54  CYS A N     1 
ATOM   398  C CA    . CYS A 1 54  ? 5.233   1.377   1.093   1.00 10.30 ? 54  CYS A CA    1 
ATOM   399  C C     . CYS A 1 54  ? 5.227   1.898   2.530   1.00 10.51 ? 54  CYS A C     1 
ATOM   400  O O     . CYS A 1 54  ? 4.218   2.441   2.985   1.00 10.46 ? 54  CYS A O     1 
ATOM   401  C CB    . CYS A 1 54  ? 5.174   2.575   0.142   1.00 9.46  ? 54  CYS A CB    1 
ATOM   402  S SG    . CYS A 1 54  ? 6.571   3.744   0.280   1.00 10.57 ? 54  CYS A SG    1 
ATOM   403  N N     . PRO A 1 55  ? 6.339   1.702   3.275   1.00 11.44 ? 55  PRO A N     1 
ATOM   404  C CA    . PRO A 1 55  ? 6.440   2.180   4.664   1.00 9.04  ? 55  PRO A CA    1 
ATOM   405  C C     . PRO A 1 55  ? 6.836   3.650   4.652   1.00 9.32  ? 55  PRO A C     1 
ATOM   406  O O     . PRO A 1 55  ? 7.357   4.151   3.645   1.00 8.83  ? 55  PRO A O     1 
ATOM   407  C CB    . PRO A 1 55  ? 7.565   1.322   5.238   1.00 8.83  ? 55  PRO A CB    1 
ATOM   408  C CG    . PRO A 1 55  ? 8.489   1.150   4.061   1.00 9.53  ? 55  PRO A CG    1 
ATOM   409  C CD    . PRO A 1 55  ? 7.511   0.878   2.912   1.00 10.64 ? 55  PRO A CD    1 
ATOM   410  N N     . THR A 1 56  ? 6.580   4.361   5.747   1.00 8.53  ? 56  THR A N     1 
ATOM   411  C CA    . THR A 1 56  ? 6.948   5.774   5.815   1.00 8.40  ? 56  THR A CA    1 
ATOM   412  C C     . THR A 1 56  ? 8.229   5.875   6.646   1.00 10.17 ? 56  THR A C     1 
ATOM   413  O O     . THR A 1 56  ? 8.317   5.290   7.729   1.00 8.74  ? 56  THR A O     1 
ATOM   414  C CB    . THR A 1 56  ? 5.834   6.631   6.464   1.00 8.71  ? 56  THR A CB    1 
ATOM   415  O OG1   . THR A 1 56  ? 4.612   6.444   5.744   1.00 7.93  ? 56  THR A OG1   1 
ATOM   416  C CG2   . THR A 1 56  ? 6.192   8.103   6.426   1.00 7.47  ? 56  THR A CG2   1 
ATOM   417  N N     . TRP A 1 57  ? 9.206   6.606   6.119   1.00 10.20 ? 57  TRP A N     1 
ATOM   418  C CA    . TRP A 1 57  ? 10.504  6.771   6.772   1.00 9.59  ? 57  TRP A CA    1 
ATOM   419  C C     . TRP A 1 57  ? 10.882  8.228   6.932   1.00 9.82  ? 57  TRP A C     1 
ATOM   420  O O     . TRP A 1 57  ? 10.264  9.110   6.346   1.00 9.16  ? 57  TRP A O     1 
ATOM   421  C CB    . TRP A 1 57  ? 11.593  6.063   5.933   1.00 9.64  ? 57  TRP A CB    1 
ATOM   422  C CG    . TRP A 1 57  ? 11.706  4.628   6.245   1.00 9.96  ? 57  TRP A CG    1 
ATOM   423  C CD1   . TRP A 1 57  ? 10.965  3.604   5.718   1.00 9.72  ? 57  TRP A CD1   1 
ATOM   424  C CD2   . TRP A 1 57  ? 12.515  4.052   7.268   1.00 10.19 ? 57  TRP A CD2   1 
ATOM   425  N NE1   . TRP A 1 57  ? 11.249  2.430   6.375   1.00 9.96  ? 57  TRP A NE1   1 
ATOM   426  C CE2   . TRP A 1 57  ? 12.197  2.679   7.331   1.00 10.37 ? 57  TRP A CE2   1 
ATOM   427  C CE3   . TRP A 1 57  ? 13.478  4.568   8.150   1.00 11.37 ? 57  TRP A CE3   1 
ATOM   428  C CZ2   . TRP A 1 57  ? 12.806  1.813   8.244   1.00 13.23 ? 57  TRP A CZ2   1 
ATOM   429  C CZ3   . TRP A 1 57  ? 14.080  3.712   9.049   1.00 10.76 ? 57  TRP A CZ3   1 
ATOM   430  C CH2   . TRP A 1 57  ? 13.744  2.349   9.093   1.00 11.83 ? 57  TRP A CH2   1 
ATOM   431  N N     . ASN A 1 58  ? 11.865  8.475   7.794   1.00 10.24 ? 58  ASN A N     1 
ATOM   432  C CA    . ASN A 1 58  ? 12.431  9.802   7.985   1.00 9.13  ? 58  ASN A CA    1 
ATOM   433  C C     . ASN A 1 58  ? 11.456  10.964  8.107   1.00 9.54  ? 58  ASN A C     1 
ATOM   434  O O     . ASN A 1 58  ? 11.628  12.014  7.478   1.00 10.05 ? 58  ASN A O     1 
ATOM   435  C CB    . ASN A 1 58  ? 13.430  10.073  6.853   1.00 10.28 ? 58  ASN A CB    1 
ATOM   436  C CG    . ASN A 1 58  ? 14.515  9.023   6.777   1.00 10.02 ? 58  ASN A CG    1 
ATOM   437  O OD1   . ASN A 1 58  ? 14.515  8.063   7.542   1.00 12.73 ? 58  ASN A OD1   1 
ATOM   438  N ND2   . ASN A 1 58  ? 15.457  9.207   5.858   1.00 11.47 ? 58  ASN A ND2   1 
ATOM   439  N N     . VAL A 1 59  ? 10.463  10.799  8.976   1.00 10.78 ? 59  VAL A N     1 
ATOM   440  C CA    . VAL A 1 59  ? 9.471   11.839  9.208   1.00 11.39 ? 59  VAL A CA    1 
ATOM   441  C C     . VAL A 1 59  ? 8.702   12.268  7.958   1.00 9.15  ? 59  VAL A C     1 
ATOM   442  O O     . VAL A 1 59  ? 8.883   13.371  7.446   1.00 11.24 ? 59  VAL A O     1 
ATOM   443  C CB    . VAL A 1 59  ? 10.101  13.082  9.933   1.00 13.03 ? 59  VAL A CB    1 
ATOM   444  C CG1   . VAL A 1 59  ? 9.012   14.071  10.356  1.00 13.50 ? 59  VAL A CG1   1 
ATOM   445  C CG2   . VAL A 1 59  ? 10.898  12.624  11.155  1.00 13.11 ? 59  VAL A CG2   1 
ATOM   446  N N     . GLY A 1 60  ? 7.891   11.353  7.437   1.00 9.91  ? 60  GLY A N     1 
ATOM   447  C CA    . GLY A 1 60  ? 7.030   11.676  6.312   1.00 11.92 ? 60  GLY A CA    1 
ATOM   448  C C     . GLY A 1 60  ? 7.534   11.491  4.896   1.00 12.64 ? 60  GLY A C     1 
ATOM   449  O O     . GLY A 1 60  ? 6.921   12.011  3.962   1.00 12.77 ? 60  GLY A O     1 
ATOM   450  N N     . GLU A 1 61  ? 8.608   10.731  4.726   1.00 11.65 ? 61  GLU A N     1 
ATOM   451  C CA    . GLU A 1 61  ? 9.188   10.504  3.405   1.00 12.03 ? 61  GLU A CA    1 
ATOM   452  C C     . GLU A 1 61  ? 8.854   9.129   2.871   1.00 10.05 ? 61  GLU A C     1 
ATOM   453  O O     . GLU A 1 61  ? 8.554   8.196   3.621   1.00 8.92  ? 61  GLU A O     1 
ATOM   454  C CB    . GLU A 1 61  ? 10.721  10.609  3.472   1.00 14.35 ? 61  GLU A CB    1 
ATOM   455  C CG    . GLU A 1 61  ? 11.267  11.930  3.999   1.00 19.18 ? 61  GLU A CG    1 
ATOM   456  C CD    . GLU A 1 61  ? 11.104  13.082  3.024   1.00 25.58 ? 61  GLU A CD    1 
ATOM   457  O OE1   . GLU A 1 61  ? 11.281  12.882  1.802   1.00 31.03 ? 61  GLU A OE1   1 
ATOM   458  O OE2   . GLU A 1 61  ? 10.817  14.205  3.476   1.00 31.69 ? 61  GLU A OE2   1 
ATOM   459  N N     . LEU A 1 62  ? 8.955   8.991   1.559   1.00 9.62  ? 62  LEU A N     1 
ATOM   460  C CA    . LEU A 1 62  ? 8.745   7.706   0.921   1.00 9.66  ? 62  LEU A CA    1 
ATOM   461  C C     . LEU A 1 62  ? 9.965   6.826   1.189   1.00 9.65  ? 62  LEU A C     1 
ATOM   462  O O     . LEU A 1 62  ? 11.078  7.332   1.348   1.00 11.74 ? 62  LEU A O     1 
ATOM   463  C CB    . LEU A 1 62  ? 8.663   7.898   -0.600  1.00 10.92 ? 62  LEU A CB    1 
ATOM   464  C CG    . LEU A 1 62  ? 7.532   8.713   -1.217  1.00 11.39 ? 62  LEU A CG    1 
ATOM   465  C CD1   . LEU A 1 62  ? 7.794   8.865   -2.713  1.00 11.90 ? 62  LEU A CD1   1 
ATOM   466  C CD2   . LEU A 1 62  ? 6.235   7.999   -0.989  1.00 12.72 ? 62  LEU A CD2   1 
ATOM   467  N N     . GLN A 1 63  ? 9.762   5.517   1.195   1.00 8.75  ? 63  GLN A N     1 
ATOM   468  C CA    . GLN A 1 63  ? 10.845  4.558   1.320   1.00 8.64  ? 63  GLN A CA    1 
ATOM   469  C C     . GLN A 1 63  ? 11.737  4.833   0.078   1.00 12.12 ? 63  GLN A C     1 
ATOM   470  O O     . GLN A 1 63  ? 11.224  5.213   -0.994  1.00 10.57 ? 63  GLN A O     1 
ATOM   471  C CB    . GLN A 1 63  ? 10.248  3.146   1.313   1.00 9.24  ? 63  GLN A CB    1 
ATOM   472  C CG    . GLN A 1 63  ? 11.233  2.014   1.474   1.00 10.14 ? 63  GLN A CG    1 
ATOM   473  C CD    . GLN A 1 63  ? 11.742  1.511   0.145   1.00 13.23 ? 63  GLN A CD    1 
ATOM   474  O OE1   . GLN A 1 63  ? 11.109  1.734   -0.895  1.00 13.59 ? 63  GLN A OE1   1 
ATOM   475  N NE2   . GLN A 1 63  ? 12.868  0.817   0.159   1.00 11.60 ? 63  GLN A NE2   1 
ATOM   476  N N     . SER A 1 64  ? 13.050  4.635   0.207   1.00 9.93  ? 64  SER A N     1 
ATOM   477  C CA    . SER A 1 64  ? 13.986  4.982   -0.874  1.00 11.45 ? 64  SER A CA    1 
ATOM   478  C C     . SER A 1 64  ? 13.704  4.472   -2.287  1.00 9.33  ? 64  SER A C     1 
ATOM   479  O O     . SER A 1 64  ? 13.811  5.236   -3.247  1.00 11.85 ? 64  SER A O     1 
ATOM   480  C CB    . SER A 1 64  ? 15.417  4.627   -0.480  1.00 10.22 ? 64  SER A CB    1 
ATOM   481  O OG    . SER A 1 64  ? 15.532  3.244   -0.225  1.00 14.54 ? 64  SER A OG    1 
ATOM   482  N N     . ASP A 1 65  ? 13.368  3.201   -2.425  1.00 10.56 ? 65  ASP A N     1 
ATOM   483  C CA    . ASP A 1 65  ? 13.103  2.657   -3.757  1.00 11.26 ? 65  ASP A CA    1 
ATOM   484  C C     . ASP A 1 65  ? 11.878  3.283   -4.408  1.00 13.64 ? 65  ASP A C     1 
ATOM   485  O O     . ASP A 1 65  ? 11.867  3.522   -5.613  1.00 13.68 ? 65  ASP A O     1 
ATOM   486  C CB    . ASP A 1 65  ? 13.028  1.142   -3.710  1.00 11.48 ? 65  ASP A CB    1 
ATOM   487  C CG    . ASP A 1 65  ? 14.317  0.530   -3.215  1.00 16.71 ? 65  ASP A CG    1 
ATOM   488  O OD1   . ASP A 1 65  ? 15.386  0.857   -3.793  1.00 17.18 ? 65  ASP A OD1   1 
ATOM   489  O OD2   . ASP A 1 65  ? 14.270  -0.253  -2.236  1.00 15.69 ? 65  ASP A OD2   1 
ATOM   490  N N     . TRP A 1 66  ? 10.856  3.599   -3.616  1.00 12.28 ? 66  TRP A N     1 
ATOM   491  C CA    . TRP A 1 66  ? 9.692   4.273   -4.172  1.00 11.54 ? 66  TRP A CA    1 
ATOM   492  C C     . TRP A 1 66  ? 10.065  5.700   -4.549  1.00 12.51 ? 66  TRP A C     1 
ATOM   493  O O     . TRP A 1 66  ? 9.598   6.234   -5.551  1.00 12.74 ? 66  TRP A O     1 
ATOM   494  C CB    . TRP A 1 66  ? 8.515   4.252   -3.189  1.00 10.46 ? 66  TRP A CB    1 
ATOM   495  C CG    . TRP A 1 66  ? 7.690   3.003   -3.324  1.00 9.37  ? 66  TRP A CG    1 
ATOM   496  C CD1   . TRP A 1 66  ? 7.630   1.958   -2.451  1.00 9.24  ? 66  TRP A CD1   1 
ATOM   497  C CD2   . TRP A 1 66  ? 6.867   2.640   -4.445  1.00 9.53  ? 66  TRP A CD2   1 
ATOM   498  N NE1   . TRP A 1 66  ? 6.829   0.959   -2.961  1.00 11.15 ? 66  TRP A NE1   1 
ATOM   499  C CE2   . TRP A 1 66  ? 6.348   1.355   -4.183  1.00 10.89 ? 66  TRP A CE2   1 
ATOM   500  C CE3   . TRP A 1 66  ? 6.527   3.279   -5.648  1.00 10.51 ? 66  TRP A CE3   1 
ATOM   501  C CZ2   . TRP A 1 66  ? 5.501   0.690   -5.084  1.00 11.60 ? 66  TRP A CZ2   1 
ATOM   502  C CZ3   . TRP A 1 66  ? 5.689   2.617   -6.541  1.00 10.24 ? 66  TRP A CZ3   1 
ATOM   503  C CH2   . TRP A 1 66  ? 5.188   1.340   -6.250  1.00 10.44 ? 66  TRP A CH2   1 
ATOM   504  N N     . GLU A 1 67  ? 10.930  6.323   -3.752  1.00 13.02 ? 67  GLU A N     1 
ATOM   505  C CA    . GLU A 1 67  ? 11.386  7.681   -4.031  1.00 12.88 ? 67  GLU A CA    1 
ATOM   506  C C     . GLU A 1 67  ? 12.107  7.715   -5.376  1.00 12.29 ? 67  GLU A C     1 
ATOM   507  O O     . GLU A 1 67  ? 11.908  8.621   -6.170  1.00 14.57 ? 67  GLU A O     1 
ATOM   508  C CB    . GLU A 1 67  ? 12.347  8.151   -2.934  1.00 14.00 ? 67  GLU A CB    1 
ATOM   509  C CG    . GLU A 1 67  ? 12.889  9.564   -3.137  1.00 18.36 ? 67  GLU A CG    1 
ATOM   510  C CD    . GLU A 1 67  ? 11.830  10.641  -2.963  1.00 22.03 ? 67  GLU A CD    1 
ATOM   511  O OE1   . GLU A 1 67  ? 10.986  10.517  -2.056  1.00 26.23 ? 67  GLU A OE1   1 
ATOM   512  O OE2   . GLU A 1 67  ? 11.852  11.631  -3.717  1.00 26.43 ? 67  GLU A OE2   1 
ATOM   513  N N     . GLY A 1 68  ? 12.887  6.680   -5.642  1.00 13.79 ? 68  GLY A N     1 
ATOM   514  C CA    . GLY A 1 68  ? 13.653  6.613   -6.874  1.00 17.39 ? 68  GLY A CA    1 
ATOM   515  C C     . GLY A 1 68  ? 12.843  6.498   -8.150  1.00 18.71 ? 68  GLY A C     1 
ATOM   516  O O     . GLY A 1 68  ? 13.213  7.055   -9.189  1.00 19.48 ? 68  GLY A O     1 
ATOM   517  N N     . ILE A 1 69  ? 11.716  5.805   -8.069  1.00 18.99 ? 69  ILE A N     1 
ATOM   518  C CA    . ILE A 1 69  ? 10.856  5.606   -9.227  1.00 18.19 ? 69  ILE A CA    1 
ATOM   519  C C     . ILE A 1 69  ? 9.725   6.638   -9.306  1.00 18.53 ? 69  ILE A C     1 
ATOM   520  O O     . ILE A 1 69  ? 9.093   6.792   -10.350 1.00 17.82 ? 69  ILE A O     1 
ATOM   521  C CB    . ILE A 1 69  ? 10.285  4.167   -9.198  1.00 19.84 ? 69  ILE A CB    1 
ATOM   522  C CG1   . ILE A 1 69  ? 9.954   3.692   -10.605 1.00 20.36 ? 69  ILE A CG1   1 
ATOM   523  C CG2   . ILE A 1 69  ? 9.042   4.080   -8.305  1.00 18.72 ? 69  ILE A CG2   1 
ATOM   524  C CD1   . ILE A 1 69  ? 9.829   2.199   -10.689 1.00 20.33 ? 69  ILE A CD1   1 
ATOM   525  N N     . TYR A 1 70  ? 9.521   7.394   -8.228  1.00 17.28 ? 70  TYR A N     1 
ATOM   526  C CA    . TYR A 1 70  ? 8.439   8.369   -8.148  1.00 18.06 ? 70  TYR A CA    1 
ATOM   527  C C     . TYR A 1 70  ? 8.206   9.241   -9.384  1.00 20.34 ? 70  TYR A C     1 
ATOM   528  O O     . TYR A 1 70  ? 7.068   9.361   -9.857  1.00 18.93 ? 70  TYR A O     1 
ATOM   529  C CB    . TYR A 1 70  ? 8.589   9.234   -6.892  1.00 17.45 ? 70  TYR A CB    1 
ATOM   530  C CG    . TYR A 1 70  ? 7.405   10.145  -6.629  1.00 18.74 ? 70  TYR A CG    1 
ATOM   531  C CD1   . TYR A 1 70  ? 6.263   9.680   -5.972  1.00 17.22 ? 70  TYR A CD1   1 
ATOM   532  C CD2   . TYR A 1 70  ? 7.432   11.476  -7.029  1.00 19.92 ? 70  TYR A CD2   1 
ATOM   533  C CE1   . TYR A 1 70  ? 5.185   10.527  -5.719  1.00 17.37 ? 70  TYR A CE1   1 
ATOM   534  C CE2   . TYR A 1 70  ? 6.355   12.330  -6.783  1.00 21.72 ? 70  TYR A CE2   1 
ATOM   535  C CZ    . TYR A 1 70  ? 5.241   11.850  -6.125  1.00 20.85 ? 70  TYR A CZ    1 
ATOM   536  O OH    . TYR A 1 70  ? 4.206   12.723  -5.862  1.00 23.26 ? 70  TYR A OH    1 
ATOM   537  N N     . ASP A 1 71  ? 9.264   9.843   -9.916  1.00 21.07 ? 71  ASP A N     1 
ATOM   538  C CA    . ASP A 1 71  ? 9.119   10.690  -11.094 1.00 24.58 ? 71  ASP A CA    1 
ATOM   539  C C     . ASP A 1 71  ? 8.776   9.920   -12.377 1.00 24.72 ? 71  ASP A C     1 
ATOM   540  O O     . ASP A 1 71  ? 8.194   10.490  -13.301 1.00 28.15 ? 71  ASP A O     1 
ATOM   541  C CB    . ASP A 1 71  ? 10.357  11.573  -11.299 1.00 27.30 ? 71  ASP A CB    1 
ATOM   542  C CG    . ASP A 1 71  ? 10.428  12.729  -10.298 1.00 31.11 ? 71  ASP A CG    1 
ATOM   543  O OD1   . ASP A 1 71  ? 9.365   13.275  -9.921  1.00 32.11 ? 71  ASP A OD1   1 
ATOM   544  O OD2   . ASP A 1 71  ? 11.550  13.100  -9.891  1.00 33.44 ? 71  ASP A OD2   1 
ATOM   545  N N     . ASP A 1 72  ? 9.092   8.628   -12.422 1.00 23.65 ? 72  ASP A N     1 
ATOM   546  C CA    . ASP A 1 72  ? 8.788   7.817   -13.599 1.00 23.88 ? 72  ASP A CA    1 
ATOM   547  C C     . ASP A 1 72  ? 7.327   7.371   -13.643 1.00 24.46 ? 72  ASP A C     1 
ATOM   548  O O     . ASP A 1 72  ? 6.863   6.866   -14.674 1.00 22.66 ? 72  ASP A O     1 
ATOM   549  C CB    . ASP A 1 72  ? 9.668   6.572   -13.655 1.00 25.13 ? 72  ASP A CB    1 
ATOM   550  C CG    . ASP A 1 72  ? 11.118  6.884   -13.939 1.00 29.04 ? 72  ASP A CG    1 
ATOM   551  O OD1   . ASP A 1 72  ? 11.412  7.923   -14.566 1.00 30.55 ? 72  ASP A OD1   1 
ATOM   552  O OD2   . ASP A 1 72  ? 11.967  6.066   -13.534 1.00 31.49 ? 72  ASP A OD2   1 
ATOM   553  N N     . LEU A 1 73  ? 6.605   7.538   -12.533 1.00 23.15 ? 73  LEU A N     1 
ATOM   554  C CA    . LEU A 1 73  ? 5.200   7.125   -12.479 1.00 23.00 ? 73  LEU A CA    1 
ATOM   555  C C     . LEU A 1 73  ? 4.311   7.813   -13.518 1.00 23.76 ? 73  LEU A C     1 
ATOM   556  O O     . LEU A 1 73  ? 3.355   7.216   -14.000 1.00 23.96 ? 73  LEU A O     1 
ATOM   557  C CB    . LEU A 1 73  ? 4.628   7.299   -11.070 1.00 20.84 ? 73  LEU A CB    1 
ATOM   558  C CG    . LEU A 1 73  ? 5.265   6.409   -10.001 1.00 19.96 ? 73  LEU A CG    1 
ATOM   559  C CD1   . LEU A 1 73  ? 4.676   6.737   -8.625  1.00 18.50 ? 73  LEU A CD1   1 
ATOM   560  C CD2   . LEU A 1 73  ? 5.072   4.941   -10.346 1.00 18.16 ? 73  LEU A CD2   1 
ATOM   561  N N     . ASP A 1 74  ? 4.654   9.041   -13.896 1.00 26.03 ? 74  ASP A N     1 
ATOM   562  C CA    . ASP A 1 74  ? 3.890   9.788   -14.899 1.00 29.97 ? 74  ASP A CA    1 
ATOM   563  C C     . ASP A 1 74  ? 3.849   9.089   -16.258 1.00 29.82 ? 74  ASP A C     1 
ATOM   564  O O     . ASP A 1 74  ? 2.987   9.387   -17.089 1.00 29.98 ? 74  ASP A O     1 
ATOM   565  C CB    . ASP A 1 74  ? 4.485   11.190  -15.108 1.00 33.88 ? 74  ASP A CB    1 
ATOM   566  C CG    . ASP A 1 74  ? 4.281   12.103  -13.911 1.00 39.02 ? 74  ASP A CG    1 
ATOM   567  O OD1   . ASP A 1 74  ? 3.377   12.969  -13.973 1.00 40.74 ? 74  ASP A OD1   1 
ATOM   568  O OD2   . ASP A 1 74  ? 5.038   11.965  -12.916 1.00 42.74 ? 74  ASP A OD2   1 
ATOM   569  N N     . SER A 1 75  ? 4.792   8.184   -16.494 1.00 29.35 ? 75  SER A N     1 
ATOM   570  C CA    . SER A 1 75  ? 4.861   7.490   -17.773 1.00 29.91 ? 75  SER A CA    1 
ATOM   571  C C     . SER A 1 75  ? 3.945   6.282   -17.840 1.00 29.86 ? 75  SER A C     1 
ATOM   572  O O     . SER A 1 75  ? 3.771   5.690   -18.905 1.00 31.56 ? 75  SER A O     1 
ATOM   573  C CB    . SER A 1 75  ? 6.305   7.071   -18.082 1.00 30.21 ? 75  SER A CB    1 
ATOM   574  O OG    . SER A 1 75  ? 6.718   5.975   -17.280 1.00 32.35 ? 75  SER A OG    1 
ATOM   575  N N     . VAL A 1 76  ? 3.396   5.886   -16.699 1.00 27.88 ? 76  VAL A N     1 
ATOM   576  C CA    . VAL A 1 76  ? 2.506   4.740   -16.649 1.00 27.03 ? 76  VAL A CA    1 
ATOM   577  C C     . VAL A 1 76  ? 1.086   5.235   -16.894 1.00 27.90 ? 76  VAL A C     1 
ATOM   578  O O     . VAL A 1 76  ? 0.679   6.272   -16.363 1.00 27.29 ? 76  VAL A O     1 
ATOM   579  C CB    . VAL A 1 76  ? 2.546   4.062   -15.267 1.00 26.34 ? 76  VAL A CB    1 
ATOM   580  C CG1   . VAL A 1 76  ? 1.668   2.820   -15.271 1.00 26.55 ? 76  VAL A CG1   1 
ATOM   581  C CG2   . VAL A 1 76  ? 3.984   3.710   -14.881 1.00 25.58 ? 76  VAL A CG2   1 
ATOM   582  N N     . ASN A 1 77  ? 0.340   4.534   -17.737 1.00 28.65 ? 77  ASN A N     1 
ATOM   583  C CA    . ASN A 1 77  ? -1.036  4.947   -17.955 1.00 28.63 ? 77  ASN A CA    1 
ATOM   584  C C     . ASN A 1 77  ? -1.877  4.240   -16.909 1.00 25.86 ? 77  ASN A C     1 
ATOM   585  O O     . ASN A 1 77  ? -2.113  3.039   -16.998 1.00 27.08 ? 77  ASN A O     1 
ATOM   586  C CB    . ASN A 1 77  ? -1.536  4.586   -19.346 1.00 33.38 ? 77  ASN A CB    1 
ATOM   587  C CG    . ASN A 1 77  ? -3.003  4.947   -19.535 1.00 37.29 ? 77  ASN A CG    1 
ATOM   588  O OD1   . ASN A 1 77  ? -3.425  6.084   -19.253 1.00 38.37 ? 77  ASN A OD1   1 
ATOM   589  N ND2   . ASN A 1 77  ? -3.803  3.968   -19.946 1.00 39.00 ? 77  ASN A ND2   1 
ATOM   590  N N     . PHE A 1 78  ? -2.300  4.982   -15.899 1.00 23.67 ? 78  PHE A N     1 
ATOM   591  C CA    . PHE A 1 78  ? -3.101  4.406   -14.830 1.00 21.85 ? 78  PHE A CA    1 
ATOM   592  C C     . PHE A 1 78  ? -4.598  4.417   -15.120 1.00 22.17 ? 78  PHE A C     1 
ATOM   593  O O     . PHE A 1 78  ? -5.393  3.903   -14.316 1.00 20.28 ? 78  PHE A O     1 
ATOM   594  C CB    . PHE A 1 78  ? -2.795  5.113   -13.510 1.00 20.06 ? 78  PHE A CB    1 
ATOM   595  C CG    . PHE A 1 78  ? -1.490  4.700   -12.896 1.00 16.88 ? 78  PHE A CG    1 
ATOM   596  C CD1   . PHE A 1 78  ? -1.384  3.490   -12.220 1.00 15.78 ? 78  PHE A CD1   1 
ATOM   597  C CD2   . PHE A 1 78  ? -0.377  5.536   -12.958 1.00 16.42 ? 78  PHE A CD2   1 
ATOM   598  C CE1   . PHE A 1 78  ? -0.184  3.115   -11.603 1.00 16.74 ? 78  PHE A CE1   1 
ATOM   599  C CE2   . PHE A 1 78  ? 0.822   5.175   -12.347 1.00 14.92 ? 78  PHE A CE2   1 
ATOM   600  C CZ    . PHE A 1 78  ? 0.918   3.964   -11.669 1.00 14.32 ? 78  PHE A CZ    1 
ATOM   601  N N     . GLN A 1 79  ? -4.975  4.992   -16.262 1.00 21.94 ? 79  GLN A N     1 
ATOM   602  C CA    . GLN A 1 79  ? -6.376  5.043   -16.676 1.00 22.54 ? 79  GLN A CA    1 
ATOM   603  C C     . GLN A 1 79  ? -7.025  3.673   -16.640 1.00 20.71 ? 79  GLN A C     1 
ATOM   604  O O     . GLN A 1 79  ? -6.495  2.710   -17.200 1.00 20.34 ? 79  GLN A O     1 
ATOM   605  C CB    . GLN A 1 79  ? -6.512  5.611   -18.088 1.00 27.60 ? 79  GLN A CB    1 
ATOM   606  C CG    . GLN A 1 79  ? -6.539  7.122   -18.157 1.00 34.48 ? 79  GLN A CG    1 
ATOM   607  C CD    . GLN A 1 79  ? -7.722  7.722   -17.409 1.00 40.74 ? 79  GLN A CD    1 
ATOM   608  O OE1   . GLN A 1 79  ? -7.647  8.850   -16.921 1.00 44.50 ? 79  GLN A OE1   1 
ATOM   609  N NE2   . GLN A 1 79  ? -8.827  6.974   -17.322 1.00 43.10 ? 79  GLN A NE2   1 
ATOM   610  N N     . GLY A 1 80  ? -8.125  3.580   -15.897 1.00 19.65 ? 80  GLY A N     1 
ATOM   611  C CA    . GLY A 1 80  ? -8.875  2.341   -15.806 1.00 17.35 ? 80  GLY A CA    1 
ATOM   612  C C     . GLY A 1 80  ? -8.390  1.296   -14.831 1.00 17.72 ? 80  GLY A C     1 
ATOM   613  O O     . GLY A 1 80  ? -9.000  0.226   -14.717 1.00 17.83 ? 80  GLY A O     1 
ATOM   614  N N     . LYS A 1 81  ? -7.281  1.560   -14.145 1.00 15.44 ? 81  LYS A N     1 
ATOM   615  C CA    . LYS A 1 81  ? -6.775  0.579   -13.197 1.00 13.57 ? 81  LYS A CA    1 
ATOM   616  C C     . LYS A 1 81  ? -7.431  0.816   -11.841 1.00 12.83 ? 81  LYS A C     1 
ATOM   617  O O     . LYS A 1 81  ? -7.838  1.935   -11.543 1.00 14.52 ? 81  LYS A O     1 
ATOM   618  C CB    . LYS A 1 81  ? -5.258  0.729   -13.023 1.00 13.01 ? 81  LYS A CB    1 
ATOM   619  C CG    . LYS A 1 81  ? -4.415  0.464   -14.268 1.00 15.21 ? 81  LYS A CG    1 
ATOM   620  C CD    . LYS A 1 81  ? -2.933  0.269   -13.896 1.00 14.79 ? 81  LYS A CD    1 
ATOM   621  C CE    . LYS A 1 81  ? -2.043  0.353   -15.127 1.00 16.47 ? 81  LYS A CE    1 
ATOM   622  N NZ    . LYS A 1 81  ? -2.454  -0.658  -16.137 1.00 13.42 ? 81  LYS A NZ    1 
ATOM   623  N N     . LYS A 1 82  ? -7.574  -0.241  -11.054 1.00 12.30 ? 82  LYS A N     1 
ATOM   624  C CA    . LYS A 1 82  ? -8.059  -0.102  -9.687  1.00 12.18 ? 82  LYS A CA    1 
ATOM   625  C C     . LYS A 1 82  ? -6.795  -0.393  -8.882  1.00 12.25 ? 82  LYS A C     1 
ATOM   626  O O     . LYS A 1 82  ? -6.097  -1.387  -9.138  1.00 12.06 ? 82  LYS A O     1 
ATOM   627  C CB    . LYS A 1 82  ? -9.135  -1.117  -9.353  1.00 12.24 ? 82  LYS A CB    1 
ATOM   628  C CG    . LYS A 1 82  ? -10.475 -0.821  -10.000 1.00 18.05 ? 82  LYS A CG    1 
ATOM   629  C CD    . LYS A 1 82  ? -11.481 -1.853  -9.529  1.00 19.50 ? 82  LYS A CD    1 
ATOM   630  C CE    . LYS A 1 82  ? -12.898 -1.531  -9.958  1.00 24.54 ? 82  LYS A CE    1 
ATOM   631  N NZ    . LYS A 1 82  ? -13.837 -2.511  -9.328  1.00 26.90 ? 82  LYS A NZ    1 
ATOM   632  N N     . VAL A 1 83  ? -6.517  0.464   -7.908  1.00 11.25 ? 83  VAL A N     1 
ATOM   633  C CA    . VAL A 1 83  ? -5.316  0.337   -7.101  1.00 10.74 ? 83  VAL A CA    1 
ATOM   634  C C     . VAL A 1 83  ? -5.627  0.375   -5.601  1.00 11.12 ? 83  VAL A C     1 
ATOM   635  O O     . VAL A 1 83  ? -6.378  1.247   -5.149  1.00 12.04 ? 83  VAL A O     1 
ATOM   636  C CB    . VAL A 1 83  ? -4.345  1.489   -7.436  1.00 11.32 ? 83  VAL A CB    1 
ATOM   637  C CG1   . VAL A 1 83  ? -3.053  1.344   -6.646  1.00 12.16 ? 83  VAL A CG1   1 
ATOM   638  C CG2   . VAL A 1 83  ? -4.056  1.518   -8.943  1.00 10.66 ? 83  VAL A CG2   1 
ATOM   639  N N     . ALA A 1 84  ? -5.055  -0.577  -4.863  1.00 9.18  ? 84  ALA A N     1 
ATOM   640  C CA    . ALA A 1 84  ? -5.197  -0.671  -3.407  1.00 9.35  ? 84  ALA A CA    1 
ATOM   641  C C     . ALA A 1 84  ? -3.807  -0.375  -2.825  1.00 10.97 ? 84  ALA A C     1 
ATOM   642  O O     . ALA A 1 84  ? -2.788  -0.577  -3.495  1.00 9.31  ? 84  ALA A O     1 
ATOM   643  C CB    . ALA A 1 84  ? -5.637  -2.051  -2.999  1.00 8.39  ? 84  ALA A CB    1 
ATOM   644  N N     . TYR A 1 85  ? -3.763  0.041   -1.564  1.00 9.86  ? 85  TYR A N     1 
ATOM   645  C CA    . TYR A 1 85  ? -2.506  0.415   -0.917  1.00 7.92  ? 85  TYR A CA    1 
ATOM   646  C C     . TYR A 1 85  ? -2.388  -0.131  0.491   1.00 8.93  ? 85  TYR A C     1 
ATOM   647  O O     . TYR A 1 85  ? -3.385  -0.337  1.185   1.00 7.52  ? 85  TYR A O     1 
ATOM   648  C CB    . TYR A 1 85  ? -2.428  1.936   -0.788  1.00 6.50  ? 85  TYR A CB    1 
ATOM   649  C CG    . TYR A 1 85  ? -2.524  2.696   -2.078  1.00 9.16  ? 85  TYR A CG    1 
ATOM   650  C CD1   . TYR A 1 85  ? -3.769  2.943   -2.677  1.00 9.81  ? 85  TYR A CD1   1 
ATOM   651  C CD2   . TYR A 1 85  ? -1.375  3.156   -2.724  1.00 9.42  ? 85  TYR A CD2   1 
ATOM   652  C CE1   . TYR A 1 85  ? -3.857  3.627   -3.893  1.00 10.69 ? 85  TYR A CE1   1 
ATOM   653  C CE2   . TYR A 1 85  ? -1.451  3.845   -3.942  1.00 9.60  ? 85  TYR A CE2   1 
ATOM   654  C CZ    . TYR A 1 85  ? -2.700  4.073   -4.516  1.00 11.83 ? 85  TYR A CZ    1 
ATOM   655  O OH    . TYR A 1 85  ? -2.789  4.754   -5.703  1.00 11.98 ? 85  TYR A OH    1 
ATOM   656  N N     . PHE A 1 86  ? -1.153  -0.345  0.924   1.00 8.90  ? 86  PHE A N     1 
ATOM   657  C CA    . PHE A 1 86  ? -0.894  -0.743  2.302   1.00 8.77  ? 86  PHE A CA    1 
ATOM   658  C C     . PHE A 1 86  ? 0.450   -0.134  2.700   1.00 9.98  ? 86  PHE A C     1 
ATOM   659  O O     . PHE A 1 86  ? 1.263   0.225   1.839   1.00 7.64  ? 86  PHE A O     1 
ATOM   660  C CB    . PHE A 1 86  ? -0.923  -2.256  2.509   1.00 8.93  ? 86  PHE A CB    1 
ATOM   661  C CG    . PHE A 1 86  ? 0.210   -2.996  1.853   1.00 10.92 ? 86  PHE A CG    1 
ATOM   662  C CD1   . PHE A 1 86  ? 0.145   -3.340  0.509   1.00 10.95 ? 86  PHE A CD1   1 
ATOM   663  C CD2   . PHE A 1 86  ? 1.312   -3.406  2.598   1.00 9.80  ? 86  PHE A CD2   1 
ATOM   664  C CE1   . PHE A 1 86  ? 1.154   -4.086  -0.084  1.00 10.94 ? 86  PHE A CE1   1 
ATOM   665  C CE2   . PHE A 1 86  ? 2.326   -4.153  2.018   1.00 9.15  ? 86  PHE A CE2   1 
ATOM   666  C CZ    . PHE A 1 86  ? 2.251   -4.497  0.673   1.00 11.30 ? 86  PHE A CZ    1 
ATOM   667  N N     . GLY A 1 87  ? 0.646   0.077   3.993   1.00 10.63 ? 87  GLY A N     1 
ATOM   668  C CA    . GLY A 1 87  ? 1.902   0.658   4.434   1.00 11.40 ? 87  GLY A CA    1 
ATOM   669  C C     . GLY A 1 87  ? 2.190   0.315   5.877   1.00 12.50 ? 87  GLY A C     1 
ATOM   670  O O     . GLY A 1 87  ? 1.276   -0.033  6.632   1.00 10.64 ? 87  GLY A O     1 
ATOM   671  N N     . ALA A 1 88  ? 3.469   0.323   6.239   1.00 11.13 ? 88  ALA A N     1 
ATOM   672  C CA    . ALA A 1 88  ? 3.877   0.057   7.615   1.00 10.72 ? 88  ALA A CA    1 
ATOM   673  C C     . ALA A 1 88  ? 4.243   1.420   8.187   1.00 10.06 ? 88  ALA A C     1 
ATOM   674  O O     . ALA A 1 88  ? 4.702   2.302   7.457   1.00 10.26 ? 88  ALA A O     1 
ATOM   675  C CB    . ALA A 1 88  ? 5.071   -0.900  7.650   1.00 10.98 ? 88  ALA A CB    1 
ATOM   676  N N     . GLY A 1 89  ? 3.997   1.617   9.475   1.00 7.65  ? 89  GLY A N     1 
ATOM   677  C CA    . GLY A 1 89  ? 4.287   2.902   10.079  1.00 7.54  ? 89  GLY A CA    1 
ATOM   678  C C     . GLY A 1 89  ? 4.372   2.771   11.587  1.00 7.30  ? 89  GLY A C     1 
ATOM   679  O O     . GLY A 1 89  ? 4.220   1.674   12.119  1.00 9.38  ? 89  GLY A O     1 
ATOM   680  N N     . ASP A 1 90  ? 4.549   3.904   12.265  1.00 9.18  ? 90  ASP A N     1 
ATOM   681  C CA    . ASP A 1 90  ? 4.688   3.943   13.726  1.00 10.82 ? 90  ASP A CA    1 
ATOM   682  C C     . ASP A 1 90  ? 3.906   5.180   14.182  1.00 10.68 ? 90  ASP A C     1 
ATOM   683  O O     . ASP A 1 90  ? 4.368   6.318   14.053  1.00 9.65  ? 90  ASP A O     1 
ATOM   684  C CB    . ASP A 1 90  ? 6.194   4.040   14.058  1.00 12.41 ? 90  ASP A CB    1 
ATOM   685  C CG    . ASP A 1 90  ? 6.493   4.346   15.539  1.00 16.73 ? 90  ASP A CG    1 
ATOM   686  O OD1   . ASP A 1 90  ? 5.570   4.463   16.367  1.00 13.89 ? 90  ASP A OD1   1 
ATOM   687  O OD2   . ASP A 1 90  ? 7.693   4.485   15.863  1.00 15.94 ? 90  ASP A OD2   1 
ATOM   688  N N     . GLN A 1 91  ? 2.698   4.947   14.700  1.00 12.16 ? 91  GLN A N     1 
ATOM   689  C CA    . GLN A 1 91  ? 1.807   6.032   15.130  1.00 12.37 ? 91  GLN A CA    1 
ATOM   690  C C     . GLN A 1 91  ? 2.230   6.739   16.411  1.00 12.52 ? 91  GLN A C     1 
ATOM   691  O O     . GLN A 1 91  ? 1.818   7.863   16.654  1.00 13.63 ? 91  GLN A O     1 
ATOM   692  C CB    . GLN A 1 91  ? 0.359   5.520   15.263  1.00 11.91 ? 91  GLN A CB    1 
ATOM   693  C CG    . GLN A 1 91  ? 0.180   4.466   16.339  1.00 12.67 ? 91  GLN A CG    1 
ATOM   694  C CD    . GLN A 1 91  ? -1.052  3.591   16.140  1.00 14.39 ? 91  GLN A CD    1 
ATOM   695  O OE1   . GLN A 1 91  ? -2.144  3.931   16.587  1.00 17.34 ? 91  GLN A OE1   1 
ATOM   696  N NE2   . GLN A 1 91  ? -0.868  2.443   15.505  1.00 12.53 ? 91  GLN A NE2   1 
ATOM   697  N N     . VAL A 1 92  ? 3.027   6.063   17.236  1.00 13.08 ? 92  VAL A N     1 
ATOM   698  C CA    . VAL A 1 92  ? 3.504   6.650   18.496  1.00 14.19 ? 92  VAL A CA    1 
ATOM   699  C C     . VAL A 1 92  ? 4.738   7.520   18.263  1.00 14.34 ? 92  VAL A C     1 
ATOM   700  O O     . VAL A 1 92  ? 4.769   8.688   18.655  1.00 15.63 ? 92  VAL A O     1 
ATOM   701  C CB    . VAL A 1 92  ? 3.821   5.563   19.540  1.00 14.92 ? 92  VAL A CB    1 
ATOM   702  C CG1   . VAL A 1 92  ? 4.254   6.208   20.863  1.00 16.53 ? 92  VAL A CG1   1 
ATOM   703  C CG2   . VAL A 1 92  ? 2.593   4.702   19.771  1.00 16.94 ? 92  VAL A CG2   1 
ATOM   704  N N     . GLY A 1 93  ? 5.740   6.954   17.598  1.00 13.91 ? 93  GLY A N     1 
ATOM   705  C CA    . GLY A 1 93  ? 6.938   7.711   17.306  1.00 13.45 ? 93  GLY A CA    1 
ATOM   706  C C     . GLY A 1 93  ? 6.750   8.788   16.261  1.00 13.60 ? 93  GLY A C     1 
ATOM   707  O O     . GLY A 1 93  ? 7.465   9.787   16.278  1.00 13.33 ? 93  GLY A O     1 
ATOM   708  N N     . TYR A 1 94  ? 5.776   8.624   15.363  1.00 12.67 ? 94  TYR A N     1 
ATOM   709  C CA    . TYR A 1 94  ? 5.578   9.597   14.291  1.00 11.83 ? 94  TYR A CA    1 
ATOM   710  C C     . TYR A 1 94  ? 4.113   9.963   14.124  1.00 15.91 ? 94  TYR A C     1 
ATOM   711  O O     . TYR A 1 94  ? 3.539   9.933   13.026  1.00 12.16 ? 94  TYR A O     1 
ATOM   712  C CB    . TYR A 1 94  ? 6.185   9.045   12.996  1.00 12.30 ? 94  TYR A CB    1 
ATOM   713  C CG    . TYR A 1 94  ? 7.660   8.756   13.176  1.00 12.94 ? 94  TYR A CG    1 
ATOM   714  C CD1   . TYR A 1 94  ? 8.606   9.757   12.971  1.00 14.57 ? 94  TYR A CD1   1 
ATOM   715  C CD2   . TYR A 1 94  ? 8.095   7.531   13.687  1.00 12.79 ? 94  TYR A CD2   1 
ATOM   716  C CE1   . TYR A 1 94  ? 9.950   9.554   13.282  1.00 15.21 ? 94  TYR A CE1   1 
ATOM   717  C CE2   . TYR A 1 94  ? 9.439   7.319   14.009  1.00 14.39 ? 94  TYR A CE2   1 
ATOM   718  C CZ    . TYR A 1 94  ? 10.353  8.343   13.801  1.00 14.86 ? 94  TYR A CZ    1 
ATOM   719  O OH    . TYR A 1 94  ? 11.680  8.158   14.133  1.00 18.38 ? 94  TYR A OH    1 
ATOM   720  N N     . SER A 1 95  ? 3.538   10.389  15.238  1.00 16.02 ? 95  SER A N     1 
ATOM   721  C CA    . SER A 1 95  ? 2.135   10.763  15.321  1.00 16.19 ? 95  SER A CA    1 
ATOM   722  C C     . SER A 1 95  ? 1.660   11.807  14.313  1.00 15.78 ? 95  SER A C     1 
ATOM   723  O O     . SER A 1 95  ? 0.476   11.829  13.937  1.00 16.93 ? 95  SER A O     1 
ATOM   724  C CB    . SER A 1 95  ? 1.853   11.234  16.745  1.00 17.25 ? 95  SER A CB    1 
ATOM   725  O OG    . SER A 1 95  ? 0.488   11.560  16.894  1.00 25.85 ? 95  SER A OG    1 
ATOM   726  N N     . ASP A 1 96  ? 2.555   12.689  13.885  1.00 13.05 ? 96  ASP A N     1 
ATOM   727  C CA    . ASP A 1 96  ? 2.184   13.730  12.940  1.00 13.23 ? 96  ASP A CA    1 
ATOM   728  C C     . ASP A 1 96  ? 2.441   13.387  11.477  1.00 11.60 ? 96  ASP A C     1 
ATOM   729  O O     . ASP A 1 96  ? 2.162   14.200  10.593  1.00 12.71 ? 96  ASP A O     1 
ATOM   730  C CB    . ASP A 1 96  ? 2.894   15.035  13.273  1.00 16.32 ? 96  ASP A CB    1 
ATOM   731  C CG    . ASP A 1 96  ? 2.513   15.571  14.639  1.00 21.71 ? 96  ASP A CG    1 
ATOM   732  O OD1   . ASP A 1 96  ? 1.303   15.631  14.949  1.00 22.61 ? 96  ASP A OD1   1 
ATOM   733  O OD2   . ASP A 1 96  ? 3.430   15.912  15.407  1.00 25.70 ? 96  ASP A OD2   1 
ATOM   734  N N     . ASN A 1 97  ? 2.961   12.193  11.225  1.00 12.07 ? 97  ASN A N     1 
ATOM   735  C CA    . ASN A 1 97  ? 3.280   11.769  9.859   1.00 11.46 ? 97  ASN A CA    1 
ATOM   736  C C     . ASN A 1 97  ? 3.005   10.279  9.711   1.00 10.44 ? 97  ASN A C     1 
ATOM   737  O O     . ASN A 1 97  ? 3.703   9.583   8.956   1.00 10.28 ? 97  ASN A O     1 
ATOM   738  C CB    . ASN A 1 97  ? 4.771   12.031  9.562   1.00 12.25 ? 97  ASN A CB    1 
ATOM   739  C CG    . ASN A 1 97  ? 5.159   13.497  9.710   1.00 14.03 ? 97  ASN A CG    1 
ATOM   740  O OD1   . ASN A 1 97  ? 5.586   13.932  10.784  1.00 15.83 ? 97  ASN A OD1   1 
ATOM   741  N ND2   . ASN A 1 97  ? 5.033   14.262  8.633   1.00 14.22 ? 97  ASN A ND2   1 
ATOM   742  N N     . PHE A 1 98  ? 1.965   9.786   10.385  1.00 7.55  ? 98  PHE A N     1 
ATOM   743  C CA    . PHE A 1 98  ? 1.644   8.369   10.353  1.00 8.84  ? 98  PHE A CA    1 
ATOM   744  C C     . PHE A 1 98  ? 1.144   7.928   8.972   1.00 9.39  ? 98  PHE A C     1 
ATOM   745  O O     . PHE A 1 98  ? 0.159   8.463   8.468   1.00 9.76  ? 98  PHE A O     1 
ATOM   746  C CB    . PHE A 1 98  ? 0.594   8.040   11.423  1.00 8.42  ? 98  PHE A CB    1 
ATOM   747  C CG    . PHE A 1 98  ? 0.275   6.578   11.530  1.00 7.27  ? 98  PHE A CG    1 
ATOM   748  C CD1   . PHE A 1 98  ? 1.286   5.639   11.679  1.00 7.15  ? 98  PHE A CD1   1 
ATOM   749  C CD2   . PHE A 1 98  ? -1.053  6.133   11.499  1.00 8.29  ? 98  PHE A CD2   1 
ATOM   750  C CE1   . PHE A 1 98  ? 1.001   4.281   11.798  1.00 9.48  ? 98  PHE A CE1   1 
ATOM   751  C CE2   . PHE A 1 98  ? -1.355  4.768   11.620  1.00 7.60  ? 98  PHE A CE2   1 
ATOM   752  C CZ    . PHE A 1 98  ? -0.337  3.840   11.768  1.00 10.44 ? 98  PHE A CZ    1 
ATOM   753  N N     . GLN A 1 99  ? 1.873   7.002   8.349   1.00 9.53  ? 99  GLN A N     1 
ATOM   754  C CA    . GLN A 1 99  ? 1.533   6.464   7.021   1.00 10.40 ? 99  GLN A CA    1 
ATOM   755  C C     . GLN A 1 99  ? 1.551   7.497   5.894   1.00 8.68  ? 99  GLN A C     1 
ATOM   756  O O     . GLN A 1 99  ? 0.901   7.297   4.868   1.00 9.75  ? 99  GLN A O     1 
ATOM   757  C CB    . GLN A 1 99  ? 0.145   5.776   7.044   1.00 11.26 ? 99  GLN A CB    1 
ATOM   758  C CG    . GLN A 1 99  ? -0.026  4.655   8.059   1.00 9.21  ? 99  GLN A CG    1 
ATOM   759  C CD    . GLN A 1 99  ? 0.749   3.408   7.708   1.00 10.29 ? 99  GLN A CD    1 
ATOM   760  O OE1   . GLN A 1 99  ? 1.267   3.279   6.601   1.00 12.56 ? 99  GLN A OE1   1 
ATOM   761  N NE2   . GLN A 1 99  ? 0.801   2.461   8.633   1.00 12.68 ? 99  GLN A NE2   1 
ATOM   762  N N     . ASP A 1 100 ? 2.290   8.590   6.053   1.00 7.45  ? 100 ASP A N     1 
ATOM   763  C CA    . ASP A 1 100 ? 2.349   9.618   5.007   1.00 8.91  ? 100 ASP A CA    1 
ATOM   764  C C     . ASP A 1 100 ? 2.735   9.082   3.624   1.00 9.32  ? 100 ASP A C     1 
ATOM   765  O O     . ASP A 1 100 ? 2.219   9.563   2.615   1.00 10.07 ? 100 ASP A O     1 
ATOM   766  C CB    . ASP A 1 100 ? 3.338   10.737  5.357   1.00 10.65 ? 100 ASP A CB    1 
ATOM   767  C CG    . ASP A 1 100 ? 2.759   11.777  6.300   1.00 13.70 ? 100 ASP A CG    1 
ATOM   768  O OD1   . ASP A 1 100 ? 1.622   11.607  6.799   1.00 14.09 ? 100 ASP A OD1   1 
ATOM   769  O OD2   . ASP A 1 100 ? 3.453   12.777  6.540   1.00 12.89 ? 100 ASP A OD2   1 
ATOM   770  N N     . ALA A 1 101 ? 3.632   8.101   3.580   1.00 9.27  ? 101 ALA A N     1 
ATOM   771  C CA    . ALA A 1 101 ? 4.109   7.555   2.304   1.00 9.88  ? 101 ALA A CA    1 
ATOM   772  C C     . ALA A 1 101 ? 2.950   6.989   1.496   1.00 11.08 ? 101 ALA A C     1 
ATOM   773  O O     . ALA A 1 101 ? 2.859   7.214   0.286   1.00 9.93  ? 101 ALA A O     1 
ATOM   774  C CB    . ALA A 1 101 ? 5.136   6.482   2.540   1.00 8.84  ? 101 ALA A CB    1 
ATOM   775  N N     . MET A 1 102 ? 2.096   6.216   2.167   1.00 10.99 ? 102 MET A N     1 
ATOM   776  C CA    . MET A 1 102 ? 0.922   5.621   1.523   1.00 12.61 ? 102 MET A CA    1 
ATOM   777  C C     . MET A 1 102 ? 0.050   6.729   0.927   1.00 11.23 ? 102 MET A C     1 
ATOM   778  O O     . MET A 1 102 ? -0.417  6.624   -0.216  1.00 10.32 ? 102 MET A O     1 
ATOM   779  C CB    . MET A 1 102 ? 0.140   4.768   2.537   1.00 11.97 ? 102 MET A CB    1 
ATOM   780  C CG    . MET A 1 102 ? -1.218  4.289   2.059   1.00 15.87 ? 102 MET A CG    1 
ATOM   781  S SD    . MET A 1 102 ? -1.745  2.831   2.960   1.00 15.51 ? 102 MET A SD    1 
ATOM   782  C CE    . MET A 1 102 ? -2.205  3.519   4.501   1.00 15.74 ? 102 MET A CE    1 
ATOM   783  N N     . GLY A 1 103 ? -0.081  7.828   1.663   1.00 10.42 ? 103 GLY A N     1 
ATOM   784  C CA    . GLY A 1 103 ? -0.878  8.948   1.198   1.00 10.30 ? 103 GLY A CA    1 
ATOM   785  C C     . GLY A 1 103 ? -0.259  9.656   0.011   1.00 10.85 ? 103 GLY A C     1 
ATOM   786  O O     . GLY A 1 103 ? -0.956  10.067  -0.912  1.00 10.00 ? 103 GLY A O     1 
ATOM   787  N N     . ILE A 1 104 ? 1.062   9.810   0.033   1.00 8.73  ? 104 ILE A N     1 
ATOM   788  C CA    . ILE A 1 104 ? 1.760   10.479  -1.059  1.00 10.59 ? 104 ILE A CA    1 
ATOM   789  C C     . ILE A 1 104 ? 1.642   9.675   -2.354  1.00 8.64  ? 104 ILE A C     1 
ATOM   790  O O     . ILE A 1 104 ? 1.356   10.239  -3.412  1.00 13.05 ? 104 ILE A O     1 
ATOM   791  C CB    . ILE A 1 104 ? 3.243   10.729  -0.694  1.00 11.31 ? 104 ILE A CB    1 
ATOM   792  C CG1   . ILE A 1 104 ? 3.307   11.735  0.462   1.00 12.14 ? 104 ILE A CG1   1 
ATOM   793  C CG2   . ILE A 1 104 ? 4.021   11.246  -1.914  1.00 11.18 ? 104 ILE A CG2   1 
ATOM   794  C CD1   . ILE A 1 104 ? 4.686   11.842  1.117   1.00 13.46 ? 104 ILE A CD1   1 
ATOM   795  N N     . LEU A 1 105 ? 1.849   8.369   -2.274  1.00 9.38  ? 105 LEU A N     1 
ATOM   796  C CA    . LEU A 1 105 ? 1.732   7.517   -3.455  1.00 9.27  ? 105 LEU A CA    1 
ATOM   797  C C     . LEU A 1 105 ? 0.298   7.508   -3.977  1.00 12.28 ? 105 LEU A C     1 
ATOM   798  O O     . LEU A 1 105 ? 0.077   7.662   -5.184  1.00 10.42 ? 105 LEU A O     1 
ATOM   799  C CB    . LEU A 1 105 ? 2.203   6.092   -3.167  1.00 9.56  ? 105 LEU A CB    1 
ATOM   800  C CG    . LEU A 1 105 ? 3.727   5.950   -3.032  1.00 9.14  ? 105 LEU A CG    1 
ATOM   801  C CD1   . LEU A 1 105 ? 4.127   4.540   -2.637  1.00 9.44  ? 105 LEU A CD1   1 
ATOM   802  C CD2   . LEU A 1 105 ? 4.361   6.331   -4.360  1.00 11.12 ? 105 LEU A CD2   1 
ATOM   803  N N     . GLU A 1 106 ? -0.675  7.389   -3.074  1.00 9.82  ? 106 GLU A N     1 
ATOM   804  C CA    . GLU A 1 106 ? -2.080  7.373   -3.493  1.00 11.92 ? 106 GLU A CA    1 
ATOM   805  C C     . GLU A 1 106 ? -2.468  8.649   -4.213  1.00 12.98 ? 106 GLU A C     1 
ATOM   806  O O     . GLU A 1 106 ? -3.152  8.601   -5.244  1.00 14.06 ? 106 GLU A O     1 
ATOM   807  C CB    . GLU A 1 106 ? -3.017  7.124   -2.307  1.00 11.46 ? 106 GLU A CB    1 
ATOM   808  C CG    . GLU A 1 106 ? -4.481  6.806   -2.708  1.00 12.75 ? 106 GLU A CG    1 
ATOM   809  C CD    . GLU A 1 106 ? -5.353  8.032   -2.979  1.00 13.49 ? 106 GLU A CD    1 
ATOM   810  O OE1   . GLU A 1 106 ? -4.984  9.166   -2.612  1.00 13.00 ? 106 GLU A OE1   1 
ATOM   811  O OE2   . GLU A 1 106 ? -6.444  7.856   -3.562  1.00 14.19 ? 106 GLU A OE2   1 
ATOM   812  N N     . GLU A 1 107 ? -2.033  9.792   -3.695  1.00 13.74 ? 107 GLU A N     1 
ATOM   813  C CA    . GLU A 1 107 ? -2.361  11.053  -4.335  1.00 16.48 ? 107 GLU A CA    1 
ATOM   814  C C     . GLU A 1 107 ? -1.801  11.139  -5.756  1.00 17.42 ? 107 GLU A C     1 
ATOM   815  O O     . GLU A 1 107 ? -2.474  11.622  -6.667  1.00 16.76 ? 107 GLU A O     1 
ATOM   816  C CB    . GLU A 1 107 ? -1.840  12.222  -3.514  1.00 19.04 ? 107 GLU A CB    1 
ATOM   817  C CG    . GLU A 1 107 ? -2.109  13.557  -4.165  1.00 26.15 ? 107 GLU A CG    1 
ATOM   818  C CD    . GLU A 1 107 ? -1.977  14.702  -3.203  1.00 31.83 ? 107 GLU A CD    1 
ATOM   819  O OE1   . GLU A 1 107 ? -2.439  14.554  -2.051  1.00 36.78 ? 107 GLU A OE1   1 
ATOM   820  O OE2   . GLU A 1 107 ? -1.427  15.757  -3.589  1.00 35.68 ? 107 GLU A OE2   1 
ATOM   821  N N     . LYS A 1 108 ? -0.561  10.695  -5.938  1.00 16.49 ? 108 LYS A N     1 
ATOM   822  C CA    . LYS A 1 108 ? 0.076   10.732  -7.252  1.00 16.38 ? 108 LYS A CA    1 
ATOM   823  C C     . LYS A 1 108 ? -0.609  9.785   -8.219  1.00 14.38 ? 108 LYS A C     1 
ATOM   824  O O     . LYS A 1 108 ? -1.017  10.181  -9.304  1.00 16.60 ? 108 LYS A O     1 
ATOM   825  C CB    . LYS A 1 108 ? 1.551   10.332  -7.136  1.00 18.55 ? 108 LYS A CB    1 
ATOM   826  C CG    . LYS A 1 108 ? 2.323   10.355  -8.453  1.00 20.41 ? 108 LYS A CG    1 
ATOM   827  C CD    . LYS A 1 108 ? 2.382   11.765  -9.005  1.00 25.28 ? 108 LYS A CD    1 
ATOM   828  C CE    . LYS A 1 108 ? 3.240   11.862  -10.258 1.00 30.26 ? 108 LYS A CE    1 
ATOM   829  N NZ    . LYS A 1 108 ? 4.707   11.683  -10.003 1.00 32.48 ? 108 LYS A NZ    1 
ATOM   830  N N     . ILE A 1 109 ? -0.757  8.535   -7.815  1.00 12.34 ? 109 ILE A N     1 
ATOM   831  C CA    . ILE A 1 109 ? -1.348  7.522   -8.678  1.00 13.53 ? 109 ILE A CA    1 
ATOM   832  C C     . ILE A 1 109 ? -2.836  7.736   -9.012  1.00 15.37 ? 109 ILE A C     1 
ATOM   833  O O     . ILE A 1 109 ? -3.260  7.499   -10.149 1.00 14.74 ? 109 ILE A O     1 
ATOM   834  C CB    . ILE A 1 109 ? -1.028  6.106   -8.129  1.00 13.30 ? 109 ILE A CB    1 
ATOM   835  C CG1   . ILE A 1 109 ? 0.508   5.899   -8.160  1.00 12.34 ? 109 ILE A CG1   1 
ATOM   836  C CG2   . ILE A 1 109 ? -1.777  5.011   -8.910  1.00 12.03 ? 109 ILE A CG2   1 
ATOM   837  C CD1   . ILE A 1 109 ? 0.997   4.593   -7.541  1.00 11.35 ? 109 ILE A CD1   1 
ATOM   838  N N     . SER A 1 110 ? -3.610  8.267   -8.069  1.00 15.11 ? 110 SER A N     1 
ATOM   839  C CA    . SER A 1 110 ? -5.025  8.509   -8.340  1.00 16.05 ? 110 SER A CA    1 
ATOM   840  C C     . SER A 1 110 ? -5.177  9.665   -9.326  1.00 16.40 ? 110 SER A C     1 
ATOM   841  O O     . SER A 1 110 ? -6.028  9.621   -10.213 1.00 17.28 ? 110 SER A O     1 
ATOM   842  C CB    . SER A 1 110 ? -5.819  8.763   -7.046  1.00 17.04 ? 110 SER A CB    1 
ATOM   843  O OG    . SER A 1 110 ? -5.394  9.947   -6.383  1.00 20.30 ? 110 SER A OG    1 
ATOM   844  N N     . SER A 1 111 ? -4.311  10.665  -9.222  1.00 15.92 ? 111 SER A N     1 
ATOM   845  C CA    . SER A 1 111 ? -4.359  11.808  -10.134 1.00 18.47 ? 111 SER A CA    1 
ATOM   846  C C     . SER A 1 111 ? -4.008  11.415  -11.581 1.00 18.75 ? 111 SER A C     1 
ATOM   847  O O     . SER A 1 111 ? -4.239  12.186  -12.506 1.00 20.14 ? 111 SER A O     1 
ATOM   848  C CB    . SER A 1 111 ? -3.417  12.929  -9.668  1.00 18.61 ? 111 SER A CB    1 
ATOM   849  O OG    . SER A 1 111 ? -2.052  12.602  -9.905  1.00 21.22 ? 111 SER A OG    1 
ATOM   850  N N     . LEU A 1 112 ? -3.429  10.228  -11.759 1.00 18.98 ? 112 LEU A N     1 
ATOM   851  C CA    . LEU A 1 112 ? -3.044  9.735   -13.078 1.00 18.95 ? 112 LEU A CA    1 
ATOM   852  C C     . LEU A 1 112 ? -4.150  8.896   -13.730 1.00 19.72 ? 112 LEU A C     1 
ATOM   853  O O     . LEU A 1 112 ? -3.925  8.224   -14.742 1.00 20.40 ? 112 LEU A O     1 
ATOM   854  C CB    . LEU A 1 112 ? -1.724  8.953   -12.993 1.00 18.72 ? 112 LEU A CB    1 
ATOM   855  C CG    . LEU A 1 112 ? -0.483  9.766   -12.569 1.00 18.21 ? 112 LEU A CG    1 
ATOM   856  C CD1   . LEU A 1 112 ? 0.707   8.847   -12.388 1.00 19.30 ? 112 LEU A CD1   1 
ATOM   857  C CD2   . LEU A 1 112 ? -0.164  10.847  -13.594 1.00 20.01 ? 112 LEU A CD2   1 
ATOM   858  N N     . GLY A 1 113 ? -5.328  8.884   -13.110 1.00 18.92 ? 113 GLY A N     1 
ATOM   859  C CA    . GLY A 1 113 ? -6.452  8.180   -13.701 1.00 18.01 ? 113 GLY A CA    1 
ATOM   860  C C     . GLY A 1 113 ? -6.901  6.866   -13.116 1.00 18.09 ? 113 GLY A C     1 
ATOM   861  O O     . GLY A 1 113 ? -7.808  6.229   -13.678 1.00 18.68 ? 113 GLY A O     1 
ATOM   862  N N     . SER A 1 114 ? -6.296  6.439   -12.008 1.00 16.29 ? 114 SER A N     1 
ATOM   863  C CA    . SER A 1 114 ? -6.697  5.176   -11.400 1.00 14.14 ? 114 SER A CA    1 
ATOM   864  C C     . SER A 1 114 ? -7.799  5.394   -10.368 1.00 12.75 ? 114 SER A C     1 
ATOM   865  O O     . SER A 1 114 ? -8.071  6.522   -9.965  1.00 14.28 ? 114 SER A O     1 
ATOM   866  C CB    . SER A 1 114 ? -5.497  4.477   -10.745 1.00 16.21 ? 114 SER A CB    1 
ATOM   867  O OG    . SER A 1 114 ? -4.957  5.269   -9.704  1.00 18.43 ? 114 SER A OG    1 
ATOM   868  N N     . GLN A 1 115 ? -8.453  4.312   -9.979  1.00 11.90 ? 115 GLN A N     1 
ATOM   869  C CA    . GLN A 1 115 ? -9.478  4.398   -8.966  1.00 11.43 ? 115 GLN A CA    1 
ATOM   870  C C     . GLN A 1 115 ? -8.941  3.701   -7.726  1.00 8.45  ? 115 GLN A C     1 
ATOM   871  O O     . GLN A 1 115 ? -8.544  2.550   -7.783  1.00 9.55  ? 115 GLN A O     1 
ATOM   872  C CB    . GLN A 1 115 ? -10.754 3.697   -9.412  1.00 13.23 ? 115 GLN A CB    1 
ATOM   873  C CG    . GLN A 1 115 ? -11.870 3.815   -8.380  1.00 15.23 ? 115 GLN A CG    1 
ATOM   874  C CD    . GLN A 1 115 ? -13.094 3.025   -8.758  1.00 16.52 ? 115 GLN A CD    1 
ATOM   875  O OE1   . GLN A 1 115 ? -13.088 1.799   -8.728  1.00 18.46 ? 115 GLN A OE1   1 
ATOM   876  N NE2   . GLN A 1 115 ? -14.149 3.720   -9.123  1.00 18.80 ? 115 GLN A NE2   1 
ATOM   877  N N     . THR A 1 116 ? -8.912  4.407   -6.606  1.00 11.79 ? 116 THR A N     1 
ATOM   878  C CA    . THR A 1 116 ? -8.460  3.815   -5.359  1.00 10.04 ? 116 THR A CA    1 
ATOM   879  C C     . THR A 1 116 ? -9.587  2.975   -4.747  1.00 10.87 ? 116 THR A C     1 
ATOM   880  O O     . THR A 1 116 ? -10.757 3.399   -4.742  1.00 13.08 ? 116 THR A O     1 
ATOM   881  C CB    . THR A 1 116 ? -8.062  4.915   -4.358  1.00 10.35 ? 116 THR A CB    1 
ATOM   882  O OG1   . THR A 1 116 ? -6.985  5.684   -4.897  1.00 10.18 ? 116 THR A OG1   1 
ATOM   883  C CG2   . THR A 1 116 ? -7.651  4.313   -3.014  1.00 12.75 ? 116 THR A CG2   1 
ATOM   884  N N     . VAL A 1 117 ? -9.253  1.767   -4.306  1.00 9.95  ? 117 VAL A N     1 
ATOM   885  C CA    . VAL A 1 117 ? -10.203 0.898   -3.625  1.00 12.00 ? 117 VAL A CA    1 
ATOM   886  C C     . VAL A 1 117 ? -9.490  0.331   -2.397  1.00 14.57 ? 117 VAL A C     1 
ATOM   887  O O     . VAL A 1 117 ? -8.250  0.338   -2.345  1.00 14.94 ? 117 VAL A O     1 
ATOM   888  C CB    . VAL A 1 117 ? -10.671 -0.268  -4.517  1.00 11.83 ? 117 VAL A CB    1 
ATOM   889  C CG1   . VAL A 1 117 ? -11.430 0.264   -5.711  1.00 11.72 ? 117 VAL A CG1   1 
ATOM   890  C CG2   . VAL A 1 117 ? -9.485  -1.103  -4.960  1.00 13.83 ? 117 VAL A CG2   1 
ATOM   891  N N     . GLY A 1 118 ? -10.253 -0.139  -1.411  1.00 11.67 ? 118 GLY A N     1 
ATOM   892  C CA    . GLY A 1 118 ? -9.644  -0.730  -0.223  1.00 12.28 ? 118 GLY A CA    1 
ATOM   893  C C     . GLY A 1 118 ? -9.474  0.191   0.979   1.00 12.64 ? 118 GLY A C     1 
ATOM   894  O O     . GLY A 1 118 ? -8.584  -0.016  1.817   1.00 12.16 ? 118 GLY A O     1 
ATOM   895  N N     . TYR A 1 119 ? -10.329 1.201   1.076   1.00 12.34 ? 119 TYR A N     1 
ATOM   896  C CA    . TYR A 1 119 ? -10.308 2.137   2.206   1.00 12.87 ? 119 TYR A CA    1 
ATOM   897  C C     . TYR A 1 119 ? -10.419 1.373   3.536   1.00 12.13 ? 119 TYR A C     1 
ATOM   898  O O     . TYR A 1 119 ? -11.108 0.357   3.621   1.00 11.92 ? 119 TYR A O     1 
ATOM   899  C CB    . TYR A 1 119 ? -11.434 3.152   2.046   1.00 12.14 ? 119 TYR A CB    1 
ATOM   900  C CG    . TYR A 1 119 ? -11.214 4.089   0.884   1.00 11.60 ? 119 TYR A CG    1 
ATOM   901  C CD1   . TYR A 1 119 ? -10.547 5.291   1.063   1.00 10.97 ? 119 TYR A CD1   1 
ATOM   902  C CD2   . TYR A 1 119 ? -11.685 3.779   -0.394  1.00 10.78 ? 119 TYR A CD2   1 
ATOM   903  C CE1   . TYR A 1 119 ? -10.353 6.178   0.009   1.00 10.87 ? 119 TYR A CE1   1 
ATOM   904  C CE2   . TYR A 1 119 ? -11.495 4.662   -1.462  1.00 10.23 ? 119 TYR A CE2   1 
ATOM   905  C CZ    . TYR A 1 119 ? -10.832 5.860   -1.250  1.00 10.34 ? 119 TYR A CZ    1 
ATOM   906  O OH    . TYR A 1 119 ? -10.659 6.769   -2.262  1.00 9.67  ? 119 TYR A OH    1 
ATOM   907  N N     . TRP A 1 120 ? -9.725  1.863   4.564   1.00 11.69 ? 120 TRP A N     1 
ATOM   908  C CA    . TRP A 1 120 ? -9.658  1.185   5.856   1.00 11.27 ? 120 TRP A CA    1 
ATOM   909  C C     . TRP A 1 120 ? -10.090 2.155   6.954   1.00 10.64 ? 120 TRP A C     1 
ATOM   910  O O     . TRP A 1 120 ? -9.693  3.315   6.957   1.00 11.24 ? 120 TRP A O     1 
ATOM   911  C CB    . TRP A 1 120 ? -8.219  0.712   6.087   1.00 10.52 ? 120 TRP A CB    1 
ATOM   912  C CG    . TRP A 1 120 ? -8.045  -0.204  7.252   1.00 12.27 ? 120 TRP A CG    1 
ATOM   913  C CD1   . TRP A 1 120 ? -7.308  0.032   8.390   1.00 14.71 ? 120 TRP A CD1   1 
ATOM   914  C CD2   . TRP A 1 120 ? -8.588  -1.527  7.394   1.00 14.19 ? 120 TRP A CD2   1 
ATOM   915  N NE1   . TRP A 1 120 ? -7.362  -1.068  9.222   1.00 12.36 ? 120 TRP A NE1   1 
ATOM   916  C CE2   . TRP A 1 120 ? -8.138  -2.034  8.637   1.00 14.46 ? 120 TRP A CE2   1 
ATOM   917  C CE3   . TRP A 1 120 ? -9.412  -2.335  6.587   1.00 14.42 ? 120 TRP A CE3   1 
ATOM   918  C CZ2   . TRP A 1 120 ? -8.485  -3.310  9.093   1.00 15.76 ? 120 TRP A CZ2   1 
ATOM   919  C CZ3   . TRP A 1 120 ? -9.756  -3.601  7.041   1.00 15.23 ? 120 TRP A CZ3   1 
ATOM   920  C CH2   . TRP A 1 120 ? -9.294  -4.077  8.285   1.00 16.29 ? 120 TRP A CH2   1 
ATOM   921  N N     . PRO A 1 121 ? -10.929 1.699   7.894   1.00 11.68 ? 121 PRO A N     1 
ATOM   922  C CA    . PRO A 1 121 ? -11.354 2.633   8.941   1.00 12.61 ? 121 PRO A CA    1 
ATOM   923  C C     . PRO A 1 121 ? -10.256 2.997   9.947   1.00 11.15 ? 121 PRO A C     1 
ATOM   924  O O     . PRO A 1 121 ? -9.340  2.208   10.181  1.00 10.79 ? 121 PRO A O     1 
ATOM   925  C CB    . PRO A 1 121 ? -12.534 1.900   9.581   1.00 13.24 ? 121 PRO A CB    1 
ATOM   926  C CG    . PRO A 1 121 ? -12.164 0.469   9.433   1.00 15.80 ? 121 PRO A CG    1 
ATOM   927  C CD    . PRO A 1 121 ? -11.611 0.401   8.025   1.00 13.18 ? 121 PRO A CD    1 
ATOM   928  N N     . ILE A 1 122 ? -10.366 4.182   10.543  1.00 11.35 ? 122 ILE A N     1 
ATOM   929  C CA    . ILE A 1 122 ? -9.370  4.641   11.514  1.00 12.93 ? 122 ILE A CA    1 
ATOM   930  C C     . ILE A 1 122 ? -9.597  4.231   12.977  1.00 12.70 ? 122 ILE A C     1 
ATOM   931  O O     . ILE A 1 122 ? -8.829  4.626   13.855  1.00 13.06 ? 122 ILE A O     1 
ATOM   932  C CB    . ILE A 1 122 ? -9.136  6.166   11.450  1.00 13.89 ? 122 ILE A CB    1 
ATOM   933  C CG1   . ILE A 1 122 ? -10.385 6.935   11.880  1.00 13.41 ? 122 ILE A CG1   1 
ATOM   934  C CG2   . ILE A 1 122 ? -8.676  6.574   10.058  1.00 12.86 ? 122 ILE A CG2   1 
ATOM   935  C CD1   . ILE A 1 122 ? -10.143 8.425   11.971  1.00 19.28 ? 122 ILE A CD1   1 
ATOM   936  N N     . GLU A 1 123 ? -10.630 3.441   13.243  1.00 12.18 ? 123 GLU A N     1 
ATOM   937  C CA    . GLU A 1 123 ? -10.895 2.966   14.607  1.00 14.45 ? 123 GLU A CA    1 
ATOM   938  C C     . GLU A 1 123 ? -9.747  2.085   15.108  1.00 13.47 ? 123 GLU A C     1 
ATOM   939  O O     . GLU A 1 123 ? -9.300  1.182   14.402  1.00 11.14 ? 123 GLU A O     1 
ATOM   940  C CB    . GLU A 1 123 ? -12.189 2.130   14.661  1.00 16.98 ? 123 GLU A CB    1 
ATOM   941  C CG    . GLU A 1 123 ? -13.479 2.934   14.783  1.00 22.86 ? 123 GLU A CG    1 
ATOM   942  C CD    . GLU A 1 123 ? -13.785 3.761   13.548  1.00 27.84 ? 123 GLU A CD    1 
ATOM   943  O OE1   . GLU A 1 123 ? -13.749 3.189   12.440  1.00 30.39 ? 123 GLU A OE1   1 
ATOM   944  O OE2   . GLU A 1 123 ? -14.046 4.982   13.679  1.00 30.60 ? 123 GLU A OE2   1 
ATOM   945  N N     . GLY A 1 124 ? -9.303  2.318   16.344  1.00 13.66 ? 124 GLY A N     1 
ATOM   946  C CA    . GLY A 1 124 ? -8.239  1.502   16.906  1.00 12.38 ? 124 GLY A CA    1 
ATOM   947  C C     . GLY A 1 124 ? -6.860  2.127   16.821  1.00 13.47 ? 124 GLY A C     1 
ATOM   948  O O     . GLY A 1 124 ? -5.906  1.613   17.403  1.00 14.65 ? 124 GLY A O     1 
ATOM   949  N N     . TYR A 1 125 ? -6.741  3.215   16.073  1.00 11.69 ? 125 TYR A N     1 
ATOM   950  C CA    . TYR A 1 125 ? -5.459  3.903   15.929  1.00 12.88 ? 125 TYR A CA    1 
ATOM   951  C C     . TYR A 1 125 ? -5.479  5.179   16.749  1.00 14.19 ? 125 TYR A C     1 
ATOM   952  O O     . TYR A 1 125 ? -6.548  5.710   17.078  1.00 14.22 ? 125 TYR A O     1 
ATOM   953  C CB    . TYR A 1 125 ? -5.211  4.300   14.461  1.00 11.35 ? 125 TYR A CB    1 
ATOM   954  C CG    . TYR A 1 125 ? -5.127  3.151   13.495  1.00 11.21 ? 125 TYR A CG    1 
ATOM   955  C CD1   . TYR A 1 125 ? -6.283  2.557   12.990  1.00 9.89  ? 125 TYR A CD1   1 
ATOM   956  C CD2   . TYR A 1 125 ? -3.889  2.660   13.073  1.00 10.14 ? 125 TYR A CD2   1 
ATOM   957  C CE1   . TYR A 1 125 ? -6.215  1.508   12.090  1.00 11.84 ? 125 TYR A CE1   1 
ATOM   958  C CE2   . TYR A 1 125 ? -3.800  1.607   12.167  1.00 9.39  ? 125 TYR A CE2   1 
ATOM   959  C CZ    . TYR A 1 125 ? -4.968  1.036   11.676  1.00 12.10 ? 125 TYR A CZ    1 
ATOM   960  O OH    . TYR A 1 125 ? -4.903  0.004   10.777  1.00 9.60  ? 125 TYR A OH    1 
ATOM   961  N N     . ASP A 1 126 ? -4.294  5.695   17.043  1.00 14.53 ? 126 ASP A N     1 
ATOM   962  C CA    . ASP A 1 126 ? -4.167  6.952   17.751  1.00 17.74 ? 126 ASP A CA    1 
ATOM   963  C C     . ASP A 1 126 ? -2.995  7.693   17.111  1.00 17.22 ? 126 ASP A C     1 
ATOM   964  O O     . ASP A 1 126 ? -1.840  7.266   17.224  1.00 18.04 ? 126 ASP A O     1 
ATOM   965  C CB    . ASP A 1 126 ? -3.906  6.715   19.239  1.00 23.12 ? 126 ASP A CB    1 
ATOM   966  C CG    . ASP A 1 126 ? -3.730  8.008   20.006  1.00 27.55 ? 126 ASP A CG    1 
ATOM   967  O OD1   . ASP A 1 126 ? -4.554  8.931   19.826  1.00 28.80 ? 126 ASP A OD1   1 
ATOM   968  O OD2   . ASP A 1 126 ? -2.747  8.102   20.771  1.00 33.73 ? 126 ASP A OD2   1 
ATOM   969  N N     . PHE A 1 127 ? -3.308  8.769   16.403  1.00 15.93 ? 127 PHE A N     1 
ATOM   970  C CA    . PHE A 1 127 ? -2.309  9.565   15.721  1.00 15.81 ? 127 PHE A CA    1 
ATOM   971  C C     . PHE A 1 127 ? -2.894  10.951  15.534  1.00 17.66 ? 127 PHE A C     1 
ATOM   972  O O     . PHE A 1 127 ? -4.117  11.129  15.591  1.00 18.16 ? 127 PHE A O     1 
ATOM   973  C CB    . PHE A 1 127 ? -1.965  8.929   14.364  1.00 16.43 ? 127 PHE A CB    1 
ATOM   974  C CG    . PHE A 1 127 ? -3.146  8.796   13.435  1.00 15.52 ? 127 PHE A CG    1 
ATOM   975  C CD1   . PHE A 1 127 ? -4.018  7.721   13.553  1.00 17.35 ? 127 PHE A CD1   1 
ATOM   976  C CD2   . PHE A 1 127 ? -3.416  9.778   12.487  1.00 16.94 ? 127 PHE A CD2   1 
ATOM   977  C CE1   . PHE A 1 127 ? -5.160  7.624   12.740  1.00 17.94 ? 127 PHE A CE1   1 
ATOM   978  C CE2   . PHE A 1 127 ? -4.547  9.699   11.671  1.00 18.33 ? 127 PHE A CE2   1 
ATOM   979  C CZ    . PHE A 1 127 ? -5.425  8.616   11.800  1.00 18.63 ? 127 PHE A CZ    1 
ATOM   980  N N     . ASN A 1 128 ? -2.037  11.936  15.298  1.00 15.91 ? 128 ASN A N     1 
ATOM   981  C CA    . ASN A 1 128 ? -2.501  13.295  15.128  1.00 19.18 ? 128 ASN A CA    1 
ATOM   982  C C     . ASN A 1 128 ? -2.781  13.671  13.694  1.00 19.68 ? 128 ASN A C     1 
ATOM   983  O O     . ASN A 1 128 ? -3.828  14.238  13.395  1.00 18.65 ? 128 ASN A O     1 
ATOM   984  C CB    . ASN A 1 128 ? -1.493  14.283  15.707  1.00 23.68 ? 128 ASN A CB    1 
ATOM   985  C CG    . ASN A 1 128 ? -1.346  14.141  17.201  1.00 29.30 ? 128 ASN A CG    1 
ATOM   986  O OD1   . ASN A 1 128 ? -2.336  13.995  17.922  1.00 33.26 ? 128 ASN A OD1   1 
ATOM   987  N ND2   . ASN A 1 128 ? -0.106  14.163  17.681  1.00 31.26 ? 128 ASN A ND2   1 
ATOM   988  N N     . GLU A 1 129 ? -1.838  13.368  12.807  1.00 19.19 ? 129 GLU A N     1 
ATOM   989  C CA    . GLU A 1 129 ? -1.974  13.725  11.401  1.00 19.38 ? 129 GLU A CA    1 
ATOM   990  C C     . GLU A 1 129 ? -1.489  12.604  10.505  1.00 17.35 ? 129 GLU A C     1 
ATOM   991  O O     . GLU A 1 129 ? -0.621  11.812  10.889  1.00 14.45 ? 129 GLU A O     1 
ATOM   992  C CB    . GLU A 1 129 ? -1.128  14.967  11.095  1.00 24.04 ? 129 GLU A CB    1 
ATOM   993  C CG    . GLU A 1 129 ? -1.548  16.243  11.798  1.00 33.40 ? 129 GLU A CG    1 
ATOM   994  C CD    . GLU A 1 129 ? -2.636  16.989  11.040  1.00 39.46 ? 129 GLU A CD    1 
ATOM   995  O OE1   . GLU A 1 129 ? -2.289  17.713  10.078  1.00 43.17 ? 129 GLU A OE1   1 
ATOM   996  O OE2   . GLU A 1 129 ? -3.830  16.853  11.402  1.00 41.60 ? 129 GLU A OE2   1 
ATOM   997  N N     . SER A 1 130 ? -2.023  12.585  9.288   1.00 15.57 ? 130 SER A N     1 
ATOM   998  C CA    . SER A 1 130 ? -1.650  11.606  8.280   1.00 14.56 ? 130 SER A CA    1 
ATOM   999  C C     . SER A 1 130 ? -2.084  12.102  6.910   1.00 15.25 ? 130 SER A C     1 
ATOM   1000 O O     . SER A 1 130 ? -3.187  12.638  6.755   1.00 17.26 ? 130 SER A O     1 
ATOM   1001 C CB    . SER A 1 130 ? -2.298  10.257  8.559   1.00 13.47 ? 130 SER A CB    1 
ATOM   1002 O OG    . SER A 1 130 ? -2.100  9.361   7.469   1.00 13.49 ? 130 SER A OG    1 
ATOM   1003 N N     . LYS A 1 131 ? -1.211  11.946  5.919   1.00 14.14 ? 131 LYS A N     1 
ATOM   1004 C CA    . LYS A 1 131 ? -1.552  12.343  4.556   1.00 12.43 ? 131 LYS A CA    1 
ATOM   1005 C C     . LYS A 1 131 ? -2.347  11.241  3.858   1.00 12.21 ? 131 LYS A C     1 
ATOM   1006 O O     . LYS A 1 131 ? -2.821  11.425  2.726   1.00 13.64 ? 131 LYS A O     1 
ATOM   1007 C CB    . LYS A 1 131 ? -0.291  12.670  3.752   1.00 14.10 ? 131 LYS A CB    1 
ATOM   1008 C CG    . LYS A 1 131 ? 0.368   13.968  4.183   1.00 14.61 ? 131 LYS A CG    1 
ATOM   1009 C CD    . LYS A 1 131 ? 1.573   14.271  3.333   1.00 19.03 ? 131 LYS A CD    1 
ATOM   1010 C CE    . LYS A 1 131 ? 2.264   15.527  3.809   1.00 19.05 ? 131 LYS A CE    1 
ATOM   1011 N NZ    . LYS A 1 131 ? 3.439   15.799  2.951   1.00 22.56 ? 131 LYS A NZ    1 
ATOM   1012 N N     . ALA A 1 132 ? -2.510  10.115  4.545   1.00 8.62  ? 132 ALA A N     1 
ATOM   1013 C CA    . ALA A 1 132 ? -3.213  8.961   4.006   1.00 10.98 ? 132 ALA A CA    1 
ATOM   1014 C C     . ALA A 1 132 ? -4.682  8.868   4.445   1.00 9.18  ? 132 ALA A C     1 
ATOM   1015 O O     . ALA A 1 132 ? -5.287  7.803   4.341   1.00 9.93  ? 132 ALA A O     1 
ATOM   1016 C CB    . ALA A 1 132 ? -2.478  7.693   4.400   1.00 9.39  ? 132 ALA A CB    1 
ATOM   1017 N N     . VAL A 1 133 ? -5.234  9.957   4.963   1.00 10.53 ? 133 VAL A N     1 
ATOM   1018 C CA    . VAL A 1 133 ? -6.620  9.932   5.426   1.00 12.41 ? 133 VAL A CA    1 
ATOM   1019 C C     . VAL A 1 133 ? -7.550  10.749  4.535   1.00 11.97 ? 133 VAL A C     1 
ATOM   1020 O O     . VAL A 1 133 ? -7.218  11.850  4.113   1.00 12.46 ? 133 VAL A O     1 
ATOM   1021 C CB    . VAL A 1 133 ? -6.729  10.383  6.927   1.00 14.47 ? 133 VAL A CB    1 
ATOM   1022 C CG1   . VAL A 1 133 ? -8.194  10.602  7.326   1.00 14.97 ? 133 VAL A CG1   1 
ATOM   1023 C CG2   . VAL A 1 133 ? -6.117  9.306   7.834   1.00 11.96 ? 133 VAL A CG2   1 
ATOM   1024 N N     . ARG A 1 134 ? -8.697  10.168  4.202   1.00 11.68 ? 134 ARG A N     1 
ATOM   1025 C CA    . ARG A 1 134 ? -9.689  10.845  3.381   1.00 12.48 ? 134 ARG A CA    1 
ATOM   1026 C C     . ARG A 1 134 ? -11.061 10.439  3.918   1.00 8.71  ? 134 ARG A C     1 
ATOM   1027 O O     . ARG A 1 134 ? -11.321 9.258   4.112   1.00 8.22  ? 134 ARG A O     1 
ATOM   1028 C CB    . ARG A 1 134 ? -9.562  10.402  1.920   1.00 12.88 ? 134 ARG A CB    1 
ATOM   1029 C CG    . ARG A 1 134 ? -10.669 10.915  1.015   1.00 15.37 ? 134 ARG A CG    1 
ATOM   1030 C CD    . ARG A 1 134 ? -10.512 10.366  -0.395  1.00 17.11 ? 134 ARG A CD    1 
ATOM   1031 N NE    . ARG A 1 134 ? -9.293  10.899  -0.986  1.00 18.74 ? 134 ARG A NE    1 
ATOM   1032 C CZ    . ARG A 1 134 ? -8.402  10.184  -1.666  1.00 16.10 ? 134 ARG A CZ    1 
ATOM   1033 N NH1   . ARG A 1 134 ? -8.583  8.881   -1.877  1.00 12.50 ? 134 ARG A NH1   1 
ATOM   1034 N NH2   . ARG A 1 134 ? -7.301  10.781  -2.086  1.00 17.71 ? 134 ARG A NH2   1 
ATOM   1035 N N     . ASN A 1 135 ? -11.907 11.424  4.204   1.00 11.75 ? 135 ASN A N     1 
ATOM   1036 C CA    . ASN A 1 135 ? -13.260 11.157  4.705   1.00 11.83 ? 135 ASN A CA    1 
ATOM   1037 C C     . ASN A 1 135 ? -13.199 10.289  5.958   1.00 12.40 ? 135 ASN A C     1 
ATOM   1038 O O     . ASN A 1 135 ? -13.988 9.354   6.150   1.00 11.67 ? 135 ASN A O     1 
ATOM   1039 C CB    . ASN A 1 135 ? -14.112 10.468  3.619   1.00 10.45 ? 135 ASN A CB    1 
ATOM   1040 C CG    . ASN A 1 135 ? -15.584 10.402  3.995   1.00 8.08  ? 135 ASN A CG    1 
ATOM   1041 O OD1   . ASN A 1 135 ? -16.177 11.417  4.364   1.00 9.64  ? 135 ASN A OD1   1 
ATOM   1042 N ND2   . ASN A 1 135 ? -16.159 9.211   3.948   1.00 9.21  ? 135 ASN A ND2   1 
ATOM   1043 N N     . ASN A 1 136 ? -12.211 10.581  6.792   1.00 14.12 ? 136 ASN A N     1 
ATOM   1044 C CA    . ASN A 1 136 ? -12.024 9.858   8.034   1.00 13.81 ? 136 ASN A CA    1 
ATOM   1045 C C     . ASN A 1 136 ? -11.748 8.359   7.886   1.00 12.94 ? 136 ASN A C     1 
ATOM   1046 O O     . ASN A 1 136 ? -12.113 7.547   8.742   1.00 12.78 ? 136 ASN A O     1 
ATOM   1047 C CB    . ASN A 1 136 ? -13.209 10.109  8.952   1.00 18.06 ? 136 ASN A CB    1 
ATOM   1048 C CG    . ASN A 1 136 ? -12.800 10.204  10.383  1.00 22.31 ? 136 ASN A CG    1 
ATOM   1049 O OD1   . ASN A 1 136 ? -13.282 9.452   11.221  1.00 27.64 ? 136 ASN A OD1   1 
ATOM   1050 N ND2   . ASN A 1 136 ? -11.877 11.111  10.675  1.00 22.76 ? 136 ASN A ND2   1 
ATOM   1051 N N     . GLN A 1 137 ? -11.095 7.999   6.785   1.00 10.89 ? 137 GLN A N     1 
ATOM   1052 C CA    . GLN A 1 137 ? -10.703 6.624   6.536   1.00 10.50 ? 137 GLN A CA    1 
ATOM   1053 C C     . GLN A 1 137 ? -9.304  6.673   5.936   1.00 9.84  ? 137 GLN A C     1 
ATOM   1054 O O     . GLN A 1 137 ? -8.924  7.659   5.320   1.00 10.44 ? 137 GLN A O     1 
ATOM   1055 C CB    . GLN A 1 137 ? -11.615 5.951   5.506   1.00 11.81 ? 137 GLN A CB    1 
ATOM   1056 C CG    . GLN A 1 137 ? -13.048 5.721   5.959   1.00 16.73 ? 137 GLN A CG    1 
ATOM   1057 C CD    . GLN A 1 137 ? -13.826 4.882   4.956   1.00 19.30 ? 137 GLN A CD    1 
ATOM   1058 O OE1   . GLN A 1 137 ? -13.995 5.270   3.807   1.00 20.94 ? 137 GLN A OE1   1 
ATOM   1059 N NE2   . GLN A 1 137 ? -14.284 3.717   5.387   1.00 24.08 ? 137 GLN A NE2   1 
ATOM   1060 N N     . PHE A 1 138 ? -8.529  5.625   6.167   1.00 11.90 ? 138 PHE A N     1 
ATOM   1061 C CA    . PHE A 1 138 ? -7.213  5.535   5.566   1.00 11.27 ? 138 PHE A CA    1 
ATOM   1062 C C     . PHE A 1 138 ? -7.480  5.121   4.118   1.00 12.13 ? 138 PHE A C     1 
ATOM   1063 O O     . PHE A 1 138 ? -8.416  4.355   3.868   1.00 11.15 ? 138 PHE A O     1 
ATOM   1064 C CB    . PHE A 1 138 ? -6.414  4.426   6.240   1.00 11.57 ? 138 PHE A CB    1 
ATOM   1065 C CG    . PHE A 1 138 ? -5.767  4.840   7.528   1.00 12.02 ? 138 PHE A CG    1 
ATOM   1066 C CD1   . PHE A 1 138 ? -4.837  5.885   7.550   1.00 13.77 ? 138 PHE A CD1   1 
ATOM   1067 C CD2   . PHE A 1 138 ? -6.068  4.178   8.710   1.00 11.87 ? 138 PHE A CD2   1 
ATOM   1068 C CE1   . PHE A 1 138 ? -4.213  6.268   8.742   1.00 15.14 ? 138 PHE A CE1   1 
ATOM   1069 C CE2   . PHE A 1 138 ? -5.449  4.552   9.905   1.00 13.89 ? 138 PHE A CE2   1 
ATOM   1070 C CZ    . PHE A 1 138 ? -4.521  5.599   9.920   1.00 13.55 ? 138 PHE A CZ    1 
ATOM   1071 N N     . VAL A 1 139 ? -6.665  5.614   3.182   1.00 10.58 ? 139 VAL A N     1 
ATOM   1072 C CA    . VAL A 1 139 ? -6.792  5.228   1.772   1.00 9.97  ? 139 VAL A CA    1 
ATOM   1073 C C     . VAL A 1 139 ? -6.319  3.779   1.517   1.00 9.90  ? 139 VAL A C     1 
ATOM   1074 O O     . VAL A 1 139 ? -6.420  3.272   0.404   1.00 12.93 ? 139 VAL A O     1 
ATOM   1075 C CB    . VAL A 1 139 ? -6.020  6.197   0.830   1.00 9.09  ? 139 VAL A CB    1 
ATOM   1076 C CG1   . VAL A 1 139 ? -6.560  7.600   0.953   1.00 9.40  ? 139 VAL A CG1   1 
ATOM   1077 C CG2   . VAL A 1 139 ? -4.507  6.167   1.117   1.00 10.58 ? 139 VAL A CG2   1 
ATOM   1078 N N     . GLY A 1 140 ? -5.836  3.102   2.551   1.00 8.43  ? 140 GLY A N     1 
ATOM   1079 C CA    . GLY A 1 140 ? -5.361  1.740   2.403   1.00 7.82  ? 140 GLY A CA    1 
ATOM   1080 C C     . GLY A 1 140 ? -5.107  1.102   3.763   1.00 8.56  ? 140 GLY A C     1 
ATOM   1081 O O     . GLY A 1 140 ? -5.322  1.743   4.797   1.00 10.65 ? 140 GLY A O     1 
ATOM   1082 N N     . LEU A 1 141 ? -4.617  -0.131  3.773   1.00 8.53  ? 141 LEU A N     1 
ATOM   1083 C CA    . LEU A 1 141 ? -4.368  -0.835  5.031   1.00 11.47 ? 141 LEU A CA    1 
ATOM   1084 C C     . LEU A 1 141 ? -3.170  -0.252  5.793   1.00 13.22 ? 141 LEU A C     1 
ATOM   1085 O O     . LEU A 1 141 ? -2.042  -0.289  5.294   1.00 11.59 ? 141 LEU A O     1 
ATOM   1086 C CB    . LEU A 1 141 ? -4.138  -2.321  4.771   1.00 12.07 ? 141 LEU A CB    1 
ATOM   1087 C CG    . LEU A 1 141 ? -3.869  -3.159  6.022   1.00 13.23 ? 141 LEU A CG    1 
ATOM   1088 C CD1   . LEU A 1 141 ? -5.110  -3.160  6.873   1.00 15.02 ? 141 LEU A CD1   1 
ATOM   1089 C CD2   . LEU A 1 141 ? -3.466  -4.579  5.647   1.00 13.39 ? 141 LEU A CD2   1 
ATOM   1090 N N     . ALA A 1 142 ? -3.423  0.305   6.979   1.00 11.77 ? 142 ALA A N     1 
ATOM   1091 C CA    . ALA A 1 142 ? -2.355  0.880   7.801   1.00 10.34 ? 142 ALA A CA    1 
ATOM   1092 C C     . ALA A 1 142 ? -1.904  -0.151  8.828   1.00 12.18 ? 142 ALA A C     1 
ATOM   1093 O O     . ALA A 1 142 ? -2.676  -0.549  9.707   1.00 13.29 ? 142 ALA A O     1 
ATOM   1094 C CB    . ALA A 1 142 ? -2.840  2.146   8.493   1.00 10.67 ? 142 ALA A CB    1 
ATOM   1095 N N     . ILE A 1 143 ? -0.682  -0.648  8.669   1.00 10.24 ? 143 ILE A N     1 
ATOM   1096 C CA    . ILE A 1 143 ? -0.130  -1.631  9.593   1.00 10.93 ? 143 ILE A CA    1 
ATOM   1097 C C     . ILE A 1 143 ? 0.874   -0.915  10.505  1.00 10.94 ? 143 ILE A C     1 
ATOM   1098 O O     . ILE A 1 143 ? 1.516   0.055   10.100  1.00 9.77  ? 143 ILE A O     1 
ATOM   1099 C CB    . ILE A 1 143 ? 0.592   -2.766  8.834   1.00 10.68 ? 143 ILE A CB    1 
ATOM   1100 C CG1   . ILE A 1 143 ? -0.410  -3.570  7.999   1.00 13.62 ? 143 ILE A CG1   1 
ATOM   1101 C CG2   . ILE A 1 143 ? 1.347   -3.683  9.814   1.00 12.70 ? 143 ILE A CG2   1 
ATOM   1102 C CD1   . ILE A 1 143 ? -1.439  -4.339  8.822   1.00 14.49 ? 143 ILE A CD1   1 
ATOM   1103 N N     . ASP A 1 144 ? 0.946   -1.342  11.758  1.00 12.53 ? 144 ASP A N     1 
ATOM   1104 C CA    . ASP A 1 144 ? 1.895   -0.762  12.697  1.00 11.06 ? 144 ASP A CA    1 
ATOM   1105 C C     . ASP A 1 144 ? 2.429   -1.930  13.503  1.00 12.85 ? 144 ASP A C     1 
ATOM   1106 O O     . ASP A 1 144 ? 1.813   -2.358  14.485  1.00 11.90 ? 144 ASP A O     1 
ATOM   1107 C CB    . ASP A 1 144 ? 1.227   0.286   13.615  1.00 11.59 ? 144 ASP A CB    1 
ATOM   1108 C CG    . ASP A 1 144 ? 2.225   0.972   14.577  1.00 10.80 ? 144 ASP A CG    1 
ATOM   1109 O OD1   . ASP A 1 144 ? 3.288   0.404   14.873  1.00 10.18 ? 144 ASP A OD1   1 
ATOM   1110 O OD2   . ASP A 1 144 ? 1.950   2.096   15.033  1.00 10.46 ? 144 ASP A OD2   1 
ATOM   1111 N N     . GLU A 1 145 ? 3.571   -2.454  13.068  1.00 12.90 ? 145 GLU A N     1 
ATOM   1112 C CA    . GLU A 1 145 ? 4.236   -3.567  13.741  1.00 14.27 ? 145 GLU A CA    1 
ATOM   1113 C C     . GLU A 1 145 ? 5.034   -3.091  14.952  1.00 13.92 ? 145 GLU A C     1 
ATOM   1114 O O     . GLU A 1 145 ? 5.347   -3.879  15.838  1.00 16.81 ? 145 GLU A O     1 
ATOM   1115 C CB    . GLU A 1 145 ? 5.171   -4.290  12.773  1.00 15.64 ? 145 GLU A CB    1 
ATOM   1116 C CG    . GLU A 1 145 ? 4.466   -5.284  11.881  1.00 20.53 ? 145 GLU A CG    1 
ATOM   1117 C CD    . GLU A 1 145 ? 4.084   -6.541  12.628  1.00 23.59 ? 145 GLU A CD    1 
ATOM   1118 O OE1   . GLU A 1 145 ? 4.986   -7.336  12.947  1.00 29.07 ? 145 GLU A OE1   1 
ATOM   1119 O OE2   . GLU A 1 145 ? 2.890   -6.733  12.921  1.00 24.29 ? 145 GLU A OE2   1 
ATOM   1120 N N     . ASP A 1 146 ? 5.366   -1.809  14.978  1.00 12.84 ? 146 ASP A N     1 
ATOM   1121 C CA    . ASP A 1 146 ? 6.122   -1.250  16.096  1.00 15.14 ? 146 ASP A CA    1 
ATOM   1122 C C     . ASP A 1 146 ? 5.284   -1.147  17.371  1.00 15.54 ? 146 ASP A C     1 
ATOM   1123 O O     . ASP A 1 146 ? 5.767   -1.444  18.465  1.00 16.13 ? 146 ASP A O     1 
ATOM   1124 C CB    . ASP A 1 146 ? 6.678   0.136   15.737  1.00 14.14 ? 146 ASP A CB    1 
ATOM   1125 C CG    . ASP A 1 146 ? 7.745   0.081   14.647  1.00 15.20 ? 146 ASP A CG    1 
ATOM   1126 O OD1   . ASP A 1 146 ? 8.584   -0.847  14.678  1.00 16.16 ? 146 ASP A OD1   1 
ATOM   1127 O OD2   . ASP A 1 146 ? 7.755   0.977   13.775  1.00 15.69 ? 146 ASP A OD2   1 
ATOM   1128 N N     . ASN A 1 147 ? 4.009   -0.799  17.219  1.00 14.16 ? 147 ASN A N     1 
ATOM   1129 C CA    . ASN A 1 147 ? 3.135   -0.611  18.380  1.00 14.74 ? 147 ASN A CA    1 
ATOM   1130 C C     . ASN A 1 147 ? 1.937   -1.531  18.449  1.00 16.35 ? 147 ASN A C     1 
ATOM   1131 O O     . ASN A 1 147 ? 1.414   -1.775  19.533  1.00 17.12 ? 147 ASN A O     1 
ATOM   1132 C CB    . ASN A 1 147 ? 2.643   0.828   18.442  1.00 13.52 ? 147 ASN A CB    1 
ATOM   1133 C CG    . ASN A 1 147 ? 3.773   1.823   18.380  1.00 16.83 ? 147 ASN A CG    1 
ATOM   1134 O OD1   . ASN A 1 147 ? 4.583   1.916   19.298  1.00 15.45 ? 147 ASN A OD1   1 
ATOM   1135 N ND2   . ASN A 1 147 ? 3.856   2.560   17.284  1.00 13.39 ? 147 ASN A ND2   1 
ATOM   1136 N N     . GLN A 1 148 ? 1.485   -2.047  17.311  1.00 14.85 ? 148 GLN A N     1 
ATOM   1137 C CA    . GLN A 1 148 ? 0.311   -2.914  17.311  1.00 14.06 ? 148 GLN A CA    1 
ATOM   1138 C C     . GLN A 1 148 ? 0.543   -4.210  16.573  1.00 14.80 ? 148 GLN A C     1 
ATOM   1139 O O     . GLN A 1 148 ? -0.252  -4.600  15.726  1.00 15.56 ? 148 GLN A O     1 
ATOM   1140 C CB    . GLN A 1 148 ? -0.889  -2.174  16.714  1.00 14.93 ? 148 GLN A CB    1 
ATOM   1141 C CG    . GLN A 1 148 ? -1.228  -0.880  17.439  1.00 14.51 ? 148 GLN A CG    1 
ATOM   1142 C CD    . GLN A 1 148 ? -2.366  -0.104  16.796  1.00 17.23 ? 148 GLN A CD    1 
ATOM   1143 O OE1   . GLN A 1 148 ? -2.402  0.078   15.576  1.00 15.46 ? 148 GLN A OE1   1 
ATOM   1144 N NE2   . GLN A 1 148 ? -3.275  0.401   17.622  1.00 15.10 ? 148 GLN A NE2   1 
ATOM   1145 N N     . PRO A 1 149 ? 1.620   -4.927  16.907  1.00 16.13 ? 149 PRO A N     1 
ATOM   1146 C CA    . PRO A 1 149 ? 1.883   -6.190  16.217  1.00 16.62 ? 149 PRO A CA    1 
ATOM   1147 C C     . PRO A 1 149 ? 0.778   -7.232  16.340  1.00 17.67 ? 149 PRO A C     1 
ATOM   1148 O O     . PRO A 1 149 ? 0.606   -8.059  15.450  1.00 19.39 ? 149 PRO A O     1 
ATOM   1149 C CB    . PRO A 1 149 ? 3.171   -6.678  16.880  1.00 15.93 ? 149 PRO A CB    1 
ATOM   1150 C CG    . PRO A 1 149 ? 3.104   -6.077  18.264  1.00 15.81 ? 149 PRO A CG    1 
ATOM   1151 C CD    . PRO A 1 149 ? 2.619   -4.686  17.968  1.00 15.52 ? 149 PRO A CD    1 
ATOM   1152 N N     . ASP A 1 150 ? 0.025   -7.205  17.431  1.00 18.08 ? 150 ASP A N     1 
ATOM   1153 C CA    . ASP A 1 150 ? -1.025  -8.199  17.626  1.00 19.07 ? 150 ASP A CA    1 
ATOM   1154 C C     . ASP A 1 150 ? -2.263  -7.999  16.771  1.00 17.63 ? 150 ASP A C     1 
ATOM   1155 O O     . ASP A 1 150 ? -3.091  -8.905  16.646  1.00 17.88 ? 150 ASP A O     1 
ATOM   1156 C CB    . ASP A 1 150 ? -1.415  -8.279  19.098  1.00 21.79 ? 150 ASP A CB    1 
ATOM   1157 C CG    . ASP A 1 150 ? -0.319  -8.886  19.948  1.00 25.44 ? 150 ASP A CG    1 
ATOM   1158 O OD1   . ASP A 1 150 ? 0.096   -10.031 19.657  1.00 29.07 ? 150 ASP A OD1   1 
ATOM   1159 O OD2   . ASP A 1 150 ? 0.136   -8.209  20.889  1.00 27.58 ? 150 ASP A OD2   1 
ATOM   1160 N N     . LEU A 1 151 ? -2.394  -6.819  16.184  1.00 15.26 ? 151 LEU A N     1 
ATOM   1161 C CA    . LEU A 1 151 ? -3.544  -6.539  15.345  1.00 15.18 ? 151 LEU A CA    1 
ATOM   1162 C C     . LEU A 1 151 ? -3.282  -6.859  13.875  1.00 16.17 ? 151 LEU A C     1 
ATOM   1163 O O     . LEU A 1 151 ? -4.223  -6.950  13.093  1.00 15.09 ? 151 LEU A O     1 
ATOM   1164 C CB    . LEU A 1 151 ? -3.955  -5.067  15.477  1.00 14.83 ? 151 LEU A CB    1 
ATOM   1165 C CG    . LEU A 1 151 ? -4.344  -4.575  16.876  1.00 14.19 ? 151 LEU A CG    1 
ATOM   1166 C CD1   . LEU A 1 151 ? -4.784  -3.117  16.845  1.00 11.19 ? 151 LEU A CD1   1 
ATOM   1167 C CD2   . LEU A 1 151 ? -5.437  -5.459  17.426  1.00 14.34 ? 151 LEU A CD2   1 
ATOM   1168 N N     . THR A 1 152 ? -2.019  -7.047  13.505  1.00 15.66 ? 152 THR A N     1 
ATOM   1169 C CA    . THR A 1 152 ? -1.660  -7.279  12.103  1.00 16.77 ? 152 THR A CA    1 
ATOM   1170 C C     . THR A 1 152 ? -2.363  -8.419  11.358  1.00 17.50 ? 152 THR A C     1 
ATOM   1171 O O     . THR A 1 152 ? -2.980  -8.181  10.319  1.00 17.04 ? 152 THR A O     1 
ATOM   1172 C CB    . THR A 1 152 ? -0.125  -7.409  11.938  1.00 16.77 ? 152 THR A CB    1 
ATOM   1173 O OG1   . THR A 1 152 ? 0.497   -6.194  12.375  1.00 17.24 ? 152 THR A OG1   1 
ATOM   1174 C CG2   . THR A 1 152 ? 0.256   -7.688  10.480  1.00 14.56 ? 152 THR A CG2   1 
ATOM   1175 N N     . LYS A 1 153 ? -2.284  -9.640  11.878  1.00 18.80 ? 153 LYS A N     1 
ATOM   1176 C CA    . LYS A 1 153 ? -2.899  -10.780 11.207  1.00 21.30 ? 153 LYS A CA    1 
ATOM   1177 C C     . LYS A 1 153 ? -4.350  -10.525 10.818  1.00 20.90 ? 153 LYS A C     1 
ATOM   1178 O O     . LYS A 1 153 ? -4.739  -10.704 9.664   1.00 21.49 ? 153 LYS A O     1 
ATOM   1179 C CB    . LYS A 1 153 ? -2.810  -12.045 12.070  1.00 24.57 ? 153 LYS A CB    1 
ATOM   1180 C CG    . LYS A 1 153 ? -3.357  -13.276 11.364  1.00 31.62 ? 153 LYS A CG    1 
ATOM   1181 C CD    . LYS A 1 153 ? -3.091  -14.570 12.114  1.00 37.53 ? 153 LYS A CD    1 
ATOM   1182 C CE    . LYS A 1 153 ? -3.906  -14.656 13.395  1.00 41.13 ? 153 LYS A CE    1 
ATOM   1183 N NZ    . LYS A 1 153 ? -3.612  -15.917 14.149  1.00 44.26 ? 153 LYS A NZ    1 
ATOM   1184 N N     . ASN A 1 154 ? -5.138  -10.063 11.775  1.00 19.68 ? 154 ASN A N     1 
ATOM   1185 C CA    . ASN A 1 154 ? -6.536  -9.815  11.519  1.00 19.07 ? 154 ASN A CA    1 
ATOM   1186 C C     . ASN A 1 154 ? -6.798  -8.675  10.570  1.00 17.39 ? 154 ASN A C     1 
ATOM   1187 O O     . ASN A 1 154 ? -7.748  -8.719  9.787   1.00 17.88 ? 154 ASN A O     1 
ATOM   1188 C CB    . ASN A 1 154 ? -7.278  -9.560  12.816  1.00 24.33 ? 154 ASN A CB    1 
ATOM   1189 C CG    . ASN A 1 154 ? -8.747  -9.662  12.627  1.00 28.55 ? 154 ASN A CG    1 
ATOM   1190 O OD1   . ASN A 1 154 ? -9.288  -10.771 12.587  1.00 32.60 ? 154 ASN A OD1   1 
ATOM   1191 N ND2   . ASN A 1 154 ? -9.405  -8.524  12.410  1.00 30.11 ? 154 ASN A ND2   1 
ATOM   1192 N N     . ARG A 1 155 ? -5.994  -7.625  10.668  1.00 15.42 ? 155 ARG A N     1 
ATOM   1193 C CA    . ARG A 1 155 ? -6.146  -6.484  9.781   1.00 15.08 ? 155 ARG A CA    1 
ATOM   1194 C C     . ARG A 1 155 ? -5.955  -6.941  8.336   1.00 15.60 ? 155 ARG A C     1 
ATOM   1195 O O     . ARG A 1 155 ? -6.737  -6.574  7.453   1.00 15.48 ? 155 ARG A O     1 
ATOM   1196 C CB    . ARG A 1 155 ? -5.141  -5.399  10.137  1.00 14.95 ? 155 ARG A CB    1 
ATOM   1197 C CG    . ARG A 1 155 ? -5.606  -4.519  11.271  1.00 14.84 ? 155 ARG A CG    1 
ATOM   1198 C CD    . ARG A 1 155 ? -4.486  -3.628  11.783  1.00 14.00 ? 155 ARG A CD    1 
ATOM   1199 N NE    . ARG A 1 155 ? -4.987  -2.629  12.726  1.00 13.61 ? 155 ARG A NE    1 
ATOM   1200 C CZ    . ARG A 1 155 ? -4.213  -1.853  13.477  1.00 15.23 ? 155 ARG A CZ    1 
ATOM   1201 N NH1   . ARG A 1 155 ? -2.888  -1.969  13.417  1.00 14.22 ? 155 ARG A NH1   1 
ATOM   1202 N NH2   . ARG A 1 155 ? -4.760  -0.894  14.210  1.00 13.25 ? 155 ARG A NH2   1 
ATOM   1203 N N     . ILE A 1 156 ? -4.954  -7.790  8.112   1.00 15.30 ? 156 ILE A N     1 
ATOM   1204 C CA    . ILE A 1 156 ? -4.679  -8.302  6.767   1.00 17.18 ? 156 ILE A CA    1 
ATOM   1205 C C     . ILE A 1 156 ? -5.821  -9.194  6.239   1.00 17.52 ? 156 ILE A C     1 
ATOM   1206 O O     . ILE A 1 156 ? -6.292  -8.993  5.115   1.00 16.25 ? 156 ILE A O     1 
ATOM   1207 C CB    . ILE A 1 156 ? -3.320  -9.056  6.713   1.00 17.24 ? 156 ILE A CB    1 
ATOM   1208 C CG1   . ILE A 1 156 ? -2.175  -8.052  6.905   1.00 16.43 ? 156 ILE A CG1   1 
ATOM   1209 C CG2   . ILE A 1 156 ? -3.166  -9.807  5.375   1.00 15.96 ? 156 ILE A CG2   1 
ATOM   1210 C CD1   . ILE A 1 156 ? -0.795  -8.693  7.110   1.00 16.27 ? 156 ILE A CD1   1 
ATOM   1211 N N     . LYS A 1 157 ? -6.285  -10.142 7.054   1.00 17.96 ? 157 LYS A N     1 
ATOM   1212 C CA    . LYS A 1 157 ? -7.372  -11.032 6.633   1.00 19.24 ? 157 LYS A CA    1 
ATOM   1213 C C     . LYS A 1 157 ? -8.637  -10.272 6.281   1.00 18.23 ? 157 LYS A C     1 
ATOM   1214 O O     . LYS A 1 157 ? -9.238  -10.520 5.239   1.00 19.18 ? 157 LYS A O     1 
ATOM   1215 C CB    . LYS A 1 157 ? -7.708  -12.072 7.698   1.00 21.80 ? 157 LYS A CB    1 
ATOM   1216 C CG    . LYS A 1 157 ? -6.565  -12.987 8.065   1.00 28.39 ? 157 LYS A CG    1 
ATOM   1217 C CD    . LYS A 1 157 ? -7.071  -14.152 8.914   1.00 34.10 ? 157 LYS A CD    1 
ATOM   1218 C CE    . LYS A 1 157 ? -5.926  -14.933 9.557   1.00 37.02 ? 157 LYS A CE    1 
ATOM   1219 N NZ    . LYS A 1 157 ? -4.971  -15.512 8.561   1.00 40.86 ? 157 LYS A NZ    1 
ATOM   1220 N N     . THR A 1 158 ? -9.024  -9.327  7.128   1.00 17.05 ? 158 THR A N     1 
ATOM   1221 C CA    . THR A 1 158 ? -10.241 -8.558  6.898   1.00 16.26 ? 158 THR A CA    1 
ATOM   1222 C C     . THR A 1 158 ? -10.127 -7.697  5.648   1.00 17.12 ? 158 THR A C     1 
ATOM   1223 O O     . THR A 1 158 ? -11.043 -7.665  4.805   1.00 16.11 ? 158 THR A O     1 
ATOM   1224 C CB    . THR A 1 158 ? -10.580 -7.668  8.114   1.00 17.19 ? 158 THR A CB    1 
ATOM   1225 O OG1   . THR A 1 158 ? -10.626 -8.472  9.299   1.00 19.14 ? 158 THR A OG1   1 
ATOM   1226 C CG2   . THR A 1 158 ? -11.916 -6.984  7.924   1.00 16.78 ? 158 THR A CG2   1 
ATOM   1227 N N     . TRP A 1 159 ? -8.996  -7.006  5.519   1.00 15.14 ? 159 TRP A N     1 
ATOM   1228 C CA    . TRP A 1 159 ? -8.753  -6.140  4.370   1.00 15.15 ? 159 TRP A CA    1 
ATOM   1229 C C     . TRP A 1 159 ? -8.796  -6.930  3.050   1.00 15.51 ? 159 TRP A C     1 
ATOM   1230 O O     . TRP A 1 159 ? -9.435  -6.503  2.086   1.00 14.84 ? 159 TRP A O     1 
ATOM   1231 C CB    . TRP A 1 159 ? -7.399  -5.449  4.519   1.00 13.80 ? 159 TRP A CB    1 
ATOM   1232 C CG    . TRP A 1 159 ? -7.154  -4.403  3.499   1.00 11.50 ? 159 TRP A CG    1 
ATOM   1233 C CD1   . TRP A 1 159 ? -7.817  -3.229  3.365   1.00 10.96 ? 159 TRP A CD1   1 
ATOM   1234 C CD2   . TRP A 1 159 ? -6.107  -4.389  2.517   1.00 11.69 ? 159 TRP A CD2   1 
ATOM   1235 N NE1   . TRP A 1 159 ? -7.242  -2.468  2.377   1.00 13.40 ? 159 TRP A NE1   1 
ATOM   1236 C CE2   . TRP A 1 159 ? -6.190  -3.157  1.838   1.00 10.82 ? 159 TRP A CE2   1 
ATOM   1237 C CE3   . TRP A 1 159 ? -5.103  -5.294  2.156   1.00 12.23 ? 159 TRP A CE3   1 
ATOM   1238 C CZ2   . TRP A 1 159 ? -5.307  -2.796  0.819   1.00 12.82 ? 159 TRP A CZ2   1 
ATOM   1239 C CZ3   . TRP A 1 159 ? -4.221  -4.931  1.136   1.00 11.82 ? 159 TRP A CZ3   1 
ATOM   1240 C CH2   . TRP A 1 159 ? -4.333  -3.695  0.486   1.00 10.86 ? 159 TRP A CH2   1 
ATOM   1241 N N     . VAL A 1 160 ? -8.114  -8.069  3.012   1.00 16.73 ? 160 VAL A N     1 
ATOM   1242 C CA    . VAL A 1 160 ? -8.102  -8.901  1.813   1.00 18.83 ? 160 VAL A CA    1 
ATOM   1243 C C     . VAL A 1 160 ? -9.515  -9.374  1.442   1.00 20.96 ? 160 VAL A C     1 
ATOM   1244 O O     . VAL A 1 160 ? -9.869  -9.366  0.260   1.00 21.49 ? 160 VAL A O     1 
ATOM   1245 C CB    . VAL A 1 160 ? -7.125  -10.097 1.951   1.00 18.00 ? 160 VAL A CB    1 
ATOM   1246 C CG1   . VAL A 1 160 ? -7.316  -11.077 0.800   1.00 17.47 ? 160 VAL A CG1   1 
ATOM   1247 C CG2   . VAL A 1 160 ? -5.669  -9.583  1.958   1.00 18.03 ? 160 VAL A CG2   1 
ATOM   1248 N N     . SER A 1 161 ? -10.329 -9.748  2.431   1.00 21.68 ? 161 SER A N     1 
ATOM   1249 C CA    . SER A 1 161 ? -11.707 -10.178 2.165   1.00 22.47 ? 161 SER A CA    1 
ATOM   1250 C C     . SER A 1 161 ? -12.479 -9.103  1.440   1.00 23.04 ? 161 SER A C     1 
ATOM   1251 O O     . SER A 1 161 ? -13.180 -9.387  0.487   1.00 26.06 ? 161 SER A O     1 
ATOM   1252 C CB    . SER A 1 161 ? -12.459 -10.489 3.455   1.00 23.03 ? 161 SER A CB    1 
ATOM   1253 O OG    . SER A 1 161 ? -11.880 -11.589 4.111   1.00 31.31 ? 161 SER A OG    1 
ATOM   1254 N N     . GLN A 1 162 ? -12.375 -7.869  1.912   1.00 23.70 ? 162 GLN A N     1 
ATOM   1255 C CA    . GLN A 1 162 ? -13.081 -6.766  1.283   1.00 27.08 ? 162 GLN A CA    1 
ATOM   1256 C C     . GLN A 1 162 ? -12.534 -6.474  -0.108  1.00 27.92 ? 162 GLN A C     1 
ATOM   1257 O O     . GLN A 1 162 ? -13.300 -6.185  -1.034  1.00 29.76 ? 162 GLN A O     1 
ATOM   1258 C CB    . GLN A 1 162 ? -12.990 -5.516  2.152   1.00 30.73 ? 162 GLN A CB    1 
ATOM   1259 C CG    . GLN A 1 162 ? -13.628 -5.684  3.527   1.00 36.12 ? 162 GLN A CG    1 
ATOM   1260 C CD    . GLN A 1 162 ? -13.277 -4.545  4.466   1.00 39.71 ? 162 GLN A CD    1 
ATOM   1261 O OE1   . GLN A 1 162 ? -12.620 -3.578  4.069   1.00 42.58 ? 162 GLN A OE1   1 
ATOM   1262 N NE2   . GLN A 1 162 ? -13.692 -4.663  5.721   1.00 39.77 ? 162 GLN A NE2   1 
ATOM   1263 N N     . LEU A 1 163 ? -11.214 -6.556  -0.265  1.00 26.82 ? 163 LEU A N     1 
ATOM   1264 C CA    . LEU A 1 163 ? -10.601 -6.301  -1.564  1.00 26.71 ? 163 LEU A CA    1 
ATOM   1265 C C     . LEU A 1 163 ? -11.047 -7.288  -2.639  1.00 26.36 ? 163 LEU A C     1 
ATOM   1266 O O     . LEU A 1 163 ? -11.264 -6.894  -3.785  1.00 27.44 ? 163 LEU A O     1 
ATOM   1267 C CB    . LEU A 1 163 ? -9.072  -6.336  -1.475  1.00 25.69 ? 163 LEU A CB    1 
ATOM   1268 C CG    . LEU A 1 163 ? -8.309  -5.031  -1.294  1.00 23.81 ? 163 LEU A CG    1 
ATOM   1269 C CD1   . LEU A 1 163 ? -6.850  -5.346  -1.505  1.00 23.12 ? 163 LEU A CD1   1 
ATOM   1270 C CD2   . LEU A 1 163 ? -8.755  -3.996  -2.306  1.00 24.03 ? 163 LEU A CD2   1 
ATOM   1271 N N     . LYS A 1 164 ? -11.161 -8.563  -2.281  1.00 25.80 ? 164 LYS A N     1 
ATOM   1272 C CA    . LYS A 1 164 ? -11.552 -9.590  -3.238  1.00 28.53 ? 164 LYS A CA    1 
ATOM   1273 C C     . LYS A 1 164 ? -12.712 -9.183  -4.130  1.00 29.57 ? 164 LYS A C     1 
ATOM   1274 O O     . LYS A 1 164 ? -12.616 -9.271  -5.348  1.00 30.56 ? 164 LYS A O     1 
ATOM   1275 C CB    . LYS A 1 164 ? -11.846 -10.907 -2.532  1.00 29.55 ? 164 LYS A CB    1 
ATOM   1276 C CG    . LYS A 1 164 ? -10.585 -11.627 -2.107  1.00 32.19 ? 164 LYS A CG    1 
ATOM   1277 C CD    . LYS A 1 164 ? -10.866 -13.010 -1.564  1.00 34.53 ? 164 LYS A CD    1 
ATOM   1278 C CE    . LYS A 1 164 ? -9.560  -13.737 -1.303  1.00 36.53 ? 164 LYS A CE    1 
ATOM   1279 N NZ    . LYS A 1 164 ? -9.782  -15.098 -0.768  1.00 40.25 ? 164 LYS A NZ    1 
ATOM   1280 N N     . SER A 1 165 ? -13.767 -8.649  -3.530  1.00 30.46 ? 165 SER A N     1 
ATOM   1281 C CA    . SER A 1 165 ? -14.934 -8.200  -4.286  1.00 31.83 ? 165 SER A CA    1 
ATOM   1282 C C     . SER A 1 165 ? -14.517 -7.209  -5.381  1.00 31.80 ? 165 SER A C     1 
ATOM   1283 O O     . SER A 1 165 ? -14.807 -7.411  -6.564  1.00 32.83 ? 165 SER A O     1 
ATOM   1284 C CB    . SER A 1 165 ? -15.934 -7.519  -3.343  1.00 31.96 ? 165 SER A CB    1 
ATOM   1285 O OG    . SER A 1 165 ? -15.753 -7.964  -2.004  1.00 35.50 ? 165 SER A OG    1 
ATOM   1286 N N     . GLU A 1 166 ? -13.784 -6.169  -4.977  1.00 30.13 ? 166 GLU A N     1 
ATOM   1287 C CA    . GLU A 1 166 ? -13.327 -5.119  -5.881  1.00 29.01 ? 166 GLU A CA    1 
ATOM   1288 C C     . GLU A 1 166 ? -12.423 -5.605  -7.010  1.00 28.32 ? 166 GLU A C     1 
ATOM   1289 O O     . GLU A 1 166 ? -12.346 -4.977  -8.073  1.00 27.52 ? 166 GLU A O     1 
ATOM   1290 C CB    . GLU A 1 166 ? -12.616 -4.022  -5.083  1.00 30.37 ? 166 GLU A CB    1 
ATOM   1291 C CG    . GLU A 1 166 ? -13.526 -3.224  -4.160  1.00 32.44 ? 166 GLU A CG    1 
ATOM   1292 C CD    . GLU A 1 166 ? -14.571 -2.401  -4.918  1.00 35.44 ? 166 GLU A CD    1 
ATOM   1293 O OE1   . GLU A 1 166 ? -14.416 -2.186  -6.148  1.00 34.12 ? 166 GLU A OE1   1 
ATOM   1294 O OE2   . GLU A 1 166 ? -15.554 -1.965  -4.275  1.00 37.25 ? 166 GLU A OE2   1 
ATOM   1295 N N     . PHE A 1 167 ? -11.734 -6.716  -6.775  1.00 26.81 ? 167 PHE A N     1 
ATOM   1296 C CA    . PHE A 1 167 ? -10.834 -7.274  -7.769  1.00 27.30 ? 167 PHE A CA    1 
ATOM   1297 C C     . PHE A 1 167 ? -11.467 -8.429  -8.546  1.00 29.01 ? 167 PHE A C     1 
ATOM   1298 O O     . PHE A 1 167 ? -10.766 -9.243  -9.157  1.00 28.88 ? 167 PHE A O     1 
ATOM   1299 C CB    . PHE A 1 167 ? -9.516  -7.694  -7.108  1.00 24.22 ? 167 PHE A CB    1 
ATOM   1300 C CG    . PHE A 1 167 ? -8.627  -6.533  -6.738  1.00 21.44 ? 167 PHE A CG    1 
ATOM   1301 C CD1   . PHE A 1 167 ? -8.919  -5.239  -7.170  1.00 18.88 ? 167 PHE A CD1   1 
ATOM   1302 C CD2   . PHE A 1 167 ? -7.478  -6.738  -5.979  1.00 20.97 ? 167 PHE A CD2   1 
ATOM   1303 C CE1   . PHE A 1 167 ? -8.076  -4.171  -6.854  1.00 18.32 ? 167 PHE A CE1   1 
ATOM   1304 C CE2   . PHE A 1 167 ? -6.630  -5.672  -5.659  1.00 16.34 ? 167 PHE A CE2   1 
ATOM   1305 C CZ    . PHE A 1 167 ? -6.926  -4.397  -6.095  1.00 16.08 ? 167 PHE A CZ    1 
ATOM   1306 N N     . GLY A 1 168 ? -12.797 -8.490  -8.507  1.00 30.75 ? 168 GLY A N     1 
ATOM   1307 C CA    . GLY A 1 168 ? -13.533 -9.523  -9.213  1.00 31.62 ? 168 GLY A CA    1 
ATOM   1308 C C     . GLY A 1 168 ? -13.170 -10.940 -8.825  1.00 33.70 ? 168 GLY A C     1 
ATOM   1309 O O     . GLY A 1 168 ? -13.110 -11.826 -9.681  1.00 35.69 ? 168 GLY A O     1 
ATOM   1310 N N     . LEU A 1 169 ? -12.875 -11.155 -7.552  1.00 33.90 ? 169 LEU A N     1 
ATOM   1311 C CA    . LEU A 1 169 ? -12.545 -12.487 -7.066  1.00 35.77 ? 169 LEU A CA    1 
ATOM   1312 C C     . LEU A 1 169 ? -13.647 -12.906 -6.091  1.00 38.02 ? 169 LEU A C     1 
ATOM   1313 O O     . LEU A 1 169 ? -13.604 -14.058 -5.604  1.00 38.95 ? 169 LEU A O     1 
ATOM   1314 C CB    . LEU A 1 169 ? -11.184 -12.491 -6.361  1.00 35.11 ? 169 LEU A CB    1 
ATOM   1315 C CG    . LEU A 1 169 ? -9.930  -12.194 -7.184  1.00 34.89 ? 169 LEU A CG    1 
ATOM   1316 C CD1   . LEU A 1 169 ? -8.760  -11.998 -6.255  1.00 34.22 ? 169 LEU A CD1   1 
ATOM   1317 C CD2   . LEU A 1 169 ? -9.651  -13.322 -8.140  1.00 35.52 ? 169 LEU A CD2   1 
ATOM   1318 O OXT   . LEU A 1 169 ? -14.548 -12.070 -5.827  1.00 39.53 ? 169 LEU A OXT   1 
HETATM 1319 N N1    . FMN B 2 .   ? 6.456   5.676   10.538  1.00 8.94  ? 170 FMN A N1    1 
HETATM 1320 C C2    . FMN B 2 .   ? 5.532   6.602   10.150  1.00 7.92  ? 170 FMN A C2    1 
HETATM 1321 O O2    . FMN B 2 .   ? 4.343   6.286   10.049  1.00 10.13 ? 170 FMN A O2    1 
HETATM 1322 N N3    . FMN B 2 .   ? 5.917   7.906   9.829   1.00 9.03  ? 170 FMN A N3    1 
HETATM 1323 C C4    . FMN B 2 .   ? 7.248   8.341   9.765   1.00 8.92  ? 170 FMN A C4    1 
HETATM 1324 O O4    . FMN B 2 .   ? 7.518   9.474   9.398   1.00 10.58 ? 170 FMN A O4    1 
HETATM 1325 C C4A   . FMN B 2 .   ? 8.261   7.347   10.158  1.00 8.23  ? 170 FMN A C4A   1 
HETATM 1326 N N5    . FMN B 2 .   ? 9.525   7.721   10.233  1.00 10.09 ? 170 FMN A N5    1 
HETATM 1327 C C5A   . FMN B 2 .   ? 10.408  6.785   10.732  1.00 8.04  ? 170 FMN A C5A   1 
HETATM 1328 C C6    . FMN B 2 .   ? 11.765  7.207   10.969  1.00 10.41 ? 170 FMN A C6    1 
HETATM 1329 C C7    . FMN B 2 .   ? 12.671  6.319   11.536  1.00 9.59  ? 170 FMN A C7    1 
HETATM 1330 C C7M   . FMN B 2 .   ? 14.057  6.809   11.864  1.00 11.49 ? 170 FMN A C7M   1 
HETATM 1331 C C8    . FMN B 2 .   ? 12.303  4.971   11.835  1.00 10.65 ? 170 FMN A C8    1 
HETATM 1332 C C8M   . FMN B 2 .   ? 13.285  4.012   12.480  1.00 12.33 ? 170 FMN A C8M   1 
HETATM 1333 C C9    . FMN B 2 .   ? 10.997  4.530   11.565  1.00 8.96  ? 170 FMN A C9    1 
HETATM 1334 C C9A   . FMN B 2 .   ? 10.056  5.453   11.052  1.00 7.89  ? 170 FMN A C9A   1 
HETATM 1335 N N10   . FMN B 2 .   ? 8.691   5.101   10.917  1.00 8.51  ? 170 FMN A N10   1 
HETATM 1336 C C10   . FMN B 2 .   ? 7.769   6.021   10.516  1.00 7.62  ? 170 FMN A C10   1 
HETATM 1337 C "C1'" . FMN B 2 .   ? 8.315   3.751   11.267  1.00 8.32  ? 170 FMN A "C1'" 1 
HETATM 1338 C "C2'" . FMN B 2 .   ? 8.525   2.760   10.126  1.00 9.91  ? 170 FMN A "C2'" 1 
HETATM 1339 O "O2'" . FMN B 2 .   ? 7.750   3.029   8.954   1.00 10.52 ? 170 FMN A "O2'" 1 
HETATM 1340 C "C3'" . FMN B 2 .   ? 8.229   1.375   10.616  1.00 10.59 ? 170 FMN A "C3'" 1 
HETATM 1341 O "O3'" . FMN B 2 .   ? 9.245   0.966   11.540  1.00 12.34 ? 170 FMN A "O3'" 1 
HETATM 1342 C "C4'" . FMN B 2 .   ? 8.019   0.294   9.541   1.00 10.13 ? 170 FMN A "C4'" 1 
HETATM 1343 O "O4'" . FMN B 2 .   ? 7.707   -0.953  10.163  1.00 9.42  ? 170 FMN A "O4'" 1 
HETATM 1344 C "C5'" . FMN B 2 .   ? 9.255   0.145   8.648   1.00 11.86 ? 170 FMN A "C5'" 1 
HETATM 1345 O "O5'" . FMN B 2 .   ? 8.934   -0.729  7.528   1.00 11.15 ? 170 FMN A "O5'" 1 
HETATM 1346 P P     . FMN B 2 .   ? 10.079  -1.369  6.576   1.00 11.56 ? 170 FMN A P     1 
HETATM 1347 O O1P   . FMN B 2 .   ? 10.719  -2.485  7.284   1.00 11.89 ? 170 FMN A O1P   1 
HETATM 1348 O O2P   . FMN B 2 .   ? 10.906  -0.303  5.989   1.00 12.28 ? 170 FMN A O2P   1 
HETATM 1349 O O3P   . FMN B 2 .   ? 9.197   -2.036  5.438   1.00 11.72 ? 170 FMN A O3P   1 
HETATM 1350 O O     . HOH C 3 .   ? -4.679  -7.508  -14.768 1.00 16.78 ? 172 HOH A O     1 
HETATM 1351 O O     . HOH C 3 .   ? 5.173   -0.847  11.499  0.95 14.72 ? 173 HOH A O     1 
HETATM 1352 O O     . HOH C 3 .   ? 11.910  0.182   11.672  0.98 28.17 ? 174 HOH A O     1 
HETATM 1353 O O     . HOH C 3 .   ? 2.331   -10.351 8.281   0.55 22.25 ? 175 HOH A O     1 
HETATM 1354 O O     . HOH C 3 .   ? 6.510   16.463  11.389  0.65 13.05 ? 176 HOH A O     1 
HETATM 1355 O O     . HOH C 3 .   ? 12.278  14.341  6.653   1.00 29.76 ? 177 HOH A O     1 
HETATM 1356 O O     . HOH C 3 .   ? -0.488  -3.758  12.957  0.85 14.49 ? 178 HOH A O     1 
HETATM 1357 O O     . HOH C 3 .   ? -11.538 5.996   -4.673  1.00 13.60 ? 179 HOH A O     1 
HETATM 1358 O O     . HOH C 3 .   ? 9.881   3.459   14.548  1.00 17.82 ? 180 HOH A O     1 
HETATM 1359 O O     . HOH C 3 .   ? 9.098   -2.067  12.295  0.85 12.16 ? 181 HOH A O     1 
HETATM 1360 O O     . HOH C 3 .   ? 5.056   11.482  17.536  0.62 21.77 ? 182 HOH A O     1 
HETATM 1361 O O     . HOH C 3 .   ? 0.920   14.093  8.012   0.75 10.16 ? 183 HOH A O     1 
HETATM 1362 O O     . HOH C 3 .   ? -5.238  5.036   -6.880  1.00 17.11 ? 184 HOH A O     1 
HETATM 1363 O O     . HOH C 3 .   ? -6.216  0.739   -0.515  1.00 10.83 ? 185 HOH A O     1 
HETATM 1364 O O     . HOH C 3 .   ? -16.195 7.923   7.479   0.98 15.53 ? 186 HOH A O     1 
HETATM 1365 O O     . HOH C 3 .   ? -0.793  -7.830  -19.130 0.80 16.88 ? 187 HOH A O     1 
HETATM 1366 O O     . HOH C 3 .   ? 12.562  -2.367  -1.495  0.96 11.72 ? 188 HOH A O     1 
HETATM 1367 O O     . HOH C 3 .   ? 11.834  -2.426  11.847  0.73 20.48 ? 189 HOH A O     1 
HETATM 1368 O O     . HOH C 3 .   ? 4.875   -9.208  -11.985 0.86 22.76 ? 190 HOH A O     1 
HETATM 1369 O O     . HOH C 3 .   ? 14.438  -4.140  -0.302  1.00 35.28 ? 191 HOH A O     1 
HETATM 1370 O O     . HOH C 3 .   ? 3.154   -15.146 -8.927  0.69 17.93 ? 192 HOH A O     1 
HETATM 1371 O O     . HOH C 3 .   ? 4.762   -13.979 -7.054  0.77 24.76 ? 193 HOH A O     1 
HETATM 1372 O O     . HOH C 3 .   ? 17.819  -1.882  -7.071  0.76 42.37 ? 194 HOH A O     1 
HETATM 1373 O O     . HOH C 3 .   ? 15.875  1.967   -6.158  0.42 23.75 ? 195 HOH A O     1 
HETATM 1374 O O     . HOH C 3 .   ? -1.547  -19.659 -5.788  0.73 17.84 ? 196 HOH A O     1 
HETATM 1375 O O     . HOH C 3 .   ? -9.023  -2.775  -18.967 0.94 17.09 ? 197 HOH A O     1 
HETATM 1376 O O     . HOH C 3 .   ? 1.419   2.366   -0.129  0.89 18.38 ? 198 HOH A O     1 
HETATM 1377 O O     . HOH C 3 .   ? 3.155   4.317   4.721   1.00 9.25  ? 199 HOH A O     1 
HETATM 1378 O O     . HOH C 3 .   ? 12.152  5.483   15.381  0.75 23.24 ? 200 HOH A O     1 
HETATM 1379 O O     . HOH C 3 .   ? 5.706   12.828  13.251  1.00 18.80 ? 201 HOH A O     1 
HETATM 1380 O O     . HOH C 3 .   ? 14.753  0.865   12.390  0.67 19.71 ? 202 HOH A O     1 
HETATM 1381 O O     . HOH C 3 .   ? 11.566  -7.086  9.471   0.56 26.27 ? 203 HOH A O     1 
HETATM 1382 O O     . HOH C 3 .   ? 9.540   11.377  0.053   0.89 14.58 ? 204 HOH A O     1 
HETATM 1383 O O     . HOH C 3 .   ? 12.695  9.568   0.578   1.00 16.02 ? 205 HOH A O     1 
HETATM 1384 O O     . HOH C 3 .   ? 11.782  10.097  -8.544  0.85 20.86 ? 206 HOH A O     1 
HETATM 1385 O O     . HOH C 3 .   ? -0.923  3.085   19.966  0.85 38.75 ? 207 HOH A O     1 
HETATM 1386 O O     . HOH C 3 .   ? 9.671   -10.377 -3.088  0.57 19.33 ? 208 HOH A O     1 
HETATM 1387 O O     . HOH C 3 .   ? -5.004  0.171   -17.614 1.00 22.57 ? 209 HOH A O     1 
HETATM 1388 O O     . HOH C 3 .   ? -10.860 -0.990  -16.675 0.65 29.21 ? 210 HOH A O     1 
HETATM 1389 O O     . HOH C 3 .   ? 12.841  -7.675  -1.196  1.00 50.70 ? 211 HOH A O     1 
HETATM 1390 O O     . HOH C 3 .   ? 4.261   15.259  -8.063  1.00 37.14 ? 212 HOH A O     1 
HETATM 1391 O O     . HOH C 3 .   ? -7.718  -8.349  -15.274 0.91 29.57 ? 213 HOH A O     1 
HETATM 1392 O O     . HOH C 3 .   ? 1.892   12.840  -4.186  0.93 16.31 ? 214 HOH A O     1 
HETATM 1393 O O     . HOH C 3 .   ? -3.829  10.434  -0.436  1.00 17.84 ? 215 HOH A O     1 
HETATM 1394 O O     . HOH C 3 .   ? -4.722  -9.928  14.695  0.74 21.80 ? 216 HOH A O     1 
HETATM 1395 O O     . HOH C 3 .   ? -12.960 5.308   9.984   0.97 19.07 ? 217 HOH A O     1 
HETATM 1396 O O     . HOH C 3 .   ? -9.560  0.016   11.841  0.81 15.09 ? 218 HOH A O     1 
HETATM 1397 O O     . HOH C 3 .   ? 5.004   13.927  4.593   0.57 6.57  ? 219 HOH A O     1 
HETATM 1398 O O     . HOH C 3 .   ? -5.502  11.276  1.617   0.75 20.61 ? 220 HOH A O     1 
HETATM 1399 O O     . HOH C 3 .   ? 16.371  2.857   6.683   0.41 11.23 ? 221 HOH A O     1 
HETATM 1400 O O     . HOH C 3 .   ? 2.653   -9.313  13.794  0.83 20.03 ? 222 HOH A O     1 
HETATM 1401 O O     . HOH C 3 .   ? 6.778   2.960   20.141  0.69 36.19 ? 223 HOH A O     1 
HETATM 1402 O O     . HOH C 3 .   ? -9.095  -2.270  -13.408 0.67 19.92 ? 224 HOH A O     1 
HETATM 1403 O O     . HOH C 3 .   ? 4.968   -6.598  -15.184 0.67 18.79 ? 225 HOH A O     1 
HETATM 1404 O O     . HOH C 3 .   ? 11.247  12.222  -6.415  0.98 35.78 ? 226 HOH A O     1 
HETATM 1405 O O     . HOH C 3 .   ? 16.874  0.391   -8.077  0.28 26.46 ? 227 HOH A O     1 
HETATM 1406 O O     . HOH C 3 .   ? 19.174  2.656   5.224   1.00 27.51 ? 228 HOH A O     1 
HETATM 1407 O O     . HOH C 3 .   ? 20.024  3.794   2.885   1.00 23.31 ? 229 HOH A O     1 
HETATM 1408 O O     . HOH C 3 .   ? 3.648   -15.253 0.387   0.77 28.07 ? 230 HOH A O     1 
HETATM 1409 O O     . HOH C 3 .   ? 4.581   -13.154 5.710   0.97 30.17 ? 231 HOH A O     1 
HETATM 1410 O O     . HOH C 3 .   ? 13.320  0.576   -9.483  0.64 18.61 ? 232 HOH A O     1 
HETATM 1411 O O     . HOH C 3 .   ? 9.444   -12.528 -1.338  0.29 11.73 ? 233 HOH A O     1 
HETATM 1412 O O     . HOH C 3 .   ? 8.221   4.285   18.427  0.47 23.91 ? 234 HOH A O     1 
HETATM 1413 O O     . HOH C 3 .   ? 10.983  -8.826  -6.910  0.84 18.51 ? 235 HOH A O     1 
HETATM 1414 O O     . HOH C 3 .   ? -13.104 0.031   -1.700  0.88 27.12 ? 236 HOH A O     1 
HETATM 1415 O O     . HOH C 3 .   ? -13.568 -1.019  12.795  0.57 17.50 ? 237 HOH A O     1 
HETATM 1416 O O     . HOH C 3 .   ? -15.090 1.027   12.088  0.84 38.42 ? 238 HOH A O     1 
HETATM 1417 O O     . HOH C 3 .   ? -9.627  7.210   -6.685  0.99 23.04 ? 239 HOH A O     1 
HETATM 1418 O O     . HOH C 3 .   ? -8.559  9.124   -5.200  0.85 18.59 ? 240 HOH A O     1 
HETATM 1419 O O     . HOH C 3 .   ? -7.160  -6.603  14.041  0.72 17.84 ? 241 HOH A O     1 
HETATM 1420 O O     . HOH C 3 .   ? -6.434  8.903   16.028  0.78 21.21 ? 242 HOH A O     1 
HETATM 1421 O O     . HOH C 3 .   ? -11.394 -2.018  11.600  0.78 18.49 ? 243 HOH A O     1 
HETATM 1422 O O     . HOH C 3 .   ? -0.773  -10.161 14.334  0.97 19.63 ? 244 HOH A O     1 
HETATM 1423 O O     . HOH C 3 .   ? -14.982 4.242   8.374   0.60 18.33 ? 245 HOH A O     1 
HETATM 1424 O O     . HOH C 3 .   ? 11.306  3.270   -13.824 0.56 16.34 ? 246 HOH A O     1 
HETATM 1425 O O     . HOH C 3 .   ? -8.944  -5.589  12.378  0.92 36.18 ? 247 HOH A O     1 
HETATM 1426 O O     . HOH C 3 .   ? -8.064  -2.428  12.189  0.67 22.88 ? 248 HOH A O     1 
HETATM 1427 O O     . HOH C 3 .   ? 15.653  -4.334  -2.703  0.48 34.17 ? 250 HOH A O     1 
HETATM 1428 O O     . HOH C 3 .   ? 6.351   -7.273  -13.033 0.68 27.83 ? 251 HOH A O     1 
HETATM 1429 O O     . HOH C 3 .   ? 8.430   12.197  -3.859  0.98 37.07 ? 252 HOH A O     1 
HETATM 1430 O O     . HOH C 3 .   ? 0.143   8.507   18.878  0.47 7.48  ? 253 HOH A O     1 
HETATM 1431 O O     . HOH C 3 .   ? -12.531 -3.180  9.242   0.80 33.24 ? 254 HOH A O     1 
HETATM 1432 O O     . HOH C 3 .   ? -9.032  12.207  -4.744  0.60 24.27 ? 255 HOH A O     1 
HETATM 1433 O O     . HOH C 3 .   ? -7.173  13.502  -0.228  0.81 42.15 ? 256 HOH A O     1 
HETATM 1434 O O     . HOH C 3 .   ? -11.235 6.111   -12.646 0.72 41.89 ? 257 HOH A O     1 
HETATM 1435 O O     . HOH C 3 .   ? -9.999  -12.854 -14.591 0.85 41.61 ? 259 HOH A O     1 
HETATM 1436 O O     . HOH C 3 .   ? -6.712  11.546  14.210  0.31 24.12 ? 260 HOH A O     1 
HETATM 1437 O O     . HOH C 3 .   ? 13.623  2.717   -7.529  0.44 9.90  ? 261 HOH A O     1 
HETATM 1438 O O     . HOH C 3 .   ? -12.292 6.732   -10.215 0.45 10.46 ? 262 HOH A O     1 
HETATM 1439 O O     . HOH C 3 .   ? 7.852   15.768  13.743  0.65 45.16 ? 263 HOH A O     1 
HETATM 1440 O O     . HOH C 3 .   ? 10.970  0.896   14.610  0.54 18.87 ? 264 HOH A O     1 
HETATM 1441 O O     . HOH C 3 .   ? 9.171   -8.547  9.428   0.52 24.54 ? 265 HOH A O     1 
HETATM 1442 O O     . HOH C 3 .   ? -0.172  14.115  -0.310  0.66 33.91 ? 266 HOH A O     1 
HETATM 1443 O O     . HOH C 3 .   ? -9.930  14.251  -2.361  0.61 45.76 ? 269 HOH A O     1 
HETATM 1444 O O     . HOH C 3 .   ? 7.561   13.189  -1.407  0.26 33.30 ? 270 HOH A O     1 
HETATM 1445 O O     . HOH C 3 .   ? -8.730  6.757   15.348  0.65 28.24 ? 271 HOH A O     1 
HETATM 1446 O O     . HOH C 3 .   ? 16.215  8.513   -2.536  0.74 27.21 ? 272 HOH A O     1 
HETATM 1447 O O     . HOH C 3 .   ? 11.184  -9.410  5.343   0.53 20.73 ? 273 HOH A O     1 
HETATM 1448 O O     . HOH C 3 .   ? -13.016 -1.140  5.319   0.56 39.60 ? 274 HOH A O     1 
HETATM 1449 O O     . HOH C 3 .   ? 6.082   17.037  8.443   0.74 41.43 ? 275 HOH A O     1 
# 
